data_8FSB
#
_entry.id   8FSB
#
_cell.length_a   1.00
_cell.length_b   1.00
_cell.length_c   1.00
_cell.angle_alpha   90.00
_cell.angle_beta   90.00
_cell.angle_gamma   90.00
#
_symmetry.space_group_name_H-M   'P 1'
#
loop_
_entity.id
_entity.type
_entity.pdbx_description
1 polymer '5-hydroxytryptamine receptor 3A'
2 non-polymer 2-acetamido-2-deoxy-beta-D-glucopyranose
3 non-polymer SEROTONIN
#
_entity_poly.entity_id   1
_entity_poly.type   'polypeptide(L)'
_entity_poly.pdbx_seq_one_letter_code
;WSHPQFEKGGGSGGGSGGGSWSHPQFEKGGGSGGGSGGGSWSHPQFEKGGGSGGGSGGGSWSHPQFEKENLYFQGATQAR
DTTQPALLRLSDHLLANYKKGVRPVRDWRKPTTVSIDVIMYAILNVDEKNQVLTTYIWYRQYWTDEFLQWTPEDFDNVTK
LSIPTDSIWVPDILINEFVDVGKSPNIPYVYVHHRGEVQNYKPLQLVTACSLDIYNFPFDVQNCSLTFTSWLHTIQDINI
TLWRSPEEVRSDKSIFINQGEWELLEVFPQFKEFSIDISNSYAEMKFYVIIRRRPLFYAVSLLLPSIFLMVVDIVGFCLP
PDSGERVSFKITLLLGYSVFLIIVSDTLPATAIGTPLIGVYFVVCMALLVISLAETIFIVRLVHKQDLQRPVPDWLRHLV
LDRIAWILCLGEQPMAHRPPATFQANKTDDCSGSDLLPAMGNHCSHVGGPQDLEKTPRGRGSPLPPPREASLAVRGLLQE
LSSIRHFLEKRDEMREVARDWLRVGYVLDRLLFRIYLLAVLAYSITLVTLWSIWHYSENLYFQGTETSQVAPA
;
_entity_poly.pdbx_strand_id   A,B,C,D,E
#
loop_
_chem_comp.id
_chem_comp.type
_chem_comp.name
_chem_comp.formula
NAG D-saccharide, beta linking 2-acetamido-2-deoxy-beta-D-glucopyranose 'C8 H15 N O6'
SRO non-polymer SEROTONIN 'C10 H12 N2 O'
#
# COMPACT_ATOMS: atom_id res chain seq x y z
N THR A 82 54.99 -33.67 -19.56
CA THR A 82 56.05 -32.69 -19.78
C THR A 82 56.26 -31.84 -18.54
N THR A 83 57.10 -30.81 -18.67
CA THR A 83 57.35 -29.90 -17.54
C THR A 83 56.14 -29.03 -17.24
N GLN A 84 55.29 -28.80 -18.24
CA GLN A 84 54.11 -27.97 -18.06
C GLN A 84 53.16 -28.71 -17.12
N PRO A 85 52.53 -28.04 -16.15
CA PRO A 85 51.59 -28.74 -15.26
C PRO A 85 50.38 -29.28 -16.00
N ALA A 86 49.80 -30.34 -15.42
CA ALA A 86 48.86 -31.19 -16.14
C ALA A 86 47.56 -30.45 -16.47
N LEU A 87 47.01 -29.70 -15.51
CA LEU A 87 45.70 -29.09 -15.71
C LEU A 87 45.74 -28.06 -16.83
N LEU A 88 46.80 -27.26 -16.90
CA LEU A 88 46.90 -26.23 -17.92
C LEU A 88 46.96 -26.81 -19.32
N ARG A 89 47.80 -27.82 -19.53
CA ARG A 89 47.89 -28.39 -20.87
C ARG A 89 46.68 -29.27 -21.20
N LEU A 90 46.02 -29.85 -20.20
CA LEU A 90 44.77 -30.54 -20.46
C LEU A 90 43.68 -29.57 -20.92
N SER A 91 43.59 -28.41 -20.28
CA SER A 91 42.64 -27.39 -20.72
C SER A 91 43.00 -26.87 -22.11
N ASP A 92 44.29 -26.73 -22.39
CA ASP A 92 44.73 -26.32 -23.73
C ASP A 92 44.31 -27.37 -24.76
N HIS A 93 44.51 -28.65 -24.46
CA HIS A 93 44.17 -29.72 -25.39
C HIS A 93 42.68 -29.79 -25.63
N LEU A 94 41.88 -29.55 -24.59
CA LEU A 94 40.43 -29.65 -24.74
C LEU A 94 39.83 -28.43 -25.42
N LEU A 95 40.03 -27.24 -24.83
CA LEU A 95 39.26 -26.07 -25.24
C LEU A 95 39.75 -25.49 -26.56
N ALA A 96 41.04 -25.60 -26.88
CA ALA A 96 41.52 -25.13 -28.16
C ALA A 96 41.00 -26.02 -29.28
N ASN A 97 40.66 -25.40 -30.41
CA ASN A 97 40.03 -26.07 -31.55
C ASN A 97 38.74 -26.78 -31.09
N TYR A 98 37.96 -26.08 -30.27
CA TYR A 98 36.65 -26.54 -29.83
C TYR A 98 35.63 -25.46 -30.14
N LYS A 99 34.60 -25.82 -30.89
CA LYS A 99 33.62 -24.84 -31.38
C LYS A 99 32.37 -24.91 -30.52
N LYS A 100 32.20 -23.92 -29.64
CA LYS A 100 30.97 -23.76 -28.91
C LYS A 100 29.89 -23.24 -29.84
N GLY A 101 28.70 -23.84 -29.77
CA GLY A 101 27.61 -23.48 -30.66
C GLY A 101 27.15 -24.60 -31.57
N VAL A 102 27.79 -25.76 -31.54
CA VAL A 102 27.38 -26.92 -32.30
C VAL A 102 27.08 -28.05 -31.32
N ARG A 103 26.03 -28.80 -31.60
CA ARG A 103 25.60 -29.86 -30.69
C ARG A 103 26.67 -30.95 -30.62
N PRO A 104 27.15 -31.32 -29.44
CA PRO A 104 28.31 -32.23 -29.33
C PRO A 104 27.95 -33.69 -29.57
N VAL A 105 27.71 -34.03 -30.84
CA VAL A 105 27.49 -35.40 -31.26
C VAL A 105 28.31 -35.66 -32.51
N ARG A 106 28.90 -36.86 -32.60
CA ARG A 106 29.60 -37.26 -33.81
C ARG A 106 28.63 -37.67 -34.92
N ASP A 107 27.52 -38.31 -34.56
CA ASP A 107 26.46 -38.65 -35.48
C ASP A 107 25.23 -37.82 -35.12
N TRP A 108 24.71 -37.07 -36.08
CA TRP A 108 23.64 -36.12 -35.82
C TRP A 108 22.28 -36.78 -35.64
N ARG A 109 22.15 -38.08 -35.93
CA ARG A 109 20.89 -38.78 -35.75
C ARG A 109 20.66 -39.22 -34.32
N LYS A 110 21.63 -39.06 -33.42
CA LYS A 110 21.47 -39.46 -32.03
C LYS A 110 21.18 -38.24 -31.18
N PRO A 111 20.00 -38.13 -30.57
CA PRO A 111 19.72 -36.98 -29.72
C PRO A 111 20.54 -37.01 -28.44
N THR A 112 20.83 -35.82 -27.91
CA THR A 112 21.53 -35.70 -26.64
C THR A 112 20.51 -35.79 -25.50
N THR A 113 20.91 -36.46 -24.43
CA THR A 113 20.02 -36.74 -23.31
C THR A 113 20.48 -35.95 -22.09
N VAL A 114 19.57 -35.18 -21.50
CA VAL A 114 19.83 -34.39 -20.31
C VAL A 114 19.08 -35.04 -19.16
N SER A 115 19.80 -35.41 -18.11
CA SER A 115 19.23 -36.05 -16.93
C SER A 115 19.19 -35.02 -15.81
N ILE A 116 17.99 -34.56 -15.47
CA ILE A 116 17.83 -33.44 -14.55
C ILE A 116 17.35 -33.97 -13.19
N ASP A 117 17.54 -33.12 -12.17
CA ASP A 117 17.10 -33.43 -10.83
C ASP A 117 16.65 -32.14 -10.15
N VAL A 118 15.73 -32.27 -9.20
CA VAL A 118 15.13 -31.14 -8.50
C VAL A 118 15.14 -31.45 -7.01
N ILE A 119 15.71 -30.53 -6.22
CA ILE A 119 15.74 -30.64 -4.76
C ILE A 119 15.05 -29.41 -4.18
N MET A 120 14.16 -29.63 -3.23
CA MET A 120 13.31 -28.58 -2.68
C MET A 120 13.97 -27.94 -1.47
N TYR A 121 14.02 -26.61 -1.46
CA TYR A 121 14.63 -25.86 -0.37
C TYR A 121 13.62 -25.08 0.46
N ALA A 122 12.84 -24.20 -0.16
CA ALA A 122 11.94 -23.35 0.60
C ALA A 122 10.82 -22.83 -0.29
N ILE A 123 9.71 -22.47 0.35
CA ILE A 123 8.57 -21.84 -0.31
C ILE A 123 8.51 -20.41 0.22
N LEU A 124 9.00 -19.46 -0.58
CA LEU A 124 9.19 -18.10 -0.08
C LEU A 124 7.86 -17.36 0.04
N ASN A 125 6.98 -17.51 -0.95
CA ASN A 125 5.74 -16.75 -0.95
C ASN A 125 4.71 -17.49 -1.79
N VAL A 126 3.45 -17.45 -1.33
CA VAL A 126 2.30 -17.92 -2.09
C VAL A 126 1.30 -16.77 -2.11
N ASP A 127 1.17 -16.10 -3.26
CA ASP A 127 0.48 -14.82 -3.31
C ASP A 127 -1.03 -14.99 -3.19
N GLU A 128 -1.59 -16.01 -3.85
CA GLU A 128 -3.01 -16.39 -3.84
C GLU A 128 -3.95 -15.21 -4.11
N LYS A 129 -3.44 -14.15 -4.71
CA LYS A 129 -4.22 -13.04 -5.26
C LYS A 129 -3.86 -12.76 -6.70
N ASN A 130 -2.58 -12.86 -7.05
CA ASN A 130 -2.13 -12.81 -8.43
C ASN A 130 -1.91 -14.19 -9.02
N GLN A 131 -2.23 -15.25 -8.28
CA GLN A 131 -2.11 -16.63 -8.74
C GLN A 131 -0.68 -16.97 -9.13
N VAL A 132 0.25 -16.72 -8.21
CA VAL A 132 1.67 -16.96 -8.45
C VAL A 132 2.33 -17.31 -7.13
N LEU A 133 3.31 -18.21 -7.18
CA LEU A 133 4.07 -18.59 -6.00
C LEU A 133 5.56 -18.42 -6.27
N THR A 134 6.31 -18.10 -5.21
CA THR A 134 7.75 -17.94 -5.29
C THR A 134 8.41 -19.12 -4.60
N THR A 135 9.38 -19.73 -5.28
CA THR A 135 10.02 -20.95 -4.79
C THR A 135 11.53 -20.86 -5.02
N TYR A 136 12.26 -21.64 -4.23
CA TYR A 136 13.72 -21.69 -4.31
C TYR A 136 14.14 -23.15 -4.38
N ILE A 137 14.81 -23.53 -5.48
CA ILE A 137 15.08 -24.92 -5.80
C ILE A 137 16.56 -25.09 -6.12
N TRP A 138 17.18 -26.11 -5.55
CA TRP A 138 18.52 -26.53 -5.95
C TRP A 138 18.39 -27.47 -7.14
N TYR A 139 19.17 -27.20 -8.19
CA TYR A 139 18.97 -27.85 -9.49
C TYR A 139 20.30 -28.38 -10.01
N ARG A 140 20.25 -29.52 -10.69
CA ARG A 140 21.43 -30.08 -11.33
C ARG A 140 21.01 -30.93 -12.52
N GLN A 141 21.95 -31.10 -13.46
CA GLN A 141 21.70 -31.87 -14.67
C GLN A 141 23.05 -32.30 -15.26
N TYR A 142 23.02 -33.35 -16.09
CA TYR A 142 24.21 -33.74 -16.81
C TYR A 142 23.84 -34.25 -18.20
N TRP A 143 24.79 -34.12 -19.12
CA TRP A 143 24.67 -34.65 -20.47
C TRP A 143 26.04 -35.12 -20.92
N THR A 144 26.12 -35.63 -22.14
CA THR A 144 27.35 -36.18 -22.69
C THR A 144 27.87 -35.28 -23.79
N ASP A 145 29.13 -34.85 -23.66
CA ASP A 145 29.81 -34.01 -24.64
C ASP A 145 30.88 -34.86 -25.31
N GLU A 146 30.61 -35.29 -26.55
CA GLU A 146 31.49 -36.24 -27.22
C GLU A 146 32.82 -35.64 -27.63
N PHE A 147 32.95 -34.32 -27.64
CA PHE A 147 34.19 -33.66 -28.05
C PHE A 147 35.12 -33.37 -26.87
N LEU A 148 34.69 -33.64 -25.64
CA LEU A 148 35.52 -33.45 -24.45
C LEU A 148 35.82 -34.82 -23.86
N GLN A 149 36.84 -35.48 -24.42
CA GLN A 149 37.27 -36.79 -23.97
C GLN A 149 38.78 -36.84 -24.00
N TRP A 150 39.37 -37.56 -23.04
CA TRP A 150 40.81 -37.68 -22.97
C TRP A 150 41.18 -38.95 -22.23
N THR A 151 42.40 -39.41 -22.45
CA THR A 151 42.95 -40.55 -21.71
C THR A 151 43.64 -40.04 -20.46
N PRO A 152 43.27 -40.51 -19.27
CA PRO A 152 43.78 -39.88 -18.04
C PRO A 152 45.29 -39.98 -17.88
N GLU A 153 45.89 -41.16 -18.05
CA GLU A 153 47.31 -41.34 -17.77
C GLU A 153 48.21 -40.55 -18.70
N ASP A 154 47.69 -40.05 -19.82
CA ASP A 154 48.46 -39.12 -20.64
C ASP A 154 48.64 -37.78 -19.92
N PHE A 155 47.56 -37.25 -19.35
CA PHE A 155 47.57 -35.98 -18.64
C PHE A 155 47.76 -36.17 -17.15
N ASP A 156 48.81 -36.91 -16.77
CA ASP A 156 49.21 -37.13 -15.38
C ASP A 156 48.09 -37.75 -14.54
N ASN A 157 47.27 -38.61 -15.13
CA ASN A 157 46.24 -39.35 -14.36
C ASN A 157 45.30 -38.50 -13.53
N VAL A 158 44.64 -37.56 -14.16
CA VAL A 158 43.58 -36.77 -13.53
C VAL A 158 42.26 -37.10 -14.23
N THR A 159 41.20 -37.24 -13.45
CA THR A 159 39.93 -37.75 -13.96
C THR A 159 38.78 -36.78 -13.73
N LYS A 160 39.05 -35.48 -13.53
CA LYS A 160 38.02 -34.47 -13.35
C LYS A 160 38.66 -33.10 -13.41
N LEU A 161 37.95 -32.14 -13.99
CA LEU A 161 38.38 -30.75 -13.97
C LEU A 161 37.17 -29.86 -14.15
N SER A 162 37.35 -28.58 -13.83
CA SER A 162 36.30 -27.57 -13.95
C SER A 162 36.74 -26.53 -14.98
N ILE A 163 35.84 -26.22 -15.91
CA ILE A 163 36.12 -25.23 -16.95
C ILE A 163 34.94 -24.27 -17.01
N PRO A 164 35.16 -23.05 -17.50
CA PRO A 164 34.08 -22.05 -17.51
C PRO A 164 32.90 -22.48 -18.35
N THR A 165 31.71 -22.06 -17.91
CA THR A 165 30.47 -22.45 -18.58
C THR A 165 30.34 -21.82 -19.96
N ASP A 166 30.80 -20.57 -20.10
CA ASP A 166 30.67 -19.84 -21.36
C ASP A 166 31.61 -20.33 -22.46
N SER A 167 32.37 -21.40 -22.26
CA SER A 167 33.28 -21.91 -23.28
C SER A 167 32.87 -23.26 -23.84
N ILE A 168 31.70 -23.79 -23.45
CA ILE A 168 31.21 -25.06 -23.92
C ILE A 168 29.73 -24.92 -24.29
N TRP A 169 29.18 -25.99 -24.86
CA TRP A 169 27.79 -26.01 -25.29
C TRP A 169 26.87 -26.34 -24.11
N VAL A 170 25.87 -25.50 -23.89
CA VAL A 170 24.94 -25.65 -22.78
C VAL A 170 23.53 -25.68 -23.35
N PRO A 171 22.71 -26.68 -23.05
CA PRO A 171 21.35 -26.71 -23.57
C PRO A 171 20.46 -25.66 -22.91
N ASP A 172 19.36 -25.36 -23.59
CA ASP A 172 18.40 -24.36 -23.13
C ASP A 172 17.19 -25.08 -22.53
N ILE A 173 17.17 -25.20 -21.20
CA ILE A 173 16.06 -25.81 -20.48
C ILE A 173 15.34 -24.70 -19.73
N LEU A 174 14.06 -24.53 -20.02
CA LEU A 174 13.27 -23.46 -19.46
C LEU A 174 11.98 -24.01 -18.86
N ILE A 175 11.37 -23.20 -17.99
CA ILE A 175 10.07 -23.50 -17.43
C ILE A 175 9.00 -22.86 -18.30
N ASN A 176 7.95 -23.63 -18.60
CA ASN A 176 6.88 -23.10 -19.45
C ASN A 176 6.14 -21.97 -18.76
N GLU A 177 5.84 -22.11 -17.48
CA GLU A 177 5.09 -21.13 -16.72
C GLU A 177 6.02 -20.37 -15.79
N PHE A 178 6.16 -19.07 -16.04
CA PHE A 178 7.01 -18.20 -15.24
C PHE A 178 6.55 -16.77 -15.48
N VAL A 179 6.66 -15.95 -14.44
CA VAL A 179 6.27 -14.56 -14.49
C VAL A 179 7.49 -13.64 -14.54
N ASP A 180 8.50 -13.92 -13.73
CA ASP A 180 9.69 -13.09 -13.69
C ASP A 180 10.85 -13.93 -13.15
N VAL A 181 11.91 -14.04 -13.95
CA VAL A 181 13.14 -14.69 -13.53
C VAL A 181 14.29 -13.73 -13.78
N GLY A 182 15.38 -13.90 -13.04
CA GLY A 182 16.53 -13.02 -13.18
C GLY A 182 17.22 -12.69 -11.88
N LYS A 183 16.63 -13.07 -10.75
CA LYS A 183 17.26 -12.88 -9.46
C LYS A 183 18.05 -14.10 -9.01
N SER A 184 18.21 -15.10 -9.88
CA SER A 184 19.05 -16.26 -9.60
C SER A 184 20.39 -16.07 -10.30
N PRO A 185 21.50 -16.09 -9.59
CA PRO A 185 22.80 -15.84 -10.22
C PRO A 185 23.25 -17.04 -11.05
N ASN A 186 24.31 -16.82 -11.83
CA ASN A 186 24.89 -17.84 -12.67
C ASN A 186 26.17 -18.40 -12.04
N ILE A 187 26.42 -19.68 -12.30
CA ILE A 187 27.60 -20.38 -11.80
C ILE A 187 28.55 -20.56 -12.98
N PRO A 188 29.66 -19.84 -13.05
CA PRO A 188 30.53 -19.92 -14.25
C PRO A 188 31.54 -21.05 -14.19
N TYR A 189 31.12 -22.24 -13.75
CA TYR A 189 32.03 -23.38 -13.65
C TYR A 189 31.21 -24.66 -13.73
N VAL A 190 31.70 -25.62 -14.52
CA VAL A 190 31.08 -26.92 -14.64
C VAL A 190 32.17 -27.99 -14.64
N TYR A 191 31.91 -29.11 -13.97
CA TYR A 191 32.78 -30.27 -14.06
C TYR A 191 32.62 -30.97 -15.41
N VAL A 192 33.75 -31.31 -16.02
CA VAL A 192 33.79 -32.25 -17.14
C VAL A 192 34.55 -33.47 -16.63
N HIS A 193 33.81 -34.45 -16.11
CA HIS A 193 34.43 -35.55 -15.37
C HIS A 193 35.35 -36.39 -16.25
N HIS A 194 34.77 -37.13 -17.17
CA HIS A 194 35.50 -38.11 -17.97
C HIS A 194 34.56 -38.70 -19.01
N ARG A 195 35.10 -39.03 -20.19
CA ARG A 195 34.31 -39.60 -21.29
C ARG A 195 33.16 -38.69 -21.69
N GLY A 196 33.29 -37.39 -21.44
CA GLY A 196 32.29 -36.42 -21.84
C GLY A 196 31.21 -36.13 -20.83
N GLU A 197 31.35 -36.58 -19.59
CA GLU A 197 30.34 -36.36 -18.57
C GLU A 197 30.48 -34.93 -18.04
N VAL A 198 29.52 -34.07 -18.36
CA VAL A 198 29.52 -32.68 -17.93
C VAL A 198 28.37 -32.46 -16.97
N GLN A 199 28.66 -31.83 -15.82
CA GLN A 199 27.69 -31.62 -14.76
C GLN A 199 27.55 -30.14 -14.47
N ASN A 200 26.31 -29.69 -14.30
CA ASN A 200 26.00 -28.30 -14.02
C ASN A 200 25.20 -28.22 -12.73
N TYR A 201 25.65 -27.38 -11.81
CA TYR A 201 24.98 -27.14 -10.53
C TYR A 201 24.58 -25.67 -10.46
N LYS A 202 23.32 -25.40 -10.13
CA LYS A 202 22.88 -24.02 -10.07
C LYS A 202 21.66 -23.87 -9.17
N PRO A 203 21.53 -22.78 -8.43
CA PRO A 203 20.28 -22.48 -7.74
C PRO A 203 19.26 -21.87 -8.70
N LEU A 204 18.01 -21.81 -8.23
CA LEU A 204 16.92 -21.28 -9.05
C LEU A 204 15.97 -20.47 -8.20
N GLN A 205 15.70 -19.25 -8.66
CA GLN A 205 14.70 -18.35 -8.07
C GLN A 205 13.53 -18.29 -9.04
N LEU A 206 12.57 -19.19 -8.86
CA LEU A 206 11.46 -19.34 -9.80
C LEU A 206 10.20 -18.65 -9.25
N VAL A 207 9.62 -17.78 -10.06
CA VAL A 207 8.35 -17.14 -9.75
C VAL A 207 7.37 -17.61 -10.83
N THR A 208 6.62 -18.67 -10.53
CA THR A 208 5.82 -19.38 -11.51
C THR A 208 4.34 -19.20 -11.23
N ALA A 209 3.56 -19.01 -12.29
CA ALA A 209 2.12 -18.89 -12.16
C ALA A 209 1.49 -20.25 -11.84
N CYS A 210 0.50 -20.24 -10.94
CA CYS A 210 -0.19 -21.46 -10.56
C CYS A 210 -1.64 -21.11 -10.23
N SER A 211 -2.50 -22.11 -10.33
CA SER A 211 -3.93 -21.94 -10.06
C SER A 211 -4.17 -22.25 -8.59
N LEU A 212 -4.25 -21.21 -7.77
CA LEU A 212 -4.40 -21.36 -6.32
C LEU A 212 -5.84 -21.10 -5.92
N ASP A 213 -6.44 -22.07 -5.23
CA ASP A 213 -7.81 -21.96 -4.75
C ASP A 213 -7.82 -21.89 -3.23
N ILE A 214 -8.76 -21.10 -2.69
CA ILE A 214 -8.86 -20.92 -1.25
C ILE A 214 -10.25 -21.32 -0.78
N TYR A 215 -10.88 -22.27 -1.46
CA TYR A 215 -12.23 -22.68 -1.07
C TYR A 215 -12.23 -23.10 0.39
N ASN A 216 -11.23 -23.87 0.81
CA ASN A 216 -11.12 -24.29 2.20
C ASN A 216 -9.96 -23.54 2.82
N PHE A 217 -10.02 -22.21 2.83
CA PHE A 217 -8.87 -21.40 3.30
C PHE A 217 -8.06 -21.92 4.51
N PRO A 218 -8.70 -22.13 5.68
CA PRO A 218 -7.85 -22.54 6.81
C PRO A 218 -7.12 -23.86 6.55
N PHE A 219 -7.76 -24.78 5.84
CA PHE A 219 -7.16 -26.09 5.61
C PHE A 219 -6.88 -26.34 4.12
N ASP A 220 -5.98 -25.56 3.53
CA ASP A 220 -5.73 -25.71 2.10
C ASP A 220 -4.66 -26.77 1.83
N VAL A 221 -4.85 -27.48 0.71
CA VAL A 221 -3.85 -28.35 0.13
C VAL A 221 -3.74 -28.01 -1.35
N GLN A 222 -2.57 -27.57 -1.77
CA GLN A 222 -2.39 -27.04 -3.12
C GLN A 222 -1.68 -28.06 -4.00
N ASN A 223 -1.82 -27.88 -5.31
CA ASN A 223 -1.36 -28.88 -6.29
C ASN A 223 -0.82 -28.10 -7.48
N CYS A 224 0.47 -27.76 -7.41
CA CYS A 224 1.13 -26.90 -8.40
C CYS A 224 2.13 -27.69 -9.21
N SER A 225 2.40 -27.24 -10.43
CA SER A 225 3.24 -27.94 -11.38
C SER A 225 4.40 -27.07 -11.85
N LEU A 226 5.49 -27.72 -12.23
CA LEU A 226 6.62 -27.08 -12.92
C LEU A 226 7.03 -27.98 -14.08
N THR A 227 7.18 -27.39 -15.27
CA THR A 227 7.48 -28.14 -16.48
C THR A 227 8.85 -27.73 -17.02
N PHE A 228 9.72 -28.71 -17.22
CA PHE A 228 11.05 -28.50 -17.78
C PHE A 228 11.07 -29.03 -19.21
N THR A 229 11.50 -28.19 -20.15
CA THR A 229 11.63 -28.61 -21.54
C THR A 229 12.57 -27.65 -22.25
N SER A 230 12.89 -28.00 -23.49
CA SER A 230 13.68 -27.15 -24.37
C SER A 230 12.75 -26.36 -25.28
N TRP A 231 12.97 -25.05 -25.36
CA TRP A 231 12.05 -24.20 -26.09
C TRP A 231 12.20 -24.30 -27.61
N LEU A 232 13.34 -24.75 -28.10
CA LEU A 232 13.59 -24.83 -29.53
C LEU A 232 13.78 -26.25 -30.02
N HIS A 233 14.64 -27.02 -29.35
CA HIS A 233 15.04 -28.33 -29.86
C HIS A 233 13.92 -29.33 -29.69
N THR A 234 13.68 -30.12 -30.74
CA THR A 234 12.64 -31.14 -30.72
C THR A 234 13.15 -32.38 -29.99
N ILE A 235 12.38 -33.46 -30.03
CA ILE A 235 12.76 -34.67 -29.32
C ILE A 235 13.77 -35.48 -30.11
N GLN A 236 13.91 -35.20 -31.41
CA GLN A 236 14.94 -35.83 -32.22
C GLN A 236 16.32 -35.25 -31.94
N ASP A 237 16.40 -34.16 -31.19
CA ASP A 237 17.66 -33.50 -30.83
C ASP A 237 17.93 -33.48 -29.34
N ILE A 238 16.90 -33.34 -28.50
CA ILE A 238 17.07 -33.31 -27.06
C ILE A 238 16.04 -34.21 -26.40
N ASN A 239 16.52 -35.10 -25.53
CA ASN A 239 15.69 -35.91 -24.65
C ASN A 239 15.93 -35.50 -23.21
N ILE A 240 14.89 -35.62 -22.38
CA ILE A 240 14.96 -35.30 -20.97
C ILE A 240 14.63 -36.56 -20.17
N THR A 241 15.53 -36.92 -19.26
CA THR A 241 15.40 -38.09 -18.41
C THR A 241 15.59 -37.65 -16.96
N LEU A 242 15.15 -38.48 -16.04
CA LEU A 242 15.28 -38.21 -14.61
C LEU A 242 16.61 -38.77 -14.10
N TRP A 243 17.31 -37.99 -13.28
CA TRP A 243 18.60 -38.37 -12.73
C TRP A 243 18.47 -39.61 -11.85
N ARG A 244 17.72 -39.48 -10.76
CA ARG A 244 17.55 -40.54 -9.79
C ARG A 244 16.26 -41.32 -10.06
N SER A 245 16.01 -42.32 -9.23
CA SER A 245 14.75 -43.03 -9.29
C SER A 245 13.62 -42.12 -8.83
N PRO A 246 12.40 -42.33 -9.34
CA PRO A 246 11.28 -41.46 -8.94
C PRO A 246 10.98 -41.49 -7.46
N GLU A 247 11.19 -42.63 -6.80
CA GLU A 247 10.85 -42.76 -5.38
C GLU A 247 11.70 -41.82 -4.52
N GLU A 248 12.98 -41.67 -4.85
CA GLU A 248 13.84 -40.76 -4.11
C GLU A 248 13.38 -39.32 -4.26
N VAL A 249 12.95 -38.93 -5.47
CA VAL A 249 12.47 -37.57 -5.69
C VAL A 249 11.15 -37.33 -4.98
N ARG A 250 10.30 -38.37 -4.86
CA ARG A 250 9.03 -38.20 -4.15
C ARG A 250 9.23 -37.82 -2.70
N SER A 251 10.16 -38.47 -2.02
CA SER A 251 10.41 -38.23 -0.59
C SER A 251 11.84 -37.73 -0.44
N ASP A 252 12.02 -36.41 -0.59
CA ASP A 252 13.34 -35.78 -0.45
C ASP A 252 13.12 -34.47 0.31
N LYS A 253 13.24 -34.56 1.64
CA LYS A 253 13.12 -33.38 2.50
C LYS A 253 14.42 -33.19 3.28
N SER A 254 15.55 -33.30 2.60
CA SER A 254 16.84 -33.27 3.29
C SER A 254 17.20 -31.86 3.73
N ILE A 255 16.92 -30.86 2.90
CA ILE A 255 17.37 -29.49 3.15
C ILE A 255 16.19 -28.52 3.25
N PHE A 256 14.99 -29.02 3.47
CA PHE A 256 13.81 -28.16 3.51
C PHE A 256 13.75 -27.37 4.81
N ILE A 257 13.26 -26.14 4.70
CA ILE A 257 13.06 -25.27 5.87
C ILE A 257 11.65 -25.50 6.40
N ASN A 258 11.56 -25.97 7.64
CA ASN A 258 10.28 -26.31 8.25
C ASN A 258 9.80 -25.24 9.23
N GLN A 259 10.36 -24.03 9.14
CA GLN A 259 9.99 -22.93 10.04
C GLN A 259 9.17 -21.86 9.34
N GLY A 260 8.51 -22.20 8.24
CA GLY A 260 7.68 -21.29 7.49
C GLY A 260 6.20 -21.53 7.74
N GLU A 261 5.39 -21.17 6.75
CA GLU A 261 3.94 -21.30 6.81
C GLU A 261 3.44 -22.55 6.10
N TRP A 262 4.06 -22.93 4.98
CA TRP A 262 3.61 -24.04 4.16
C TRP A 262 4.49 -25.27 4.39
N GLU A 263 3.87 -26.44 4.33
CA GLU A 263 4.55 -27.71 4.58
C GLU A 263 4.59 -28.53 3.30
N LEU A 264 5.78 -28.99 2.93
CA LEU A 264 5.96 -29.79 1.73
C LEU A 264 5.53 -31.23 1.99
N LEU A 265 4.87 -31.83 1.00
CA LEU A 265 4.36 -33.19 1.12
C LEU A 265 4.97 -34.14 0.09
N GLU A 266 5.01 -33.75 -1.19
CA GLU A 266 5.42 -34.66 -2.24
C GLU A 266 5.84 -33.86 -3.47
N VAL A 267 6.91 -34.31 -4.12
CA VAL A 267 7.34 -33.79 -5.42
C VAL A 267 7.26 -34.96 -6.39
N PHE A 268 6.26 -34.95 -7.26
CA PHE A 268 5.97 -36.10 -8.12
C PHE A 268 6.43 -35.83 -9.54
N PRO A 269 7.49 -36.47 -10.02
CA PRO A 269 7.91 -36.28 -11.40
C PRO A 269 7.01 -37.04 -12.37
N GLN A 270 7.01 -36.57 -13.62
CA GLN A 270 6.20 -37.17 -14.66
C GLN A 270 6.77 -36.79 -16.03
N PHE A 271 6.83 -37.77 -16.93
CA PHE A 271 7.33 -37.56 -18.28
C PHE A 271 6.17 -37.49 -19.26
N LYS A 272 6.26 -36.55 -20.20
CA LYS A 272 5.25 -36.38 -21.22
C LYS A 272 5.91 -35.97 -22.53
N GLU A 273 5.26 -36.32 -23.64
CA GLU A 273 5.66 -35.88 -24.97
C GLU A 273 4.67 -34.83 -25.44
N PHE A 274 5.17 -33.64 -25.73
CA PHE A 274 4.33 -32.48 -26.00
C PHE A 274 4.33 -32.18 -27.50
N SER A 275 3.14 -31.97 -28.05
CA SER A 275 3.00 -31.65 -29.46
C SER A 275 1.65 -30.99 -29.69
N ILE A 276 1.66 -29.77 -30.21
CA ILE A 276 0.44 -29.06 -30.59
C ILE A 276 0.35 -28.87 -32.09
N ASP A 277 1.15 -29.61 -32.85
CA ASP A 277 1.10 -29.59 -34.31
C ASP A 277 1.55 -30.94 -34.84
N ILE A 278 1.24 -31.19 -36.12
CA ILE A 278 1.47 -32.51 -36.70
C ILE A 278 2.89 -32.71 -37.21
N SER A 279 3.80 -31.77 -36.96
CA SER A 279 5.16 -31.85 -37.47
C SER A 279 6.20 -32.06 -36.38
N ASN A 280 6.15 -31.27 -35.32
CA ASN A 280 7.19 -31.24 -34.30
C ASN A 280 6.66 -31.73 -32.97
N SER A 281 7.49 -32.44 -32.22
CA SER A 281 7.16 -32.91 -30.88
C SER A 281 8.31 -32.60 -29.93
N TYR A 282 7.98 -32.40 -28.66
CA TYR A 282 8.94 -31.95 -27.66
C TYR A 282 8.83 -32.83 -26.42
N ALA A 283 9.92 -32.87 -25.66
CA ALA A 283 10.01 -33.67 -24.45
C ALA A 283 9.90 -32.79 -23.22
N GLU A 284 9.02 -33.17 -22.30
CA GLU A 284 8.79 -32.40 -21.08
C GLU A 284 8.96 -33.29 -19.86
N MET A 285 9.24 -32.65 -18.73
CA MET A 285 9.37 -33.34 -17.44
C MET A 285 8.64 -32.51 -16.40
N LYS A 286 7.40 -32.88 -16.11
CA LYS A 286 6.59 -32.14 -15.16
C LYS A 286 6.87 -32.57 -13.74
N PHE A 287 6.93 -31.58 -12.84
CA PHE A 287 7.12 -31.81 -11.42
C PHE A 287 5.93 -31.21 -10.68
N TYR A 288 5.19 -32.05 -9.95
CA TYR A 288 4.04 -31.61 -9.18
C TYR A 288 4.45 -31.42 -7.73
N VAL A 289 4.29 -30.20 -7.23
CA VAL A 289 4.71 -29.83 -5.88
C VAL A 289 3.47 -29.76 -5.00
N ILE A 290 3.46 -30.54 -3.92
CA ILE A 290 2.32 -30.64 -3.01
C ILE A 290 2.67 -29.86 -1.75
N ILE A 291 1.85 -28.87 -1.41
CA ILE A 291 2.06 -28.05 -0.23
C ILE A 291 0.77 -28.02 0.58
N ARG A 292 0.92 -27.63 1.85
CA ARG A 292 -0.18 -27.73 2.81
C ARG A 292 -0.01 -26.64 3.86
N ARG A 293 -1.08 -25.90 4.12
CA ARG A 293 -1.02 -24.80 5.07
C ARG A 293 -1.01 -25.30 6.50
N ARG A 294 -0.42 -24.49 7.39
CA ARG A 294 -0.44 -24.77 8.82
C ARG A 294 -1.58 -23.97 9.44
N PRO A 295 -2.61 -24.61 9.99
CA PRO A 295 -3.83 -23.88 10.36
C PRO A 295 -3.88 -23.31 11.76
N LEU A 296 -2.85 -23.56 12.57
CA LEU A 296 -2.87 -23.11 13.97
C LEU A 296 -3.10 -21.62 14.10
N PHE A 297 -2.28 -20.82 13.43
CA PHE A 297 -2.40 -19.37 13.52
C PHE A 297 -3.79 -18.90 13.11
N TYR A 298 -4.28 -19.37 11.97
CA TYR A 298 -5.58 -18.92 11.49
C TYR A 298 -6.72 -19.43 12.35
N ALA A 299 -6.53 -20.59 12.98
CA ALA A 299 -7.57 -21.12 13.86
C ALA A 299 -7.69 -20.27 15.12
N VAL A 300 -6.58 -20.06 15.83
CA VAL A 300 -6.65 -19.31 17.08
C VAL A 300 -6.98 -17.85 16.85
N SER A 301 -6.72 -17.32 15.65
CA SER A 301 -6.99 -15.90 15.40
C SER A 301 -8.37 -15.64 14.80
N LEU A 302 -9.04 -16.64 14.25
CA LEU A 302 -10.32 -16.40 13.61
C LEU A 302 -11.46 -17.25 14.14
N LEU A 303 -11.23 -18.52 14.46
CA LEU A 303 -12.33 -19.43 14.75
C LEU A 303 -12.98 -19.10 16.10
N LEU A 304 -12.17 -18.89 17.14
CA LEU A 304 -12.74 -18.64 18.47
C LEU A 304 -13.59 -17.37 18.54
N PRO A 305 -13.21 -16.22 17.98
CA PRO A 305 -14.16 -15.13 17.88
C PRO A 305 -15.41 -15.48 17.08
N SER A 306 -15.29 -16.42 16.13
CA SER A 306 -16.48 -16.96 15.48
C SER A 306 -17.11 -18.11 16.28
N ILE A 307 -16.43 -18.61 17.30
CA ILE A 307 -17.09 -19.45 18.29
C ILE A 307 -17.96 -18.60 19.20
N PHE A 308 -17.69 -17.30 19.30
CA PHE A 308 -18.55 -16.42 20.09
C PHE A 308 -19.97 -16.25 19.55
N LEU A 309 -20.33 -16.91 18.43
CA LEU A 309 -21.73 -16.94 18.04
C LEU A 309 -22.57 -17.70 19.06
N MET A 310 -22.01 -18.69 19.74
CA MET A 310 -22.75 -19.29 20.85
C MET A 310 -22.92 -18.31 22.00
N VAL A 311 -21.96 -17.42 22.21
CA VAL A 311 -22.12 -16.37 23.22
C VAL A 311 -23.28 -15.45 22.85
N VAL A 312 -23.33 -15.01 21.59
CA VAL A 312 -24.41 -14.11 21.20
C VAL A 312 -25.75 -14.84 21.20
N ASP A 313 -25.76 -16.14 20.88
CA ASP A 313 -27.01 -16.90 20.94
C ASP A 313 -27.51 -17.05 22.37
N ILE A 314 -26.62 -17.36 23.31
CA ILE A 314 -27.07 -17.54 24.69
C ILE A 314 -27.36 -16.21 25.39
N VAL A 315 -26.85 -15.09 24.88
CA VAL A 315 -27.28 -13.80 25.44
C VAL A 315 -28.51 -13.23 24.74
N GLY A 316 -28.84 -13.71 23.54
CA GLY A 316 -30.07 -13.31 22.90
C GLY A 316 -31.26 -14.22 23.14
N PHE A 317 -31.02 -15.43 23.66
CA PHE A 317 -32.10 -16.36 23.93
C PHE A 317 -32.80 -16.05 25.25
N CYS A 318 -32.04 -16.04 26.35
CA CYS A 318 -32.62 -15.94 27.69
C CYS A 318 -33.13 -14.54 28.01
N LEU A 319 -32.72 -13.54 27.24
CA LEU A 319 -33.14 -12.17 27.46
C LEU A 319 -34.55 -11.98 26.92
N PRO A 320 -35.47 -11.31 27.70
CA PRO A 320 -36.84 -11.22 27.17
C PRO A 320 -36.92 -10.77 25.72
N PRO A 321 -37.66 -11.57 24.88
CA PRO A 321 -37.69 -11.20 23.46
C PRO A 321 -38.57 -10.00 23.22
N ASP A 322 -39.57 -9.80 24.05
CA ASP A 322 -40.46 -8.65 23.90
C ASP A 322 -39.75 -7.35 24.24
N SER A 323 -40.47 -6.24 24.16
CA SER A 323 -39.88 -4.93 24.43
C SER A 323 -39.07 -4.91 25.71
N GLY A 324 -37.80 -4.50 25.60
CA GLY A 324 -36.94 -4.46 26.76
C GLY A 324 -35.59 -3.89 26.40
N GLU A 325 -34.54 -4.67 26.61
CA GLU A 325 -33.19 -4.21 26.29
C GLU A 325 -32.58 -4.98 25.13
N ARG A 326 -33.32 -5.95 24.58
CA ARG A 326 -32.78 -6.77 23.49
C ARG A 326 -32.47 -5.97 22.23
N VAL A 327 -33.41 -5.17 21.74
CA VAL A 327 -33.16 -4.34 20.56
C VAL A 327 -31.81 -3.63 20.67
N SER A 328 -31.58 -2.96 21.80
CA SER A 328 -30.33 -2.21 21.98
C SER A 328 -29.14 -3.16 22.11
N PHE A 329 -29.31 -4.26 22.83
CA PHE A 329 -28.18 -5.14 23.09
C PHE A 329 -27.82 -5.93 21.83
N LYS A 330 -28.82 -6.32 21.04
CA LYS A 330 -28.59 -6.89 19.72
C LYS A 330 -27.93 -5.89 18.78
N ILE A 331 -28.31 -4.61 18.87
CA ILE A 331 -27.63 -3.59 18.06
C ILE A 331 -26.15 -3.51 18.45
N THR A 332 -25.87 -3.54 19.76
CA THR A 332 -24.47 -3.47 20.20
C THR A 332 -23.69 -4.70 19.73
N LEU A 333 -24.29 -5.88 19.82
CA LEU A 333 -23.63 -7.09 19.33
C LEU A 333 -23.46 -7.05 17.82
N LEU A 334 -24.39 -6.44 17.09
CA LEU A 334 -24.22 -6.29 15.64
C LEU A 334 -23.07 -5.35 15.32
N LEU A 335 -22.93 -4.25 16.06
CA LEU A 335 -21.77 -3.39 15.87
C LEU A 335 -20.48 -4.12 16.20
N GLY A 336 -20.47 -4.93 17.26
CA GLY A 336 -19.27 -5.69 17.59
C GLY A 336 -18.92 -6.72 16.54
N TYR A 337 -19.91 -7.46 16.05
CA TYR A 337 -19.71 -8.50 15.04
C TYR A 337 -19.48 -7.91 13.66
N SER A 338 -19.76 -6.63 13.45
CA SER A 338 -19.32 -5.93 12.26
C SER A 338 -17.90 -5.40 12.40
N VAL A 339 -17.51 -4.96 13.59
CA VAL A 339 -16.12 -4.58 13.84
C VAL A 339 -15.20 -5.78 13.67
N PHE A 340 -15.68 -6.97 14.06
CA PHE A 340 -14.89 -8.18 13.88
C PHE A 340 -14.57 -8.42 12.41
N LEU A 341 -15.60 -8.39 11.54
CA LEU A 341 -15.35 -8.57 10.11
C LEU A 341 -14.64 -7.37 9.49
N ILE A 342 -14.70 -6.20 10.10
CA ILE A 342 -13.84 -5.10 9.67
C ILE A 342 -12.38 -5.46 9.88
N ILE A 343 -12.05 -6.04 11.05
CA ILE A 343 -10.68 -6.46 11.31
C ILE A 343 -10.29 -7.64 10.43
N VAL A 344 -11.23 -8.56 10.19
CA VAL A 344 -10.94 -9.80 9.47
C VAL A 344 -10.57 -9.51 8.02
N SER A 345 -11.21 -8.51 7.40
CA SER A 345 -10.97 -8.21 6.00
C SER A 345 -9.52 -7.79 5.73
N ASP A 346 -8.78 -7.37 6.76
CA ASP A 346 -7.37 -7.07 6.61
C ASP A 346 -6.49 -8.31 6.70
N THR A 347 -7.04 -9.46 7.07
CA THR A 347 -6.27 -10.69 7.22
C THR A 347 -6.69 -11.79 6.26
N LEU A 348 -7.95 -11.86 5.87
CA LEU A 348 -8.38 -12.88 4.92
C LEU A 348 -7.79 -12.60 3.54
N PRO A 349 -7.44 -13.63 2.79
CA PRO A 349 -6.89 -13.40 1.44
C PRO A 349 -7.95 -12.90 0.48
N ALA A 350 -7.49 -12.20 -0.55
CA ALA A 350 -8.34 -11.66 -1.59
C ALA A 350 -8.12 -12.44 -2.88
N THR A 351 -9.21 -12.89 -3.50
CA THR A 351 -9.13 -13.60 -4.77
C THR A 351 -10.38 -13.27 -5.58
N ALA A 352 -10.18 -13.01 -6.87
CA ALA A 352 -11.26 -12.55 -7.74
C ALA A 352 -12.00 -13.69 -8.42
N ILE A 353 -11.66 -14.93 -8.14
CA ILE A 353 -12.35 -16.07 -8.74
C ILE A 353 -13.01 -16.98 -7.71
N GLY A 354 -12.71 -16.84 -6.42
CA GLY A 354 -13.33 -17.68 -5.41
C GLY A 354 -13.30 -17.02 -4.06
N THR A 355 -14.17 -17.51 -3.18
CA THR A 355 -14.27 -17.04 -1.81
C THR A 355 -14.28 -18.22 -0.85
N PRO A 356 -13.72 -18.05 0.34
CA PRO A 356 -13.80 -19.12 1.35
C PRO A 356 -15.24 -19.36 1.80
N LEU A 357 -15.51 -20.60 2.17
CA LEU A 357 -16.83 -20.96 2.67
C LEU A 357 -17.10 -20.32 4.05
N ILE A 358 -16.03 -20.05 4.81
CA ILE A 358 -16.18 -19.38 6.09
C ILE A 358 -16.77 -17.99 5.90
N GLY A 359 -16.39 -17.30 4.82
CA GLY A 359 -16.99 -16.02 4.52
C GLY A 359 -18.47 -16.14 4.21
N VAL A 360 -18.86 -17.22 3.53
CA VAL A 360 -20.28 -17.48 3.27
C VAL A 360 -21.04 -17.64 4.57
N TYR A 361 -20.47 -18.41 5.51
CA TYR A 361 -21.14 -18.57 6.80
C TYR A 361 -21.19 -17.26 7.57
N PHE A 362 -20.15 -16.43 7.46
CA PHE A 362 -20.14 -15.14 8.13
C PHE A 362 -21.25 -14.23 7.59
N VAL A 363 -21.39 -14.17 6.26
CA VAL A 363 -22.42 -13.30 5.70
C VAL A 363 -23.82 -13.85 5.96
N VAL A 364 -23.97 -15.18 6.05
CA VAL A 364 -25.25 -15.75 6.43
C VAL A 364 -25.59 -15.35 7.87
N CYS A 365 -24.61 -15.38 8.77
CA CYS A 365 -24.84 -14.93 10.14
C CYS A 365 -25.21 -13.46 10.17
N MET A 366 -24.57 -12.64 9.33
CA MET A 366 -24.92 -11.23 9.25
C MET A 366 -26.38 -11.04 8.82
N ALA A 367 -26.80 -11.78 7.79
CA ALA A 367 -28.18 -11.65 7.30
C ALA A 367 -29.18 -12.09 8.36
N LEU A 368 -28.88 -13.18 9.08
CA LEU A 368 -29.77 -13.64 10.12
C LEU A 368 -29.84 -12.64 11.28
N LEU A 369 -28.71 -12.02 11.63
CA LEU A 369 -28.74 -10.98 12.66
C LEU A 369 -29.58 -9.79 12.24
N VAL A 370 -29.47 -9.38 10.97
CA VAL A 370 -30.27 -8.26 10.48
C VAL A 370 -31.75 -8.59 10.52
N ILE A 371 -32.12 -9.81 10.09
CA ILE A 371 -33.53 -10.19 10.12
C ILE A 371 -34.03 -10.30 11.55
N SER A 372 -33.17 -10.72 12.49
CA SER A 372 -33.56 -10.77 13.89
C SER A 372 -33.83 -9.38 14.43
N LEU A 373 -32.94 -8.43 14.12
CA LEU A 373 -33.14 -7.06 14.59
C LEU A 373 -34.42 -6.47 14.02
N ALA A 374 -34.69 -6.71 12.73
CA ALA A 374 -35.90 -6.20 12.12
C ALA A 374 -37.15 -6.78 12.76
N GLU A 375 -37.16 -8.10 13.00
CA GLU A 375 -38.31 -8.75 13.62
C GLU A 375 -38.54 -8.23 15.04
N THR A 376 -37.45 -8.00 15.78
CA THR A 376 -37.59 -7.39 17.10
C THR A 376 -38.17 -5.99 17.02
N ILE A 377 -37.79 -5.21 16.00
CA ILE A 377 -38.35 -3.88 15.84
C ILE A 377 -39.84 -3.94 15.57
N PHE A 378 -40.28 -4.84 14.69
CA PHE A 378 -41.73 -4.97 14.46
C PHE A 378 -42.46 -5.39 15.72
N ILE A 379 -41.90 -6.33 16.49
CA ILE A 379 -42.60 -6.78 17.69
C ILE A 379 -42.66 -5.67 18.74
N VAL A 380 -41.58 -4.91 18.91
CA VAL A 380 -41.59 -3.78 19.83
C VAL A 380 -42.62 -2.75 19.40
N ARG A 381 -42.67 -2.44 18.10
CA ARG A 381 -43.57 -1.41 17.60
C ARG A 381 -45.03 -1.82 17.76
N LEU A 382 -45.36 -3.08 17.51
CA LEU A 382 -46.76 -3.49 17.43
C LEU A 382 -47.45 -3.42 18.79
N VAL A 383 -46.79 -3.92 19.84
CA VAL A 383 -47.46 -4.10 21.12
C VAL A 383 -47.39 -2.84 21.97
N HIS A 384 -46.91 -1.73 21.37
CA HIS A 384 -46.79 -0.49 22.13
C HIS A 384 -47.31 0.73 21.38
N LYS A 385 -47.86 0.56 20.18
CA LYS A 385 -48.30 1.68 19.35
C LYS A 385 -49.68 1.41 18.76
N GLN A 386 -50.63 1.06 19.63
CA GLN A 386 -52.04 0.84 19.26
C GLN A 386 -52.17 -0.30 18.25
N ASP A 387 -51.86 -1.50 18.75
CA ASP A 387 -51.97 -2.74 17.97
C ASP A 387 -53.35 -2.92 17.38
N LEU A 388 -53.44 -2.89 16.05
CA LEU A 388 -54.67 -3.18 15.32
C LEU A 388 -54.44 -4.31 14.31
N GLN A 389 -53.75 -5.36 14.76
CA GLN A 389 -53.48 -6.50 13.91
C GLN A 389 -54.77 -7.26 13.60
N ARG A 390 -54.75 -7.97 12.48
CA ARG A 390 -55.90 -8.76 12.06
C ARG A 390 -56.15 -9.89 13.05
N PRO A 391 -57.34 -10.03 13.62
CA PRO A 391 -57.60 -11.10 14.57
C PRO A 391 -57.56 -12.49 13.94
N VAL A 392 -58.27 -12.66 12.83
CA VAL A 392 -58.34 -13.95 12.14
C VAL A 392 -58.04 -13.76 10.65
N PRO A 393 -56.81 -13.45 10.26
CA PRO A 393 -56.49 -13.29 8.85
C PRO A 393 -56.32 -14.65 8.18
N ASP A 394 -56.05 -14.62 6.87
CA ASP A 394 -55.86 -15.85 6.11
C ASP A 394 -54.59 -16.58 6.50
N TRP A 395 -53.61 -15.88 7.09
CA TRP A 395 -52.37 -16.51 7.51
C TRP A 395 -52.50 -17.28 8.81
N LEU A 396 -53.61 -17.13 9.52
CA LEU A 396 -53.80 -17.85 10.79
C LEU A 396 -53.86 -19.35 10.57
N ARG A 397 -54.44 -19.80 9.44
CA ARG A 397 -54.51 -21.22 9.15
C ARG A 397 -53.12 -21.83 9.04
N HIS A 398 -52.22 -21.17 8.29
CA HIS A 398 -50.85 -21.66 8.19
C HIS A 398 -50.08 -21.45 9.48
N LEU A 399 -50.46 -20.44 10.26
CA LEU A 399 -49.83 -20.23 11.56
C LEU A 399 -50.12 -21.38 12.51
N VAL A 400 -51.35 -21.91 12.49
CA VAL A 400 -51.74 -22.95 13.43
C VAL A 400 -51.64 -24.36 12.86
N LEU A 401 -51.41 -24.51 11.55
CA LEU A 401 -51.40 -25.84 10.95
C LEU A 401 -50.17 -26.63 11.37
N ASP A 402 -48.98 -26.02 11.29
CA ASP A 402 -47.74 -26.76 11.50
C ASP A 402 -46.75 -26.09 12.44
N ARG A 403 -46.85 -24.78 12.68
CA ARG A 403 -45.87 -24.11 13.54
C ARG A 403 -46.00 -24.57 14.99
N ILE A 404 -47.24 -24.68 15.48
CA ILE A 404 -47.45 -25.11 16.86
C ILE A 404 -47.09 -26.57 17.07
N ALA A 405 -46.97 -27.35 15.99
CA ALA A 405 -46.56 -28.74 16.09
C ALA A 405 -45.05 -28.90 15.98
N TRP A 406 -44.44 -28.23 15.01
CA TRP A 406 -43.00 -28.33 14.83
C TRP A 406 -42.25 -27.66 15.96
N ILE A 407 -42.61 -26.41 16.26
CA ILE A 407 -41.93 -25.65 17.32
C ILE A 407 -42.96 -25.20 18.36
N LEU A 472 -79.58 21.03 48.42
CA LEU A 472 -79.48 22.01 47.35
C LEU A 472 -78.33 21.65 46.41
N ALA A 473 -77.11 21.91 46.87
CA ALA A 473 -75.91 21.62 46.09
C ALA A 473 -75.27 20.28 46.45
N VAL A 474 -75.90 19.49 47.32
CA VAL A 474 -75.33 18.21 47.72
C VAL A 474 -75.34 17.23 46.55
N ARG A 475 -76.38 17.28 45.71
CA ARG A 475 -76.44 16.38 44.56
C ARG A 475 -75.32 16.65 43.57
N GLY A 476 -75.05 17.93 43.29
CA GLY A 476 -73.93 18.27 42.42
C GLY A 476 -72.59 17.90 43.01
N LEU A 477 -72.45 18.00 44.34
CA LEU A 477 -71.20 17.63 44.99
C LEU A 477 -70.91 16.14 44.81
N LEU A 478 -71.93 15.29 45.03
CA LEU A 478 -71.75 13.86 44.80
C LEU A 478 -71.52 13.57 43.33
N GLN A 479 -72.18 14.30 42.43
CA GLN A 479 -71.99 14.09 41.00
C GLN A 479 -70.55 14.39 40.60
N GLU A 480 -70.00 15.52 41.06
CA GLU A 480 -68.63 15.85 40.71
C GLU A 480 -67.63 14.93 41.41
N LEU A 481 -67.96 14.44 42.61
CA LEU A 481 -67.10 13.46 43.26
C LEU A 481 -67.04 12.16 42.46
N SER A 482 -68.19 11.70 41.96
CA SER A 482 -68.21 10.51 41.11
C SER A 482 -67.47 10.77 39.80
N SER A 483 -67.57 11.99 39.26
CA SER A 483 -66.84 12.33 38.05
C SER A 483 -65.34 12.30 38.26
N ILE A 484 -64.85 12.85 39.38
CA ILE A 484 -63.42 12.90 39.64
C ILE A 484 -62.87 11.61 40.22
N ARG A 485 -63.74 10.67 40.61
CA ARG A 485 -63.27 9.37 41.07
C ARG A 485 -62.61 8.55 39.98
N HIS A 486 -62.75 8.94 38.71
CA HIS A 486 -62.19 8.20 37.58
C HIS A 486 -60.69 8.37 37.41
N PHE A 487 -60.06 9.22 38.22
CA PHE A 487 -58.61 9.42 38.12
C PHE A 487 -57.85 8.15 38.43
N LEU A 488 -58.36 7.32 39.35
CA LEU A 488 -57.71 6.05 39.66
C LEU A 488 -57.68 5.14 38.44
N GLU A 489 -58.81 5.02 37.74
CA GLU A 489 -58.84 4.21 36.53
C GLU A 489 -57.95 4.79 35.43
N LYS A 490 -57.98 6.12 35.29
CA LYS A 490 -57.15 6.76 34.26
C LYS A 490 -55.67 6.59 34.54
N ARG A 491 -55.30 6.45 35.81
CA ARG A 491 -53.91 6.14 36.16
C ARG A 491 -53.61 4.65 36.07
N ASP A 492 -54.61 3.79 36.19
CA ASP A 492 -54.36 2.35 36.21
C ASP A 492 -54.51 1.66 34.85
N GLU A 493 -55.48 2.09 34.06
CA GLU A 493 -55.75 1.42 32.78
C GLU A 493 -54.86 1.92 31.65
N MET A 494 -53.54 1.78 31.81
CA MET A 494 -52.61 2.17 30.76
C MET A 494 -51.74 0.97 30.47
N ARG A 495 -51.28 0.29 31.52
CA ARG A 495 -50.46 -0.91 31.35
C ARG A 495 -51.31 -2.02 30.74
N GLU A 496 -52.51 -2.23 31.27
CA GLU A 496 -53.40 -3.25 30.73
C GLU A 496 -53.70 -3.00 29.26
N VAL A 497 -53.80 -1.73 28.85
CA VAL A 497 -53.96 -1.41 27.45
C VAL A 497 -52.71 -1.80 26.65
N ALA A 498 -51.53 -1.50 27.19
CA ALA A 498 -50.29 -1.55 26.42
C ALA A 498 -49.51 -2.86 26.59
N ARG A 499 -50.07 -3.86 27.26
CA ARG A 499 -49.35 -5.12 27.46
C ARG A 499 -50.03 -6.32 26.81
N ASP A 500 -50.38 -6.21 25.53
CA ASP A 500 -51.35 -7.12 24.93
C ASP A 500 -50.76 -8.48 24.52
N TRP A 501 -49.86 -8.50 23.53
CA TRP A 501 -49.71 -9.69 22.68
C TRP A 501 -48.26 -10.18 22.60
N LEU A 502 -47.62 -10.34 23.76
CA LEU A 502 -46.34 -11.04 23.82
C LEU A 502 -46.46 -12.48 23.33
N ARG A 503 -47.63 -13.08 23.52
CA ARG A 503 -47.85 -14.46 23.09
C ARG A 503 -47.61 -14.60 21.59
N VAL A 504 -48.17 -13.73 20.77
CA VAL A 504 -48.03 -13.92 19.31
C VAL A 504 -46.64 -13.50 18.79
N GLY A 505 -45.98 -12.60 19.50
CA GLY A 505 -44.68 -12.13 19.08
C GLY A 505 -43.61 -13.19 19.06
N TYR A 506 -43.69 -14.13 19.99
CA TYR A 506 -42.68 -15.18 20.08
C TYR A 506 -42.76 -16.19 18.93
N VAL A 507 -43.88 -16.26 18.22
CA VAL A 507 -43.97 -17.28 17.17
C VAL A 507 -42.84 -17.09 16.15
N LEU A 508 -42.20 -15.92 16.14
CA LEU A 508 -41.16 -15.66 15.15
C LEU A 508 -39.77 -15.71 15.79
N ASP A 509 -39.67 -15.24 17.03
CA ASP A 509 -38.40 -15.33 17.75
C ASP A 509 -38.00 -16.79 17.96
N ARG A 510 -38.97 -17.65 18.30
CA ARG A 510 -38.66 -19.07 18.48
C ARG A 510 -38.15 -19.69 17.18
N LEU A 511 -38.83 -19.40 16.07
CA LEU A 511 -38.39 -19.94 14.77
C LEU A 511 -37.00 -19.44 14.41
N LEU A 512 -36.72 -18.16 14.68
CA LEU A 512 -35.42 -17.60 14.34
C LEU A 512 -34.31 -18.17 15.23
N PHE A 513 -34.63 -18.47 16.49
CA PHE A 513 -33.69 -19.19 17.34
C PHE A 513 -33.37 -20.56 16.77
N ARG A 514 -34.39 -21.26 16.27
CA ARG A 514 -34.16 -22.52 15.58
C ARG A 514 -33.22 -22.34 14.39
N ILE A 515 -33.41 -21.26 13.63
CA ILE A 515 -32.55 -20.99 12.48
C ILE A 515 -31.10 -20.77 12.93
N TYR A 516 -30.90 -20.03 14.02
CA TYR A 516 -29.54 -19.84 14.55
C TYR A 516 -28.89 -21.17 14.91
N LEU A 517 -29.63 -22.05 15.59
CA LEU A 517 -29.02 -23.33 15.97
C LEU A 517 -28.68 -24.20 14.76
N LEU A 518 -29.55 -24.22 13.75
CA LEU A 518 -29.20 -24.96 12.53
C LEU A 518 -27.98 -24.37 11.83
N ALA A 519 -27.87 -23.04 11.79
CA ALA A 519 -26.70 -22.41 11.18
C ALA A 519 -25.41 -22.78 11.93
N VAL A 520 -25.47 -22.76 13.26
CA VAL A 520 -24.29 -23.12 14.05
C VAL A 520 -23.91 -24.58 13.84
N LEU A 521 -24.91 -25.47 13.77
CA LEU A 521 -24.62 -26.88 13.51
C LEU A 521 -23.97 -27.07 12.15
N ALA A 522 -24.46 -26.36 11.13
CA ALA A 522 -23.85 -26.45 9.81
C ALA A 522 -22.40 -25.95 9.82
N TYR A 523 -22.15 -24.86 10.53
CA TYR A 523 -20.78 -24.33 10.64
C TYR A 523 -19.86 -25.36 11.29
N SER A 524 -20.32 -25.98 12.39
CA SER A 524 -19.49 -26.96 13.08
C SER A 524 -19.20 -28.16 12.21
N ILE A 525 -20.22 -28.69 11.51
CA ILE A 525 -20.01 -29.90 10.72
C ILE A 525 -19.10 -29.61 9.53
N THR A 526 -19.24 -28.43 8.90
CA THR A 526 -18.36 -28.13 7.78
C THR A 526 -16.93 -27.88 8.24
N LEU A 527 -16.73 -27.29 9.43
CA LEU A 527 -15.38 -27.12 9.94
C LEU A 527 -14.73 -28.47 10.22
N VAL A 528 -15.50 -29.39 10.80
CA VAL A 528 -14.97 -30.73 11.10
C VAL A 528 -14.60 -31.46 9.82
N THR A 529 -15.46 -31.39 8.80
CA THR A 529 -15.15 -32.10 7.56
C THR A 529 -13.97 -31.47 6.82
N LEU A 530 -13.80 -30.15 6.91
CA LEU A 530 -12.63 -29.53 6.31
C LEU A 530 -11.35 -29.98 7.01
N TRP A 531 -11.39 -30.06 8.34
CA TRP A 531 -10.23 -30.57 9.07
C TRP A 531 -9.93 -32.01 8.70
N SER A 532 -10.97 -32.82 8.52
CA SER A 532 -10.76 -34.23 8.14
C SER A 532 -10.10 -34.34 6.77
N ILE A 533 -10.58 -33.55 5.79
CA ILE A 533 -9.97 -33.57 4.46
C ILE A 533 -8.53 -33.08 4.53
N TRP A 534 -8.25 -32.08 5.37
CA TRP A 534 -6.88 -31.60 5.54
C TRP A 534 -5.98 -32.68 6.14
N HIS A 535 -6.48 -33.40 7.14
CA HIS A 535 -5.66 -34.39 7.84
C HIS A 535 -5.43 -35.64 7.01
N TYR A 536 -6.38 -36.04 6.17
CA TYR A 536 -6.19 -37.23 5.37
C TYR A 536 -5.24 -37.03 4.20
N SER A 537 -4.78 -35.80 3.95
CA SER A 537 -3.89 -35.53 2.83
C SER A 537 -2.43 -35.85 3.12
N GLU A 538 -2.10 -36.24 4.34
CA GLU A 538 -0.72 -36.54 4.69
C GLU A 538 -0.28 -37.95 4.31
N ASN A 539 -1.21 -38.77 3.81
CA ASN A 539 -0.85 -40.13 3.41
C ASN A 539 0.11 -40.12 2.23
N LEU A 540 -0.09 -39.23 1.27
CA LEU A 540 0.78 -39.14 0.11
C LEU A 540 2.16 -38.58 0.49
N THR B 82 65.00 -2.42 -17.64
CA THR B 82 65.13 -1.78 -18.94
C THR B 82 64.54 -0.37 -18.92
N THR B 83 64.46 0.26 -20.09
CA THR B 83 63.89 1.60 -20.18
C THR B 83 62.39 1.59 -19.94
N GLN B 84 61.74 0.47 -20.22
CA GLN B 84 60.31 0.35 -20.03
C GLN B 84 60.01 0.44 -18.54
N PRO B 85 58.98 1.18 -18.11
CA PRO B 85 58.67 1.24 -16.67
C PRO B 85 58.26 -0.10 -16.10
N ALA B 86 58.49 -0.25 -14.79
CA ALA B 86 58.47 -1.56 -14.16
C ALA B 86 57.08 -2.17 -14.14
N LEU B 87 56.05 -1.37 -13.81
CA LEU B 87 54.71 -1.93 -13.64
C LEU B 87 54.17 -2.49 -14.95
N LEU B 88 54.41 -1.79 -16.05
CA LEU B 88 53.87 -2.23 -17.34
C LEU B 88 54.49 -3.56 -17.78
N ARG B 89 55.82 -3.69 -17.68
CA ARG B 89 56.43 -4.94 -18.10
C ARG B 89 56.19 -6.05 -17.08
N LEU B 90 55.99 -5.73 -15.81
CA LEU B 90 55.59 -6.76 -14.85
C LEU B 90 54.20 -7.30 -15.18
N SER B 91 53.27 -6.41 -15.53
CA SER B 91 51.94 -6.87 -15.94
C SER B 91 52.01 -7.67 -17.23
N ASP B 92 52.88 -7.26 -18.16
CA ASP B 92 53.07 -8.02 -19.39
C ASP B 92 53.61 -9.42 -19.08
N HIS B 93 54.59 -9.51 -18.18
CA HIS B 93 55.18 -10.80 -17.83
C HIS B 93 54.19 -11.70 -17.13
N LEU B 94 53.32 -11.13 -16.30
CA LEU B 94 52.36 -11.95 -15.56
C LEU B 94 51.18 -12.36 -16.43
N LEU B 95 50.44 -11.38 -16.97
CA LEU B 95 49.14 -11.68 -17.56
C LEU B 95 49.25 -12.35 -18.92
N ALA B 96 50.30 -12.05 -19.69
CA ALA B 96 50.47 -12.73 -20.97
C ALA B 96 50.84 -14.19 -20.73
N ASN B 97 50.30 -15.06 -21.60
CA ASN B 97 50.44 -16.51 -21.47
C ASN B 97 49.94 -16.97 -20.09
N TYR B 98 48.80 -16.41 -19.68
CA TYR B 98 48.12 -16.81 -18.45
C TYR B 98 46.68 -17.15 -18.79
N LYS B 99 46.27 -18.37 -18.45
CA LYS B 99 44.96 -18.88 -18.84
C LYS B 99 44.00 -18.77 -17.66
N LYS B 100 43.10 -17.78 -17.73
CA LYS B 100 42.01 -17.69 -16.79
C LYS B 100 40.98 -18.78 -17.08
N GLY B 101 40.52 -19.46 -16.05
CA GLY B 101 39.60 -20.57 -16.20
C GLY B 101 40.14 -21.91 -15.74
N VAL B 102 41.40 -21.98 -15.30
CA VAL B 102 41.98 -23.20 -14.76
C VAL B 102 42.41 -22.91 -13.33
N ARG B 103 42.20 -23.88 -12.44
CA ARG B 103 42.50 -23.68 -11.04
C ARG B 103 44.01 -23.52 -10.85
N PRO B 104 44.46 -22.45 -10.20
CA PRO B 104 45.91 -22.14 -10.15
C PRO B 104 46.67 -23.00 -9.14
N VAL B 105 46.88 -24.26 -9.52
CA VAL B 105 47.71 -25.17 -8.74
C VAL B 105 48.64 -25.92 -9.70
N ARG B 106 49.88 -26.13 -9.28
CA ARG B 106 50.80 -26.94 -10.07
C ARG B 106 50.52 -28.43 -9.91
N ASP B 107 50.11 -28.86 -8.71
CA ASP B 107 49.68 -30.22 -8.45
C ASP B 107 48.18 -30.21 -8.15
N TRP B 108 47.41 -30.97 -8.92
CA TRP B 108 45.96 -30.92 -8.82
C TRP B 108 45.41 -31.63 -7.59
N ARG B 109 46.23 -32.36 -6.84
CA ARG B 109 45.78 -33.03 -5.64
C ARG B 109 45.74 -32.11 -4.42
N LYS B 110 46.22 -30.88 -4.54
CA LYS B 110 46.22 -29.95 -3.41
C LYS B 110 45.07 -28.96 -3.58
N PRO B 111 44.08 -28.96 -2.70
CA PRO B 111 42.99 -27.99 -2.83
C PRO B 111 43.45 -26.58 -2.52
N THR B 112 42.80 -25.61 -3.16
CA THR B 112 43.05 -24.21 -2.88
C THR B 112 42.25 -23.76 -1.66
N THR B 113 42.86 -22.93 -0.84
CA THR B 113 42.28 -22.50 0.43
C THR B 113 41.93 -21.02 0.36
N VAL B 114 40.67 -20.70 0.66
CA VAL B 114 40.18 -19.34 0.68
C VAL B 114 39.94 -18.95 2.13
N SER B 115 40.60 -17.88 2.57
CA SER B 115 40.48 -17.38 3.94
C SER B 115 39.61 -16.13 3.92
N ILE B 116 38.39 -16.25 4.44
CA ILE B 116 37.41 -15.19 4.32
C ILE B 116 37.25 -14.47 5.65
N ASP B 117 36.70 -13.26 5.58
CA ASP B 117 36.43 -12.45 6.75
C ASP B 117 35.14 -11.66 6.53
N VAL B 118 34.45 -11.35 7.62
CA VAL B 118 33.17 -10.67 7.59
C VAL B 118 33.21 -9.53 8.61
N ILE B 119 32.90 -8.32 8.16
CA ILE B 119 32.82 -7.14 9.03
C ILE B 119 31.41 -6.57 8.91
N MET B 120 30.81 -6.27 10.05
CA MET B 120 29.41 -5.84 10.12
C MET B 120 29.30 -4.33 10.03
N TYR B 121 28.44 -3.85 9.15
CA TYR B 121 28.25 -2.41 8.96
C TYR B 121 26.88 -1.93 9.43
N ALA B 122 25.79 -2.49 8.92
CA ALA B 122 24.47 -1.99 9.26
C ALA B 122 23.42 -3.05 9.02
N ILE B 123 22.29 -2.91 9.71
CA ILE B 123 21.12 -3.76 9.54
C ILE B 123 20.03 -2.86 8.93
N LEU B 124 19.84 -2.97 7.62
CA LEU B 124 18.99 -2.02 6.92
C LEU B 124 17.51 -2.28 7.19
N ASN B 125 17.09 -3.54 7.19
CA ASN B 125 15.68 -3.85 7.34
C ASN B 125 15.54 -5.25 7.89
N VAL B 126 14.55 -5.44 8.77
CA VAL B 126 14.13 -6.75 9.26
C VAL B 126 12.63 -6.82 9.01
N ASP B 127 12.22 -7.61 8.01
CA ASP B 127 10.85 -7.53 7.52
C ASP B 127 9.87 -8.18 8.48
N GLU B 128 10.23 -9.33 9.05
CA GLU B 128 9.46 -10.10 10.05
C GLU B 128 8.01 -10.35 9.62
N LYS B 129 7.72 -10.24 8.34
CA LYS B 129 6.48 -10.67 7.72
C LYS B 129 6.71 -11.60 6.55
N ASN B 130 7.74 -11.34 5.75
CA ASN B 130 8.21 -12.25 4.71
C ASN B 130 9.38 -13.10 5.16
N GLN B 131 9.78 -13.00 6.43
CA GLN B 131 10.85 -13.80 7.02
C GLN B 131 12.17 -13.58 6.27
N VAL B 132 12.55 -12.31 6.14
CA VAL B 132 13.77 -11.94 5.42
C VAL B 132 14.33 -10.67 6.05
N LEU B 133 15.66 -10.57 6.09
CA LEU B 133 16.33 -9.37 6.59
C LEU B 133 17.33 -8.87 5.56
N THR B 134 17.52 -7.56 5.55
CA THR B 134 18.46 -6.90 4.66
C THR B 134 19.66 -6.43 5.47
N THR B 135 20.86 -6.76 4.97
CA THR B 135 22.09 -6.49 5.70
C THR B 135 23.14 -5.94 4.74
N TYR B 136 24.12 -5.23 5.30
CA TYR B 136 25.22 -4.65 4.54
C TYR B 136 26.52 -5.01 5.22
N ILE B 137 27.40 -5.73 4.51
CA ILE B 137 28.58 -6.35 5.09
C ILE B 137 29.79 -5.99 4.24
N TRP B 138 30.87 -5.59 4.91
CA TRP B 138 32.17 -5.45 4.26
C TRP B 138 32.86 -6.82 4.27
N TYR B 139 33.36 -7.23 3.11
CA TYR B 139 33.82 -8.60 2.91
C TYR B 139 35.20 -8.61 2.27
N ARG B 140 36.02 -9.58 2.66
CA ARG B 140 37.33 -9.75 2.06
C ARG B 140 37.76 -11.21 2.16
N GLN B 141 38.66 -11.61 1.26
CA GLN B 141 39.16 -12.98 1.20
C GLN B 141 40.47 -13.00 0.45
N TYR B 142 41.27 -14.05 0.70
CA TYR B 142 42.49 -14.24 -0.07
C TYR B 142 42.73 -15.71 -0.32
N TRP B 143 43.44 -15.99 -1.41
CA TRP B 143 43.87 -17.33 -1.76
C TRP B 143 45.24 -17.24 -2.41
N THR B 144 45.78 -18.39 -2.81
CA THR B 144 47.12 -18.46 -3.39
C THR B 144 47.01 -18.82 -4.87
N ASP B 145 47.62 -17.99 -5.72
CA ASP B 145 47.65 -18.21 -7.17
C ASP B 145 49.08 -18.56 -7.54
N GLU B 146 49.33 -19.84 -7.81
CA GLU B 146 50.69 -20.32 -8.03
C GLU B 146 51.29 -19.84 -9.34
N PHE B 147 50.48 -19.34 -10.28
CA PHE B 147 50.98 -18.88 -11.56
C PHE B 147 51.30 -17.39 -11.58
N LEU B 148 51.04 -16.67 -10.50
CA LEU B 148 51.36 -15.25 -10.40
C LEU B 148 52.45 -15.10 -9.33
N GLN B 149 53.69 -15.31 -9.74
CA GLN B 149 54.85 -15.19 -8.87
C GLN B 149 55.98 -14.54 -9.63
N TRP B 150 56.78 -13.73 -8.94
CA TRP B 150 57.90 -13.05 -9.57
C TRP B 150 58.94 -12.72 -8.52
N THR B 151 60.17 -12.48 -8.99
CA THR B 151 61.24 -12.03 -8.13
C THR B 151 61.24 -10.50 -8.12
N PRO B 152 61.16 -9.86 -6.96
CA PRO B 152 60.97 -8.40 -6.94
C PRO B 152 62.09 -7.61 -7.57
N GLU B 153 63.34 -7.88 -7.21
CA GLU B 153 64.46 -7.06 -7.68
C GLU B 153 64.68 -7.15 -9.18
N ASP B 154 64.09 -8.13 -9.86
CA ASP B 154 64.12 -8.13 -11.31
C ASP B 154 63.25 -7.01 -11.88
N PHE B 155 62.05 -6.86 -11.34
CA PHE B 155 61.11 -5.83 -11.78
C PHE B 155 61.19 -4.58 -10.92
N ASP B 156 62.40 -4.05 -10.78
CA ASP B 156 62.68 -2.80 -10.06
C ASP B 156 62.20 -2.83 -8.61
N ASN B 157 62.26 -3.99 -7.95
CA ASN B 157 61.93 -4.07 -6.51
C ASN B 157 60.56 -3.53 -6.12
N VAL B 158 59.52 -4.03 -6.73
CA VAL B 158 58.15 -3.72 -6.34
C VAL B 158 57.51 -5.01 -5.84
N THR B 159 56.74 -4.91 -4.75
CA THR B 159 56.23 -6.07 -4.05
C THR B 159 54.71 -6.09 -3.96
N LYS B 160 54.01 -5.36 -4.83
CA LYS B 160 52.56 -5.33 -4.85
C LYS B 160 52.08 -4.61 -6.10
N LEU B 161 50.99 -5.10 -6.67
CA LEU B 161 50.35 -4.40 -7.79
C LEU B 161 48.88 -4.81 -7.84
N SER B 162 48.11 -4.02 -8.58
CA SER B 162 46.68 -4.26 -8.75
C SER B 162 46.41 -4.56 -10.23
N ILE B 163 45.66 -5.63 -10.48
CA ILE B 163 45.31 -6.03 -11.85
C ILE B 163 43.81 -6.28 -11.89
N PRO B 164 43.20 -6.16 -13.07
CA PRO B 164 41.73 -6.32 -13.17
C PRO B 164 41.28 -7.70 -12.74
N THR B 165 40.07 -7.74 -12.15
CA THR B 165 39.53 -8.99 -11.62
C THR B 165 39.18 -9.96 -12.74
N ASP B 166 38.67 -9.45 -13.86
CA ASP B 166 38.22 -10.28 -14.97
C ASP B 166 39.36 -10.93 -15.75
N SER B 167 40.62 -10.79 -15.34
CA SER B 167 41.74 -11.39 -16.06
C SER B 167 42.43 -12.49 -15.27
N ILE B 168 41.91 -12.87 -14.11
CA ILE B 168 42.48 -13.93 -13.29
C ILE B 168 41.36 -14.86 -12.82
N TRP B 169 41.76 -15.94 -12.16
CA TRP B 169 40.82 -16.94 -11.66
C TRP B 169 40.24 -16.49 -10.32
N VAL B 170 38.92 -16.48 -10.22
CA VAL B 170 38.21 -16.05 -9.01
C VAL B 170 37.28 -17.18 -8.59
N PRO B 171 37.33 -17.63 -7.34
CA PRO B 171 36.44 -18.70 -6.90
C PRO B 171 35.00 -18.21 -6.76
N ASP B 172 34.08 -19.17 -6.76
CA ASP B 172 32.65 -18.89 -6.65
C ASP B 172 32.20 -19.19 -5.22
N ILE B 173 32.11 -18.15 -4.40
CA ILE B 173 31.64 -18.27 -3.02
C ILE B 173 30.27 -17.60 -2.95
N LEU B 174 29.26 -18.37 -2.55
CA LEU B 174 27.89 -17.90 -2.53
C LEU B 174 27.26 -18.18 -1.17
N ILE B 175 26.17 -17.47 -0.89
CA ILE B 175 25.37 -17.70 0.30
C ILE B 175 24.27 -18.70 -0.05
N ASN B 176 24.06 -19.69 0.82
CA ASN B 176 23.04 -20.69 0.57
C ASN B 176 21.65 -20.08 0.59
N GLU B 177 21.38 -19.22 1.57
CA GLU B 177 20.06 -18.60 1.74
C GLU B 177 20.12 -17.15 1.28
N PHE B 178 19.37 -16.85 0.22
CA PHE B 178 19.29 -15.51 -0.33
C PHE B 178 18.02 -15.43 -1.15
N VAL B 179 17.41 -14.24 -1.16
CA VAL B 179 16.19 -13.99 -1.90
C VAL B 179 16.44 -13.16 -3.14
N ASP B 180 17.28 -12.13 -3.04
CA ASP B 180 17.56 -11.27 -4.18
C ASP B 180 18.90 -10.58 -3.94
N VAL B 181 19.84 -10.78 -4.86
CA VAL B 181 21.13 -10.10 -4.84
C VAL B 181 21.33 -9.47 -6.21
N GLY B 182 22.14 -8.41 -6.23
CA GLY B 182 22.39 -7.71 -7.48
C GLY B 182 22.51 -6.21 -7.34
N LYS B 183 22.22 -5.68 -6.15
CA LYS B 183 22.39 -4.26 -5.89
C LYS B 183 23.74 -3.94 -5.26
N SER B 184 24.62 -4.93 -5.17
CA SER B 184 25.98 -4.71 -4.71
C SER B 184 26.91 -4.61 -5.91
N PRO B 185 27.64 -3.51 -6.08
CA PRO B 185 28.49 -3.37 -7.27
C PRO B 185 29.73 -4.24 -7.19
N ASN B 186 30.43 -4.33 -8.31
CA ASN B 186 31.66 -5.10 -8.42
C ASN B 186 32.88 -4.20 -8.37
N ILE B 187 33.97 -4.72 -7.82
CA ILE B 187 35.23 -4.01 -7.71
C ILE B 187 36.18 -4.62 -8.74
N PRO B 188 36.50 -3.92 -9.82
CA PRO B 188 37.33 -4.53 -10.87
C PRO B 188 38.82 -4.41 -10.64
N TYR B 189 39.28 -4.64 -9.41
CA TYR B 189 40.70 -4.54 -9.08
C TYR B 189 40.98 -5.41 -7.87
N VAL B 190 42.09 -6.16 -7.95
CA VAL B 190 42.55 -7.00 -6.85
C VAL B 190 44.07 -6.86 -6.73
N TYR B 191 44.55 -6.80 -5.49
CA TYR B 191 45.99 -6.88 -5.24
C TYR B 191 46.51 -8.29 -5.45
N VAL B 192 47.62 -8.40 -6.16
CA VAL B 192 48.43 -9.61 -6.20
C VAL B 192 49.75 -9.28 -5.52
N HIS B 193 49.82 -9.52 -4.20
CA HIS B 193 50.93 -9.00 -3.41
C HIS B 193 52.27 -9.58 -3.83
N HIS B 194 52.46 -10.87 -3.56
CA HIS B 194 53.75 -11.51 -3.75
C HIS B 194 53.60 -13.00 -3.46
N ARG B 195 54.35 -13.84 -4.18
CA ARG B 195 54.31 -15.30 -4.01
C ARG B 195 52.90 -15.85 -4.23
N GLY B 196 52.08 -15.13 -5.00
CA GLY B 196 50.75 -15.59 -5.33
C GLY B 196 49.65 -15.15 -4.40
N GLU B 197 49.91 -14.22 -3.49
CA GLU B 197 48.91 -13.77 -2.54
C GLU B 197 47.97 -12.78 -3.24
N VAL B 198 46.73 -13.19 -3.48
CA VAL B 198 45.73 -12.37 -4.14
C VAL B 198 44.64 -12.02 -3.15
N GLN B 199 44.29 -10.74 -3.07
CA GLN B 199 43.31 -10.24 -2.11
C GLN B 199 42.17 -9.55 -2.83
N ASN B 200 40.95 -9.84 -2.39
CA ASN B 200 39.74 -9.27 -2.98
C ASN B 200 38.95 -8.54 -1.89
N TYR B 201 38.60 -7.30 -2.15
CA TYR B 201 37.80 -6.48 -1.25
C TYR B 201 36.51 -6.10 -1.96
N LYS B 202 35.37 -6.30 -1.29
CA LYS B 202 34.09 -6.00 -1.93
C LYS B 202 33.02 -5.76 -0.88
N PRO B 203 32.09 -4.83 -1.11
CA PRO B 203 30.90 -4.74 -0.27
C PRO B 203 29.86 -5.78 -0.67
N LEU B 204 28.86 -5.95 0.19
CA LEU B 204 27.81 -6.94 -0.04
C LEU B 204 26.46 -6.40 0.40
N GLN B 205 25.49 -6.48 -0.50
CA GLN B 205 24.08 -6.15 -0.24
C GLN B 205 23.32 -7.47 -0.21
N LEU B 206 23.22 -8.06 0.97
CA LEU B 206 22.62 -9.39 1.12
C LEU B 206 21.19 -9.28 1.64
N VAL B 207 20.27 -9.92 0.92
CA VAL B 207 18.88 -10.03 1.34
C VAL B 207 18.63 -11.51 1.55
N THR B 208 18.77 -11.97 2.80
CA THR B 208 18.78 -13.39 3.12
C THR B 208 17.56 -13.77 3.94
N ALA B 209 17.00 -14.94 3.62
CA ALA B 209 15.86 -15.45 4.38
C ALA B 209 16.30 -15.93 5.76
N CYS B 210 15.47 -15.64 6.76
CA CYS B 210 15.75 -16.06 8.12
C CYS B 210 14.43 -16.33 8.83
N SER B 211 14.49 -17.14 9.87
CA SER B 211 13.31 -17.51 10.66
C SER B 211 13.19 -16.52 11.81
N LEU B 212 12.32 -15.52 11.63
CA LEU B 212 12.14 -14.46 12.60
C LEU B 212 10.87 -14.71 13.41
N ASP B 213 11.02 -14.73 14.73
CA ASP B 213 9.90 -14.93 15.65
C ASP B 213 9.65 -13.67 16.45
N ILE B 214 8.38 -13.38 16.73
CA ILE B 214 8.02 -12.18 17.47
C ILE B 214 7.23 -12.56 18.71
N TYR B 215 7.50 -13.74 19.28
CA TYR B 215 6.76 -14.16 20.45
C TYR B 215 6.87 -13.11 21.55
N ASN B 216 8.07 -12.58 21.76
CA ASN B 216 8.27 -11.52 22.74
C ASN B 216 8.52 -10.22 22.00
N PHE B 217 7.58 -9.79 21.18
CA PHE B 217 7.80 -8.61 20.32
C PHE B 217 8.59 -7.42 20.90
N PRO B 218 8.13 -6.82 22.02
CA PRO B 218 8.88 -5.65 22.48
C PRO B 218 10.34 -5.97 22.81
N PHE B 219 10.59 -7.16 23.35
CA PHE B 219 11.94 -7.53 23.75
C PHE B 219 12.50 -8.70 22.95
N ASP B 220 12.69 -8.52 21.64
CA ASP B 220 13.14 -9.62 20.81
C ASP B 220 14.67 -9.73 20.79
N VAL B 221 15.14 -10.97 20.72
CA VAL B 221 16.53 -11.29 20.44
C VAL B 221 16.55 -12.34 19.34
N GLN B 222 17.14 -12.00 18.21
CA GLN B 222 17.07 -12.84 17.02
C GLN B 222 18.39 -13.59 16.83
N ASN B 223 18.32 -14.67 16.06
CA ASN B 223 19.45 -15.60 15.93
C ASN B 223 19.46 -16.08 14.46
N CYS B 224 20.15 -15.32 13.62
CA CYS B 224 20.15 -15.53 12.17
C CYS B 224 21.52 -16.01 11.71
N SER B 225 21.54 -16.73 10.59
CA SER B 225 22.75 -17.37 10.09
C SER B 225 23.04 -16.93 8.65
N LEU B 226 24.32 -16.97 8.30
CA LEU B 226 24.78 -16.81 6.92
C LEU B 226 25.83 -17.88 6.64
N THR B 227 25.68 -18.57 5.51
CA THR B 227 26.55 -19.70 5.18
C THR B 227 27.32 -19.38 3.90
N PHE B 228 28.64 -19.46 3.97
CA PHE B 228 29.53 -19.26 2.83
C PHE B 228 30.07 -20.60 2.37
N THR B 229 29.92 -20.89 1.07
CA THR B 229 30.47 -22.12 0.50
C THR B 229 30.57 -21.95 -1.00
N SER B 230 31.20 -22.94 -1.63
CA SER B 230 31.29 -23.01 -3.09
C SER B 230 30.19 -23.91 -3.62
N TRP B 231 29.46 -23.44 -4.62
CA TRP B 231 28.30 -24.17 -5.12
C TRP B 231 28.67 -25.37 -5.96
N LEU B 232 29.86 -25.41 -6.54
CA LEU B 232 30.25 -26.51 -7.41
C LEU B 232 31.43 -27.30 -6.86
N HIS B 233 32.49 -26.62 -6.44
CA HIS B 233 33.73 -27.30 -6.09
C HIS B 233 33.59 -28.02 -4.75
N THR B 234 34.07 -29.26 -4.71
CA THR B 234 34.01 -30.07 -3.50
C THR B 234 35.14 -29.65 -2.55
N ILE B 235 35.32 -30.40 -1.47
CA ILE B 235 36.33 -30.06 -0.48
C ILE B 235 37.72 -30.53 -0.92
N GLN B 236 37.78 -31.44 -1.91
CA GLN B 236 39.05 -31.83 -2.48
C GLN B 236 39.62 -30.78 -3.42
N ASP B 237 38.84 -29.76 -3.75
CA ASP B 237 39.26 -28.67 -4.63
C ASP B 237 39.27 -27.31 -3.96
N ILE B 238 38.34 -27.04 -3.05
CA ILE B 238 38.25 -25.77 -2.36
C ILE B 238 38.05 -26.00 -0.86
N ASN B 239 38.89 -25.37 -0.05
CA ASN B 239 38.74 -25.31 1.39
C ASN B 239 38.46 -23.87 1.81
N ILE B 240 37.69 -23.72 2.89
CA ILE B 240 37.36 -22.41 3.44
C ILE B 240 37.89 -22.33 4.86
N THR B 241 38.67 -21.30 5.14
CA THR B 241 39.28 -21.06 6.44
C THR B 241 38.94 -19.62 6.85
N LEU B 242 39.08 -19.35 8.14
CA LEU B 242 38.83 -18.03 8.69
C LEU B 242 40.10 -17.19 8.65
N TRP B 243 39.97 -15.93 8.23
CA TRP B 243 41.10 -15.02 8.11
C TRP B 243 41.74 -14.78 9.47
N ARG B 244 40.99 -14.17 10.39
CA ARG B 244 41.47 -13.81 11.71
C ARG B 244 41.10 -14.89 12.72
N SER B 245 41.50 -14.66 13.97
CA SER B 245 41.09 -15.54 15.05
C SER B 245 39.59 -15.36 15.31
N PRO B 246 38.91 -16.41 15.79
CA PRO B 246 37.46 -16.29 16.02
C PRO B 246 37.09 -15.22 17.04
N GLU B 247 37.94 -14.97 18.03
CA GLU B 247 37.62 -14.01 19.08
C GLU B 247 37.49 -12.60 18.51
N GLU B 248 38.36 -12.23 17.56
CA GLU B 248 38.27 -10.92 16.94
C GLU B 248 36.97 -10.77 16.16
N VAL B 249 36.54 -11.82 15.46
CA VAL B 249 35.30 -11.76 14.71
C VAL B 249 34.10 -11.69 15.64
N ARG B 250 34.17 -12.33 16.81
CA ARG B 250 33.06 -12.28 17.75
C ARG B 250 32.76 -10.86 18.22
N SER B 251 33.79 -10.10 18.53
CA SER B 251 33.65 -8.73 19.05
C SER B 251 34.32 -7.78 18.06
N ASP B 252 33.57 -7.37 17.04
CA ASP B 252 34.07 -6.45 16.01
C ASP B 252 32.94 -5.47 15.71
N LYS B 253 32.92 -4.35 16.43
CA LYS B 253 31.93 -3.30 16.21
C LYS B 253 32.64 -2.00 15.85
N SER B 254 33.62 -2.09 14.95
CA SER B 254 34.44 -0.92 14.65
C SER B 254 33.70 0.09 13.79
N ILE B 255 32.91 -0.38 12.83
CA ILE B 255 32.27 0.50 11.85
C ILE B 255 30.75 0.37 11.88
N PHE B 256 30.19 -0.17 12.96
CA PHE B 256 28.76 -0.38 13.03
C PHE B 256 28.01 0.94 13.26
N ILE B 257 26.83 1.04 12.67
CA ILE B 257 25.96 2.20 12.86
C ILE B 257 25.04 1.92 14.04
N ASN B 258 25.14 2.73 15.08
CA ASN B 258 24.37 2.53 16.30
C ASN B 258 23.18 3.49 16.40
N GLN B 259 22.77 4.07 15.28
CA GLN B 259 21.66 5.03 15.27
C GLN B 259 20.41 4.44 14.61
N GLY B 260 20.31 3.12 14.55
CA GLY B 260 19.16 2.43 13.99
C GLY B 260 18.24 1.88 15.05
N GLU B 261 17.52 0.82 14.68
CA GLU B 261 16.57 0.16 15.56
C GLU B 261 17.14 -1.09 16.23
N TRP B 262 17.98 -1.84 15.53
CA TRP B 262 18.50 -3.10 16.03
C TRP B 262 19.95 -2.93 16.49
N GLU B 263 20.31 -3.66 17.54
CA GLU B 263 21.63 -3.58 18.15
C GLU B 263 22.37 -4.89 17.94
N LEU B 264 23.59 -4.80 17.42
CA LEU B 264 24.40 -5.98 17.18
C LEU B 264 25.05 -6.46 18.47
N LEU B 265 25.10 -7.77 18.66
CA LEU B 265 25.65 -8.38 19.86
C LEU B 265 26.85 -9.26 19.59
N GLU B 266 26.76 -10.16 18.61
CA GLU B 266 27.81 -11.15 18.39
C GLU B 266 27.71 -11.70 16.98
N VAL B 267 28.86 -11.89 16.35
CA VAL B 267 28.98 -12.59 15.07
C VAL B 267 29.84 -13.82 15.33
N PHE B 268 29.21 -15.00 15.36
CA PHE B 268 29.88 -16.22 15.77
C PHE B 268 30.19 -17.08 14.56
N PRO B 269 31.47 -17.21 14.16
CA PRO B 269 31.81 -18.10 13.05
C PRO B 269 31.79 -19.56 13.47
N GLN B 270 31.62 -20.42 12.46
CA GLN B 270 31.56 -21.86 12.71
C GLN B 270 31.88 -22.59 11.40
N PHE B 271 32.69 -23.64 11.50
CA PHE B 271 33.07 -24.45 10.36
C PHE B 271 32.32 -25.76 10.36
N LYS B 272 31.84 -26.17 9.19
CA LYS B 272 31.12 -27.42 9.03
C LYS B 272 31.47 -28.05 7.70
N GLU B 273 31.37 -29.38 7.64
CA GLU B 273 31.53 -30.13 6.40
C GLU B 273 30.15 -30.62 5.98
N PHE B 274 29.72 -30.22 4.78
CA PHE B 274 28.36 -30.44 4.33
C PHE B 274 28.33 -31.56 3.29
N SER B 275 27.40 -32.49 3.47
CA SER B 275 27.26 -33.61 2.54
C SER B 275 25.85 -34.19 2.69
N ILE B 276 25.09 -34.19 1.60
CA ILE B 276 23.78 -34.81 1.58
C ILE B 276 23.76 -36.04 0.66
N ASP B 277 24.93 -36.54 0.30
CA ASP B 277 25.05 -37.75 -0.50
C ASP B 277 26.36 -38.45 -0.16
N ILE B 278 26.47 -39.72 -0.55
CA ILE B 278 27.59 -40.55 -0.14
C ILE B 278 28.81 -40.38 -1.02
N SER B 279 28.80 -39.45 -1.97
CA SER B 279 29.91 -39.28 -2.91
C SER B 279 30.66 -37.98 -2.71
N ASN B 280 29.96 -36.85 -2.60
CA ASN B 280 30.58 -35.53 -2.59
C ASN B 280 30.36 -34.85 -1.25
N SER B 281 31.37 -34.09 -0.81
CA SER B 281 31.29 -33.30 0.41
C SER B 281 31.79 -31.90 0.13
N TYR B 282 31.27 -30.93 0.88
CA TYR B 282 31.53 -29.52 0.65
C TYR B 282 31.90 -28.85 1.96
N ALA B 283 32.62 -27.73 1.86
CA ALA B 283 33.10 -26.98 3.01
C ALA B 283 32.26 -25.71 3.17
N GLU B 284 31.78 -25.48 4.39
CA GLU B 284 30.94 -24.33 4.69
C GLU B 284 31.53 -23.54 5.86
N MET B 285 31.16 -22.27 5.93
CA MET B 285 31.58 -21.39 7.02
C MET B 285 30.36 -20.58 7.44
N LYS B 286 29.68 -21.04 8.50
CA LYS B 286 28.47 -20.38 8.96
C LYS B 286 28.80 -19.21 9.88
N PHE B 287 28.06 -18.13 9.72
CA PHE B 287 28.19 -16.95 10.57
C PHE B 287 26.83 -16.68 11.21
N TYR B 288 26.79 -16.71 12.54
CA TYR B 288 25.55 -16.45 13.27
C TYR B 288 25.55 -15.00 13.73
N VAL B 289 24.55 -14.24 13.32
CA VAL B 289 24.44 -12.82 13.62
C VAL B 289 23.39 -12.65 14.71
N ILE B 290 23.78 -12.02 15.81
CA ILE B 290 22.92 -11.83 16.97
C ILE B 290 22.49 -10.37 16.99
N ILE B 291 21.18 -10.12 16.96
CA ILE B 291 20.64 -8.77 16.98
C ILE B 291 19.59 -8.69 18.08
N ARG B 292 19.28 -7.45 18.46
CA ARG B 292 18.44 -7.20 19.63
C ARG B 292 17.69 -5.88 19.42
N ARG B 293 16.38 -5.90 19.65
CA ARG B 293 15.57 -4.73 19.43
C ARG B 293 15.75 -3.71 20.54
N ARG B 294 15.52 -2.43 20.21
CA ARG B 294 15.52 -1.37 21.19
C ARG B 294 14.08 -1.10 21.61
N PRO B 295 13.70 -1.34 22.86
CA PRO B 295 12.28 -1.36 23.24
C PRO B 295 11.69 -0.02 23.67
N LEU B 296 12.50 1.03 23.75
CA LEU B 296 12.02 2.31 24.25
C LEU B 296 10.82 2.83 23.48
N PHE B 297 10.95 2.92 22.16
CA PHE B 297 9.86 3.43 21.33
C PHE B 297 8.59 2.62 21.52
N TYR B 298 8.70 1.31 21.45
CA TYR B 298 7.51 0.46 21.56
C TYR B 298 6.93 0.49 22.96
N ALA B 299 7.77 0.69 23.96
CA ALA B 299 7.28 0.77 25.34
C ALA B 299 6.46 2.02 25.55
N VAL B 300 7.04 3.19 25.24
CA VAL B 300 6.34 4.44 25.49
C VAL B 300 5.12 4.60 24.58
N SER B 301 5.09 3.91 23.43
CA SER B 301 3.96 4.06 22.52
C SER B 301 2.85 3.04 22.73
N LEU B 302 3.12 1.93 23.42
CA LEU B 302 2.11 0.90 23.57
C LEU B 302 1.80 0.53 25.01
N LEU B 303 2.80 0.46 25.89
CA LEU B 303 2.59 -0.10 27.22
C LEU B 303 1.74 0.82 28.09
N LEU B 304 2.05 2.11 28.12
CA LEU B 304 1.31 3.03 28.98
C LEU B 304 -0.18 3.13 28.65
N PRO B 305 -0.61 3.24 27.38
CA PRO B 305 -2.05 3.09 27.12
C PRO B 305 -2.60 1.75 27.55
N SER B 306 -1.77 0.70 27.57
CA SER B 306 -2.17 -0.56 28.18
C SER B 306 -1.95 -0.58 29.69
N ILE B 307 -1.23 0.40 30.23
CA ILE B 307 -1.26 0.62 31.67
C ILE B 307 -2.57 1.27 32.09
N PHE B 308 -3.28 1.91 31.15
CA PHE B 308 -4.59 2.48 31.46
C PHE B 308 -5.67 1.43 31.79
N LEU B 309 -5.35 0.12 31.78
CA LEU B 309 -6.29 -0.85 32.32
C LEU B 309 -6.51 -0.65 33.81
N MET B 310 -5.50 -0.17 34.54
CA MET B 310 -5.76 0.19 35.93
C MET B 310 -6.69 1.39 36.03
N VAL B 311 -6.63 2.32 35.06
CA VAL B 311 -7.58 3.42 35.04
C VAL B 311 -9.00 2.91 34.84
N VAL B 312 -9.18 2.00 33.87
CA VAL B 312 -10.53 1.48 33.63
C VAL B 312 -11.00 0.63 34.81
N ASP B 313 -10.09 -0.09 35.47
CA ASP B 313 -10.48 -0.87 36.65
C ASP B 313 -10.91 0.04 37.79
N ILE B 314 -10.17 1.12 38.06
CA ILE B 314 -10.52 1.99 39.18
C ILE B 314 -11.73 2.87 38.86
N VAL B 315 -12.07 3.08 37.59
CA VAL B 315 -13.31 3.77 37.29
C VAL B 315 -14.51 2.83 37.18
N GLY B 316 -14.28 1.53 36.99
CA GLY B 316 -15.38 0.57 37.01
C GLY B 316 -15.63 -0.08 38.34
N PHE B 317 -14.71 0.04 39.29
CA PHE B 317 -14.88 -0.55 40.61
C PHE B 317 -15.75 0.33 41.51
N CYS B 318 -15.34 1.58 41.72
CA CYS B 318 -15.99 2.45 42.70
C CYS B 318 -17.35 2.96 42.24
N LEU B 319 -17.63 2.86 40.95
CA LEU B 319 -18.91 3.31 40.40
C LEU B 319 -20.00 2.28 40.70
N PRO B 320 -21.20 2.73 41.18
CA PRO B 320 -22.19 1.71 41.54
C PRO B 320 -22.38 0.62 40.49
N PRO B 321 -22.28 -0.66 40.92
CA PRO B 321 -22.37 -1.73 39.92
C PRO B 321 -23.80 -1.92 39.45
N ASP B 322 -24.76 -1.62 40.30
CA ASP B 322 -26.17 -1.76 39.94
C ASP B 322 -26.57 -0.71 38.91
N SER B 323 -27.85 -0.73 38.52
CA SER B 323 -28.34 0.20 37.52
C SER B 323 -27.92 1.64 37.79
N GLY B 324 -27.27 2.26 36.82
CA GLY B 324 -26.82 3.62 36.98
C GLY B 324 -26.19 4.14 35.71
N GLU B 325 -24.92 4.53 35.79
CA GLU B 325 -24.22 5.03 34.61
C GLU B 325 -23.12 4.09 34.14
N ARG B 326 -22.92 2.98 34.85
CA ARG B 326 -21.85 2.06 34.50
C ARG B 326 -22.02 1.42 33.11
N VAL B 327 -23.18 0.86 32.81
CA VAL B 327 -23.42 0.29 31.49
C VAL B 327 -22.95 1.24 30.40
N SER B 328 -23.38 2.51 30.46
CA SER B 328 -23.01 3.47 29.43
C SER B 328 -21.52 3.80 29.50
N PHE B 329 -20.97 3.95 30.70
CA PHE B 329 -19.59 4.37 30.83
C PHE B 329 -18.64 3.24 30.45
N LYS B 330 -19.00 2.00 30.79
CA LYS B 330 -18.30 0.82 30.31
C LYS B 330 -18.40 0.69 28.79
N ILE B 331 -19.54 1.02 28.20
CA ILE B 331 -19.64 1.03 26.74
C ILE B 331 -18.69 2.05 26.14
N THR B 332 -18.62 3.24 26.73
CA THR B 332 -17.70 4.26 26.21
C THR B 332 -16.25 3.82 26.34
N LEU B 333 -15.89 3.21 27.48
CA LEU B 333 -14.53 2.69 27.63
C LEU B 333 -14.25 1.55 26.68
N LEU B 334 -15.25 0.72 26.36
CA LEU B 334 -15.07 -0.32 25.37
C LEU B 334 -14.82 0.25 23.99
N LEU B 335 -15.57 1.30 23.61
CA LEU B 335 -15.29 1.96 22.34
C LEU B 335 -13.89 2.58 22.33
N GLY B 336 -13.47 3.18 23.43
CA GLY B 336 -12.12 3.74 23.50
C GLY B 336 -11.03 2.68 23.40
N TYR B 337 -11.20 1.57 24.12
CA TYR B 337 -10.23 0.48 24.12
C TYR B 337 -10.29 -0.35 22.85
N SER B 338 -11.35 -0.20 22.05
CA SER B 338 -11.36 -0.75 20.71
C SER B 338 -10.72 0.19 19.71
N VAL B 339 -10.88 1.50 19.88
CA VAL B 339 -10.17 2.47 19.06
C VAL B 339 -8.67 2.33 19.26
N PHE B 340 -8.24 2.05 20.49
CA PHE B 340 -6.82 1.83 20.77
C PHE B 340 -6.25 0.68 19.94
N LEU B 341 -6.90 -0.48 19.97
CA LEU B 341 -6.44 -1.60 19.16
C LEU B 341 -6.67 -1.39 17.67
N ILE B 342 -7.58 -0.50 17.29
CA ILE B 342 -7.67 -0.09 15.89
C ILE B 342 -6.38 0.63 15.48
N ILE B 343 -5.90 1.53 16.33
CA ILE B 343 -4.65 2.24 16.05
C ILE B 343 -3.45 1.29 16.12
N VAL B 344 -3.49 0.34 17.06
CA VAL B 344 -2.34 -0.53 17.31
C VAL B 344 -2.10 -1.46 16.11
N SER B 345 -3.17 -1.91 15.47
CA SER B 345 -3.04 -2.85 14.35
C SER B 345 -2.24 -2.27 13.19
N ASP B 346 -2.12 -0.95 13.12
CA ASP B 346 -1.28 -0.33 12.09
C ASP B 346 0.19 -0.27 12.48
N THR B 347 0.53 -0.61 13.73
CA THR B 347 1.90 -0.56 14.20
C THR B 347 2.47 -1.91 14.61
N LEU B 348 1.65 -2.84 15.09
CA LEU B 348 2.14 -4.16 15.45
C LEU B 348 2.53 -4.92 14.19
N PRO B 349 3.59 -5.74 14.25
CA PRO B 349 3.99 -6.51 13.07
C PRO B 349 3.00 -7.62 12.76
N ALA B 350 2.98 -8.01 11.49
CA ALA B 350 2.12 -9.08 11.01
C ALA B 350 2.97 -10.30 10.67
N THR B 351 2.56 -11.46 11.18
CA THR B 351 3.25 -12.70 10.90
C THR B 351 2.22 -13.82 10.88
N ALA B 352 2.33 -14.71 9.89
CA ALA B 352 1.35 -15.76 9.67
C ALA B 352 1.67 -17.04 10.42
N ILE B 353 2.74 -17.08 11.20
CA ILE B 353 3.08 -18.28 11.97
C ILE B 353 3.10 -18.04 13.47
N GLY B 354 3.06 -16.80 13.94
CA GLY B 354 3.08 -16.53 15.36
C GLY B 354 2.49 -15.19 15.68
N THR B 355 2.09 -15.03 16.95
CA THR B 355 1.53 -13.78 17.45
C THR B 355 2.22 -13.41 18.75
N PRO B 356 2.36 -12.11 19.02
CA PRO B 356 2.91 -11.69 20.31
C PRO B 356 1.98 -12.05 21.46
N LEU B 357 2.59 -12.30 22.62
CA LEU B 357 1.82 -12.61 23.82
C LEU B 357 1.03 -11.39 24.30
N ILE B 358 1.53 -10.19 24.00
CA ILE B 358 0.81 -8.96 24.36
C ILE B 358 -0.55 -8.92 23.66
N GLY B 359 -0.61 -9.39 22.41
CA GLY B 359 -1.89 -9.48 21.73
C GLY B 359 -2.84 -10.46 22.40
N VAL B 360 -2.30 -11.55 22.93
CA VAL B 360 -3.12 -12.51 23.68
C VAL B 360 -3.71 -11.84 24.92
N TYR B 361 -2.89 -11.07 25.64
CA TYR B 361 -3.41 -10.37 26.80
C TYR B 361 -4.44 -9.31 26.41
N PHE B 362 -4.23 -8.64 25.27
CA PHE B 362 -5.19 -7.65 24.81
C PHE B 362 -6.54 -8.29 24.48
N VAL B 363 -6.53 -9.43 23.78
CA VAL B 363 -7.80 -10.06 23.44
C VAL B 363 -8.46 -10.67 24.68
N VAL B 364 -7.68 -11.12 25.65
CA VAL B 364 -8.26 -11.58 26.92
C VAL B 364 -8.95 -10.43 27.63
N CYS B 365 -8.32 -9.26 27.64
CA CYS B 365 -8.96 -8.08 28.22
C CYS B 365 -10.24 -7.72 27.49
N MET B 366 -10.24 -7.84 26.16
CA MET B 366 -11.45 -7.58 25.38
C MET B 366 -12.57 -8.54 25.78
N ALA B 367 -12.25 -9.83 25.90
CA ALA B 367 -13.27 -10.81 26.25
C ALA B 367 -13.82 -10.56 27.65
N LEU B 368 -12.95 -10.20 28.60
CA LEU B 368 -13.40 -9.90 29.94
C LEU B 368 -14.27 -8.65 29.98
N LEU B 369 -13.93 -7.63 29.18
CA LEU B 369 -14.77 -6.44 29.10
C LEU B 369 -16.14 -6.77 28.53
N VAL B 370 -16.19 -7.62 27.50
CA VAL B 370 -17.47 -8.01 26.92
C VAL B 370 -18.32 -8.76 27.93
N ILE B 371 -17.71 -9.70 28.65
CA ILE B 371 -18.48 -10.45 29.65
C ILE B 371 -18.93 -9.54 30.78
N SER B 372 -18.13 -8.52 31.13
CA SER B 372 -18.55 -7.55 32.15
C SER B 372 -19.75 -6.76 31.69
N LEU B 373 -19.73 -6.29 30.45
CA LEU B 373 -20.85 -5.53 29.93
C LEU B 373 -22.11 -6.39 29.88
N ALA B 374 -21.98 -7.65 29.47
CA ALA B 374 -23.14 -8.53 29.42
C ALA B 374 -23.72 -8.77 30.80
N GLU B 375 -22.86 -9.03 31.79
CA GLU B 375 -23.32 -9.27 33.15
C GLU B 375 -24.01 -8.03 33.73
N THR B 376 -23.47 -6.83 33.43
CA THR B 376 -24.14 -5.61 33.85
C THR B 376 -25.51 -5.47 33.19
N ILE B 377 -25.63 -5.86 31.92
CA ILE B 377 -26.93 -5.79 31.26
C ILE B 377 -27.94 -6.72 31.93
N PHE B 378 -27.53 -7.95 32.24
CA PHE B 378 -28.46 -8.85 32.95
C PHE B 378 -28.86 -8.29 34.31
N ILE B 379 -27.90 -7.72 35.05
CA ILE B 379 -28.24 -7.20 36.38
C ILE B 379 -29.16 -5.99 36.28
N VAL B 380 -28.92 -5.10 35.31
CA VAL B 380 -29.81 -3.96 35.10
C VAL B 380 -31.21 -4.44 34.73
N ARG B 381 -31.29 -5.42 33.83
CA ARG B 381 -32.59 -5.89 33.35
C ARG B 381 -33.39 -6.57 34.46
N LEU B 382 -32.73 -7.36 35.31
CA LEU B 382 -33.45 -8.20 36.26
C LEU B 382 -34.16 -7.38 37.33
N VAL B 383 -33.48 -6.38 37.90
CA VAL B 383 -33.99 -5.69 39.08
C VAL B 383 -34.90 -4.53 38.69
N HIS B 384 -35.24 -4.43 37.40
CA HIS B 384 -36.08 -3.33 36.95
C HIS B 384 -37.20 -3.77 36.02
N LYS B 385 -37.34 -5.06 35.73
CA LYS B 385 -38.32 -5.56 34.77
C LYS B 385 -39.06 -6.77 35.34
N GLN B 386 -39.61 -6.61 36.55
CA GLN B 386 -40.43 -7.63 37.22
C GLN B 386 -39.64 -8.91 37.46
N ASP B 387 -38.65 -8.77 38.35
CA ASP B 387 -37.80 -9.87 38.78
C ASP B 387 -38.61 -11.06 39.29
N LEU B 388 -38.54 -12.18 38.57
CA LEU B 388 -39.13 -13.45 38.99
C LEU B 388 -38.08 -14.54 39.04
N GLN B 389 -36.92 -14.22 39.62
CA GLN B 389 -35.84 -15.18 39.75
C GLN B 389 -36.22 -16.29 40.73
N ARG B 390 -35.59 -17.44 40.56
CA ARG B 390 -35.83 -18.58 41.43
C ARG B 390 -35.35 -18.27 42.84
N PRO B 391 -36.20 -18.40 43.86
CA PRO B 391 -35.76 -18.09 45.24
C PRO B 391 -34.71 -19.06 45.75
N VAL B 392 -34.98 -20.36 45.63
CA VAL B 392 -34.07 -21.40 46.11
C VAL B 392 -33.80 -22.42 45.01
N PRO B 393 -33.08 -22.06 43.94
CA PRO B 393 -32.79 -23.03 42.88
C PRO B 393 -31.66 -23.96 43.31
N ASP B 394 -31.33 -24.91 42.42
CA ASP B 394 -30.27 -25.87 42.70
C ASP B 394 -28.89 -25.21 42.72
N TRP B 395 -28.74 -24.05 42.09
CA TRP B 395 -27.46 -23.35 42.08
C TRP B 395 -27.19 -22.60 43.37
N LEU B 396 -28.17 -22.47 44.26
CA LEU B 396 -27.97 -21.76 45.51
C LEU B 396 -26.96 -22.49 46.42
N ARG B 397 -26.95 -23.82 46.37
CA ARG B 397 -26.00 -24.59 47.16
C ARG B 397 -24.56 -24.25 46.78
N HIS B 398 -24.27 -24.22 45.47
CA HIS B 398 -22.93 -23.86 45.02
C HIS B 398 -22.67 -22.36 45.19
N LEU B 399 -23.73 -21.55 45.18
CA LEU B 399 -23.57 -20.12 45.44
C LEU B 399 -23.11 -19.86 46.86
N VAL B 400 -23.64 -20.62 47.83
CA VAL B 400 -23.33 -20.38 49.24
C VAL B 400 -22.23 -21.29 49.77
N LEU B 401 -21.81 -22.32 49.02
CA LEU B 401 -20.81 -23.25 49.55
C LEU B 401 -19.43 -22.62 49.65
N ASP B 402 -18.98 -21.93 48.60
CA ASP B 402 -17.61 -21.44 48.54
C ASP B 402 -17.46 -19.99 48.11
N ARG B 403 -18.45 -19.39 47.46
CA ARG B 403 -18.31 -18.01 47.00
C ARG B 403 -18.26 -17.04 48.17
N ILE B 404 -19.14 -17.23 49.15
CA ILE B 404 -19.17 -16.34 50.31
C ILE B 404 -17.93 -16.50 51.19
N ALA B 405 -17.19 -17.60 51.03
CA ALA B 405 -15.96 -17.81 51.77
C ALA B 405 -14.75 -17.26 51.03
N TRP B 406 -14.64 -17.55 49.74
CA TRP B 406 -13.51 -17.07 48.96
C TRP B 406 -13.57 -15.57 48.76
N ILE B 407 -14.70 -15.06 48.30
CA ILE B 407 -14.86 -13.63 48.06
C ILE B 407 -16.03 -13.09 48.87
N LEU B 472 -77.56 10.64 54.68
CA LEU B 472 -78.03 10.13 53.40
C LEU B 472 -76.85 9.76 52.51
N ALA B 473 -76.18 10.77 51.96
CA ALA B 473 -75.03 10.59 51.09
C ALA B 473 -73.70 10.72 51.83
N VAL B 474 -73.73 10.88 53.16
CA VAL B 474 -72.49 11.04 53.90
C VAL B 474 -71.68 9.74 53.89
N ARG B 475 -72.36 8.59 53.94
CA ARG B 475 -71.66 7.31 53.92
C ARG B 475 -70.92 7.11 52.60
N GLY B 476 -71.56 7.43 51.47
CA GLY B 476 -70.89 7.34 50.19
C GLY B 476 -69.73 8.32 50.06
N LEU B 477 -69.86 9.50 50.66
CA LEU B 477 -68.78 10.47 50.62
C LEU B 477 -67.54 9.96 51.34
N LEU B 478 -67.72 9.39 52.53
CA LEU B 478 -66.60 8.80 53.24
C LEU B 478 -66.05 7.58 52.49
N GLN B 479 -66.92 6.79 51.87
CA GLN B 479 -66.47 5.64 51.11
C GLN B 479 -65.58 6.06 49.93
N GLU B 480 -66.01 7.08 49.18
CA GLU B 480 -65.20 7.53 48.05
C GLU B 480 -63.94 8.25 48.53
N LEU B 481 -63.99 8.92 49.68
CA LEU B 481 -62.77 9.51 50.23
C LEU B 481 -61.75 8.43 50.59
N SER B 482 -62.21 7.35 51.21
CA SER B 482 -61.31 6.24 51.52
C SER B 482 -60.80 5.59 50.23
N SER B 483 -61.64 5.52 49.20
CA SER B 483 -61.19 4.96 47.93
C SER B 483 -60.11 5.81 47.28
N ILE B 484 -60.28 7.14 47.30
CA ILE B 484 -59.30 8.03 46.66
C ILE B 484 -58.10 8.32 47.54
N ARG B 485 -58.13 7.92 48.81
CA ARG B 485 -56.96 8.08 49.66
C ARG B 485 -55.79 7.19 49.25
N HIS B 486 -56.01 6.22 48.36
CA HIS B 486 -54.98 5.29 47.93
C HIS B 486 -53.98 5.90 46.94
N PHE B 487 -54.20 7.14 46.51
CA PHE B 487 -53.29 7.79 45.57
C PHE B 487 -51.90 7.95 46.18
N LEU B 488 -51.82 8.20 47.49
CA LEU B 488 -50.52 8.32 48.16
C LEU B 488 -49.73 7.02 48.05
N GLU B 489 -50.37 5.89 48.32
CA GLU B 489 -49.70 4.60 48.18
C GLU B 489 -49.34 4.31 46.74
N LYS B 490 -50.23 4.63 45.80
CA LYS B 490 -49.96 4.38 44.39
C LYS B 490 -48.80 5.23 43.89
N ARG B 491 -48.58 6.40 44.49
CA ARG B 491 -47.41 7.20 44.16
C ARG B 491 -46.16 6.76 44.93
N ASP B 492 -46.32 6.11 46.07
CA ASP B 492 -45.16 5.76 46.88
C ASP B 492 -44.65 4.34 46.65
N GLU B 493 -45.55 3.38 46.44
CA GLU B 493 -45.14 1.98 46.30
C GLU B 493 -44.69 1.63 44.88
N MET B 494 -43.67 2.32 44.38
CA MET B 494 -43.13 2.01 43.05
C MET B 494 -41.64 1.76 43.22
N ARG B 495 -40.98 2.60 43.99
CA ARG B 495 -39.55 2.42 44.26
C ARG B 495 -39.33 1.17 45.08
N GLU B 496 -40.12 0.98 46.13
CA GLU B 496 -40.00 -0.22 46.96
C GLU B 496 -40.21 -1.47 46.13
N VAL B 497 -41.10 -1.42 45.14
CA VAL B 497 -41.27 -2.55 44.23
C VAL B 497 -40.01 -2.77 43.39
N ALA B 498 -39.43 -1.68 42.87
CA ALA B 498 -38.40 -1.77 41.85
C ALA B 498 -36.97 -1.71 42.37
N ARG B 499 -36.77 -1.76 43.70
CA ARG B 499 -35.41 -1.69 44.24
C ARG B 499 -35.01 -2.94 45.01
N ASP B 500 -35.18 -4.12 44.41
CA ASP B 500 -35.20 -5.37 45.18
C ASP B 500 -33.80 -5.90 45.52
N TRP B 501 -33.01 -6.30 44.52
CA TRP B 501 -31.99 -7.34 44.74
C TRP B 501 -30.60 -6.91 44.26
N LEU B 502 -30.17 -5.72 44.68
CA LEU B 502 -28.77 -5.33 44.49
C LEU B 502 -27.81 -6.27 45.21
N ARG B 503 -28.28 -6.86 46.32
CA ARG B 503 -27.45 -7.78 47.08
C ARG B 503 -27.00 -8.94 46.22
N VAL B 504 -27.90 -9.58 45.49
CA VAL B 504 -27.50 -10.78 44.73
C VAL B 504 -26.71 -10.43 43.45
N GLY B 505 -26.95 -9.24 42.91
CA GLY B 505 -26.27 -8.84 41.69
C GLY B 505 -24.76 -8.71 41.82
N TYR B 506 -24.29 -8.32 42.99
CA TYR B 506 -22.87 -8.14 43.20
C TYR B 506 -22.10 -9.47 43.26
N VAL B 507 -22.77 -10.58 43.48
CA VAL B 507 -22.02 -11.83 43.61
C VAL B 507 -21.21 -12.10 42.32
N LEU B 508 -21.54 -11.40 41.23
CA LEU B 508 -20.85 -11.65 39.97
C LEU B 508 -19.90 -10.52 39.64
N ASP B 509 -20.28 -9.28 39.96
CA ASP B 509 -19.39 -8.14 39.78
C ASP B 509 -18.13 -8.28 40.63
N ARG B 510 -18.29 -8.74 41.88
CA ARG B 510 -17.11 -8.94 42.73
C ARG B 510 -16.18 -9.98 42.15
N LEU B 511 -16.73 -11.11 41.69
CA LEU B 511 -15.89 -12.16 41.10
C LEU B 511 -15.18 -11.65 39.84
N LEU B 512 -15.89 -10.87 39.02
CA LEU B 512 -15.29 -10.36 37.80
C LEU B 512 -14.20 -9.32 38.08
N PHE B 513 -14.38 -8.53 39.14
CA PHE B 513 -13.32 -7.64 39.59
C PHE B 513 -12.08 -8.44 40.00
N ARG B 514 -12.29 -9.55 40.70
CA ARG B 514 -11.17 -10.45 41.02
C ARG B 514 -10.48 -10.92 39.75
N ILE B 515 -11.26 -11.27 38.73
CA ILE B 515 -10.67 -11.74 37.46
C ILE B 515 -9.84 -10.64 36.82
N TYR B 516 -10.33 -9.39 36.84
CA TYR B 516 -9.54 -8.27 36.32
C TYR B 516 -8.21 -8.13 37.04
N LEU B 517 -8.22 -8.20 38.37
CA LEU B 517 -6.96 -8.05 39.10
C LEU B 517 -5.98 -9.18 38.80
N LEU B 518 -6.47 -10.43 38.70
CA LEU B 518 -5.57 -11.53 38.33
C LEU B 518 -5.00 -11.33 36.92
N ALA B 519 -5.83 -10.86 35.97
CA ALA B 519 -5.32 -10.62 34.62
C ALA B 519 -4.25 -9.54 34.61
N VAL B 520 -4.45 -8.46 35.37
CA VAL B 520 -3.46 -7.40 35.43
C VAL B 520 -2.16 -7.90 36.06
N LEU B 521 -2.26 -8.71 37.12
CA LEU B 521 -1.07 -9.27 37.74
C LEU B 521 -0.30 -10.15 36.76
N ALA B 522 -1.01 -10.98 35.99
CA ALA B 522 -0.35 -11.81 34.99
C ALA B 522 0.34 -10.98 33.93
N TYR B 523 -0.31 -9.91 33.48
CA TYR B 523 0.31 -9.02 32.50
C TYR B 523 1.60 -8.40 33.04
N SER B 524 1.56 -7.92 34.29
CA SER B 524 2.74 -7.31 34.89
C SER B 524 3.88 -8.31 35.02
N ILE B 525 3.58 -9.52 35.51
CA ILE B 525 4.66 -10.48 35.74
C ILE B 525 5.26 -10.96 34.42
N THR B 526 4.42 -11.13 33.39
CA THR B 526 4.98 -11.55 32.10
C THR B 526 5.79 -10.43 31.45
N LEU B 527 5.39 -9.17 31.62
CA LEU B 527 6.19 -8.07 31.10
C LEU B 527 7.55 -8.00 31.80
N VAL B 528 7.56 -8.19 33.13
CA VAL B 528 8.81 -8.16 33.87
C VAL B 528 9.73 -9.30 33.44
N THR B 529 9.18 -10.50 33.28
CA THR B 529 10.04 -11.62 32.88
C THR B 529 10.54 -11.47 31.46
N LEU B 530 9.76 -10.87 30.56
CA LEU B 530 10.25 -10.62 29.21
C LEU B 530 11.40 -9.61 29.23
N TRP B 531 11.27 -8.56 30.05
CA TRP B 531 12.37 -7.60 30.18
C TRP B 531 13.62 -8.26 30.75
N SER B 532 13.44 -9.17 31.71
CA SER B 532 14.59 -9.85 32.30
C SER B 532 15.30 -10.73 31.27
N ILE B 533 14.54 -11.46 30.47
CA ILE B 533 15.15 -12.29 29.42
C ILE B 533 15.86 -11.41 28.39
N TRP B 534 15.27 -10.26 28.07
CA TRP B 534 15.92 -9.32 27.15
C TRP B 534 17.23 -8.79 27.70
N HIS B 535 17.24 -8.45 29.00
CA HIS B 535 18.42 -7.83 29.60
C HIS B 535 19.54 -8.83 29.82
N TYR B 536 19.22 -10.09 30.12
CA TYR B 536 20.26 -11.07 30.34
C TYR B 536 20.96 -11.53 29.06
N SER B 537 20.48 -11.11 27.89
CA SER B 537 21.07 -11.53 26.63
C SER B 537 22.31 -10.74 26.24
N GLU B 538 22.67 -9.71 26.99
CA GLU B 538 23.83 -8.88 26.66
C GLU B 538 25.14 -9.49 27.14
N ASN B 539 25.10 -10.60 27.88
CA ASN B 539 26.33 -11.23 28.35
C ASN B 539 27.17 -11.76 27.18
N LEU B 540 26.52 -12.33 26.18
CA LEU B 540 27.23 -12.86 25.01
C LEU B 540 27.79 -11.73 24.15
N THR C 82 50.66 14.39 -42.04
CA THR C 82 50.47 13.60 -43.25
C THR C 82 49.07 13.82 -43.85
N THR C 83 48.74 13.04 -44.87
CA THR C 83 47.42 13.15 -45.49
C THR C 83 46.31 12.65 -44.57
N GLN C 84 46.65 11.76 -43.66
CA GLN C 84 45.67 11.21 -42.73
C GLN C 84 45.22 12.34 -41.80
N PRO C 85 43.91 12.46 -41.51
CA PRO C 85 43.48 13.53 -40.59
C PRO C 85 44.02 13.36 -39.18
N ALA C 86 44.14 14.49 -38.49
CA ALA C 86 44.94 14.56 -37.26
C ALA C 86 44.35 13.72 -36.14
N LEU C 87 43.03 13.80 -35.93
CA LEU C 87 42.42 13.14 -34.78
C LEU C 87 42.57 11.63 -34.86
N LEU C 88 42.41 11.06 -36.06
CA LEU C 88 42.47 9.61 -36.22
C LEU C 88 43.87 9.09 -35.91
N ARG C 89 44.90 9.73 -36.46
CA ARG C 89 46.26 9.24 -36.20
C ARG C 89 46.72 9.59 -34.80
N LEU C 90 46.20 10.66 -34.20
CA LEU C 90 46.49 10.92 -32.79
C LEU C 90 45.91 9.82 -31.90
N SER C 91 44.67 9.40 -32.17
CA SER C 91 44.07 8.31 -31.42
C SER C 91 44.82 7.01 -31.65
N ASP C 92 45.29 6.78 -32.89
CA ASP C 92 46.10 5.60 -33.17
C ASP C 92 47.40 5.63 -32.38
N HIS C 93 48.06 6.80 -32.33
CA HIS C 93 49.33 6.91 -31.61
C HIS C 93 49.13 6.73 -30.11
N LEU C 94 48.01 7.21 -29.57
CA LEU C 94 47.79 7.10 -28.13
C LEU C 94 47.33 5.70 -27.73
N LEU C 95 46.20 5.26 -28.28
CA LEU C 95 45.54 4.07 -27.74
C LEU C 95 46.23 2.77 -28.12
N ALA C 96 46.88 2.72 -29.29
CA ALA C 96 47.62 1.52 -29.65
C ALA C 96 48.86 1.38 -28.77
N ASN C 97 49.16 0.14 -28.40
CA ASN C 97 50.24 -0.18 -27.46
C ASN C 97 50.01 0.57 -26.14
N TYR C 98 48.77 0.57 -25.68
CA TYR C 98 48.41 1.15 -24.39
C TYR C 98 47.65 0.08 -23.60
N LYS C 99 48.13 -0.24 -22.40
CA LYS C 99 47.59 -1.33 -21.61
C LYS C 99 46.68 -0.77 -20.53
N LYS C 100 45.37 -0.89 -20.74
CA LYS C 100 44.40 -0.59 -19.70
C LYS C 100 44.44 -1.66 -18.63
N GLY C 101 44.45 -1.25 -17.37
CA GLY C 101 44.56 -2.18 -16.25
C GLY C 101 45.81 -2.01 -15.42
N VAL C 102 46.70 -1.10 -15.78
CA VAL C 102 47.89 -0.79 -15.00
C VAL C 102 47.83 0.68 -14.60
N ARG C 103 48.23 0.98 -13.38
CA ARG C 103 48.15 2.35 -12.89
C ARG C 103 49.11 3.24 -13.67
N PRO C 104 48.62 4.34 -14.24
CA PRO C 104 49.45 5.15 -15.16
C PRO C 104 50.46 6.04 -14.44
N VAL C 105 51.52 5.40 -13.94
CA VAL C 105 52.66 6.11 -13.35
C VAL C 105 53.94 5.48 -13.88
N ARG C 106 54.93 6.34 -14.16
CA ARG C 106 56.25 5.84 -14.55
C ARG C 106 57.03 5.34 -13.34
N ASP C 107 56.88 5.99 -12.19
CA ASP C 107 57.48 5.54 -10.94
C ASP C 107 56.35 5.12 -10.01
N TRP C 108 56.41 3.87 -9.53
CA TRP C 108 55.32 3.30 -8.76
C TRP C 108 55.25 3.83 -7.33
N ARG C 109 56.26 4.57 -6.87
CA ARG C 109 56.25 5.13 -5.53
C ARG C 109 55.43 6.42 -5.43
N LYS C 110 54.96 6.96 -6.54
CA LYS C 110 54.18 8.19 -6.52
C LYS C 110 52.71 7.87 -6.66
N PRO C 111 51.88 8.13 -5.65
CA PRO C 111 50.45 7.86 -5.77
C PRO C 111 49.79 8.80 -6.76
N THR C 112 48.73 8.31 -7.40
CA THR C 112 47.93 9.12 -8.29
C THR C 112 46.90 9.91 -7.48
N THR C 113 46.67 11.16 -7.89
CA THR C 113 45.80 12.07 -7.16
C THR C 113 44.55 12.36 -7.97
N VAL C 114 43.39 12.13 -7.36
CA VAL C 114 42.09 12.39 -7.98
C VAL C 114 41.49 13.60 -7.30
N SER C 115 41.18 14.62 -8.08
CA SER C 115 40.59 15.87 -7.59
C SER C 115 39.12 15.87 -7.96
N ILE C 116 38.25 15.70 -6.97
CA ILE C 116 36.83 15.51 -7.20
C ILE C 116 36.07 16.78 -6.85
N ASP C 117 34.84 16.88 -7.38
CA ASP C 117 33.96 17.99 -7.12
C ASP C 117 32.53 17.48 -7.08
N VAL C 118 31.68 18.18 -6.31
CA VAL C 118 30.29 17.80 -6.12
C VAL C 118 29.43 19.02 -6.30
N ILE C 119 28.42 18.93 -7.18
CA ILE C 119 27.46 20.00 -7.41
C ILE C 119 26.07 19.45 -7.12
N MET C 120 25.29 20.22 -6.37
CA MET C 120 23.98 19.78 -5.88
C MET C 120 22.89 20.18 -6.86
N TYR C 121 22.04 19.21 -7.20
CA TYR C 121 20.94 19.45 -8.14
C TYR C 121 19.57 19.39 -7.48
N ALA C 122 19.23 18.27 -6.83
CA ALA C 122 17.89 18.12 -6.28
C ALA C 122 17.90 17.08 -5.17
N ILE C 123 16.91 17.18 -4.29
CA ILE C 123 16.66 16.20 -3.23
C ILE C 123 15.34 15.52 -3.59
N LEU C 124 15.43 14.31 -4.14
CA LEU C 124 14.25 13.67 -4.71
C LEU C 124 13.32 13.13 -3.62
N ASN C 125 13.88 12.51 -2.58
CA ASN C 125 13.06 11.89 -1.56
C ASN C 125 13.85 11.80 -0.27
N VAL C 126 13.16 12.01 0.85
CA VAL C 126 13.69 11.77 2.19
C VAL C 126 12.68 10.86 2.88
N ASP C 127 13.05 9.59 3.05
CA ASP C 127 12.07 8.58 3.43
C ASP C 127 11.68 8.70 4.91
N GLU C 128 12.67 8.95 5.77
CA GLU C 128 12.51 9.15 7.23
C GLU C 128 11.69 8.06 7.90
N LYS C 129 11.56 6.90 7.28
CA LYS C 129 11.04 5.68 7.86
C LYS C 129 11.98 4.50 7.69
N ASN C 130 12.65 4.42 6.54
CA ASN C 130 13.72 3.46 6.31
C ASN C 130 15.09 4.08 6.51
N GLN C 131 15.16 5.35 6.94
CA GLN C 131 16.41 6.05 7.21
C GLN C 131 17.30 6.11 5.97
N VAL C 132 16.73 6.61 4.88
CA VAL C 132 17.44 6.70 3.61
C VAL C 132 16.90 7.90 2.84
N LEU C 133 17.78 8.58 2.10
CA LEU C 133 17.39 9.70 1.27
C LEU C 133 17.88 9.48 -0.16
N THR C 134 17.13 10.00 -1.11
CA THR C 134 17.47 9.92 -2.52
C THR C 134 17.92 11.30 -3.00
N THR C 135 19.07 11.33 -3.69
CA THR C 135 19.68 12.58 -4.11
C THR C 135 20.18 12.45 -5.53
N TYR C 136 20.33 13.60 -6.20
CA TYR C 136 20.81 13.67 -7.57
C TYR C 136 21.93 14.72 -7.64
N ILE C 137 23.13 14.28 -8.01
CA ILE C 137 24.34 15.08 -7.91
C ILE C 137 25.08 15.07 -9.24
N TRP C 138 25.49 16.25 -9.70
CA TRP C 138 26.41 16.36 -10.82
C TRP C 138 27.84 16.22 -10.29
N TYR C 139 28.63 15.35 -10.92
CA TYR C 139 29.92 14.93 -10.39
C TYR C 139 30.99 15.03 -11.46
N ARG C 140 32.20 15.40 -11.05
CA ARG C 140 33.34 15.46 -11.95
C ARG C 140 34.62 15.23 -11.17
N GLN C 141 35.66 14.78 -11.88
CA GLN C 141 36.95 14.49 -11.27
C GLN C 141 38.01 14.47 -12.36
N TYR C 142 39.27 14.68 -11.96
CA TYR C 142 40.38 14.56 -12.90
C TYR C 142 41.59 13.95 -12.21
N TRP C 143 42.42 13.29 -13.01
CA TRP C 143 43.69 12.74 -12.55
C TRP C 143 44.69 12.86 -13.69
N THR C 144 45.91 12.40 -13.45
CA THR C 144 46.99 12.51 -14.42
C THR C 144 47.34 11.12 -14.95
N ASP C 145 47.32 10.98 -16.27
CA ASP C 145 47.66 9.73 -16.96
C ASP C 145 48.98 9.95 -17.69
N GLU C 146 50.06 9.41 -17.13
CA GLU C 146 51.39 9.70 -17.66
C GLU C 146 51.66 9.05 -19.00
N PHE C 147 50.85 8.08 -19.43
CA PHE C 147 51.04 7.41 -20.70
C PHE C 147 50.26 8.05 -21.84
N LEU C 148 49.45 9.06 -21.57
CA LEU C 148 48.71 9.78 -22.60
C LEU C 148 49.26 11.20 -22.67
N GLN C 149 50.35 11.36 -23.41
CA GLN C 149 50.99 12.65 -23.61
C GLN C 149 51.46 12.75 -25.04
N TRP C 150 51.40 13.96 -25.59
CA TRP C 150 51.82 14.18 -26.97
C TRP C 150 52.22 15.64 -27.15
N THR C 151 53.00 15.89 -28.19
CA THR C 151 53.35 17.25 -28.58
C THR C 151 52.32 17.77 -29.56
N PRO C 152 51.68 18.91 -29.28
CA PRO C 152 50.54 19.32 -30.12
C PRO C 152 50.89 19.59 -31.57
N GLU C 153 51.93 20.37 -31.84
CA GLU C 153 52.23 20.77 -33.22
C GLU C 153 52.63 19.61 -34.11
N ASP C 154 52.97 18.44 -33.54
CA ASP C 154 53.16 17.26 -34.37
C ASP C 154 51.84 16.79 -34.95
N PHE C 155 50.80 16.72 -34.13
CA PHE C 155 49.47 16.27 -34.55
C PHE C 155 48.58 17.45 -34.93
N ASP C 156 49.07 18.30 -35.83
CA ASP C 156 48.32 19.43 -36.39
C ASP C 156 47.84 20.40 -35.30
N ASN C 157 48.58 20.58 -34.23
CA ASN C 157 48.22 21.58 -33.20
C ASN C 157 46.82 21.48 -32.61
N VAL C 158 46.48 20.31 -32.09
CA VAL C 158 45.24 20.11 -31.35
C VAL C 158 45.60 19.80 -29.91
N THR C 159 44.84 20.37 -28.97
CA THR C 159 45.18 20.32 -27.56
C THR C 159 44.08 19.69 -26.70
N LYS C 160 43.19 18.91 -27.30
CA LYS C 160 42.12 18.24 -26.57
C LYS C 160 41.45 17.23 -27.48
N LEU C 161 41.06 16.09 -26.93
CA LEU C 161 40.26 15.11 -27.66
C LEU C 161 39.48 14.27 -26.66
N SER C 162 38.48 13.57 -27.18
CA SER C 162 37.64 12.69 -26.38
C SER C 162 37.81 11.26 -26.86
N ILE C 163 38.04 10.35 -25.93
CA ILE C 163 38.22 8.93 -26.24
C ILE C 163 37.32 8.11 -25.32
N PRO C 164 36.94 6.90 -25.74
CA PRO C 164 36.01 6.11 -24.92
C PRO C 164 36.57 5.78 -23.54
N THR C 165 35.66 5.70 -22.57
CA THR C 165 36.05 5.47 -21.18
C THR C 165 36.59 4.06 -20.99
N ASP C 166 36.01 3.08 -21.68
CA ASP C 166 36.40 1.67 -21.52
C ASP C 166 37.76 1.34 -22.14
N SER C 167 38.51 2.30 -22.65
CA SER C 167 39.81 2.02 -23.25
C SER C 167 40.97 2.61 -22.46
N ILE C 168 40.72 3.19 -21.28
CA ILE C 168 41.76 3.76 -20.44
C ILE C 168 41.53 3.32 -19.00
N TRP C 169 42.47 3.70 -18.14
CA TRP C 169 42.41 3.34 -16.73
C TRP C 169 41.53 4.32 -15.97
N VAL C 170 40.56 3.81 -15.22
CA VAL C 170 39.62 4.62 -14.47
C VAL C 170 39.65 4.17 -13.02
N PRO C 171 39.86 5.07 -12.06
CA PRO C 171 39.88 4.65 -10.65
C PRO C 171 38.50 4.28 -10.15
N ASP C 172 38.48 3.53 -9.05
CA ASP C 172 37.24 3.07 -8.42
C ASP C 172 36.96 3.93 -7.20
N ILE C 173 36.09 4.92 -7.37
CA ILE C 173 35.66 5.79 -6.29
C ILE C 173 34.22 5.45 -5.96
N LEU C 174 33.95 5.06 -4.73
CA LEU C 174 32.64 4.60 -4.29
C LEU C 174 32.22 5.34 -3.04
N ILE C 175 30.92 5.32 -2.77
CA ILE C 175 30.35 5.85 -1.54
C ILE C 175 30.28 4.73 -0.51
N ASN C 176 30.70 5.01 0.72
CA ASN C 176 30.67 3.99 1.76
C ASN C 176 29.25 3.58 2.10
N GLU C 177 28.35 4.55 2.22
CA GLU C 177 26.96 4.30 2.60
C GLU C 177 26.07 4.44 1.38
N PHE C 178 25.45 3.32 0.99
CA PHE C 178 24.55 3.29 -0.15
C PHE C 178 23.67 2.06 0.00
N VAL C 179 22.43 2.18 -0.46
CA VAL C 179 21.47 1.10 -0.38
C VAL C 179 21.23 0.46 -1.75
N ASP C 180 21.12 1.29 -2.79
CA ASP C 180 20.87 0.77 -4.14
C ASP C 180 21.34 1.80 -5.15
N VAL C 181 22.27 1.41 -6.01
CA VAL C 181 22.72 2.25 -7.12
C VAL C 181 22.60 1.43 -8.39
N GLY C 182 22.47 2.13 -9.51
CA GLY C 182 22.32 1.46 -10.79
C GLY C 182 21.37 2.14 -11.74
N LYS C 183 20.65 3.15 -11.27
CA LYS C 183 19.77 3.94 -12.13
C LYS C 183 20.46 5.17 -12.70
N SER C 184 21.76 5.32 -12.47
CA SER C 184 22.54 6.40 -13.07
C SER C 184 23.28 5.87 -14.28
N PRO C 185 23.08 6.43 -15.47
CA PRO C 185 23.73 5.89 -16.66
C PRO C 185 25.22 6.23 -16.68
N ASN C 186 25.91 5.60 -17.63
CA ASN C 186 27.34 5.81 -17.82
C ASN C 186 27.59 6.72 -19.03
N ILE C 187 28.67 7.49 -18.94
CA ILE C 187 29.09 8.40 -19.99
C ILE C 187 30.32 7.79 -20.66
N PRO C 188 30.20 7.28 -21.90
CA PRO C 188 31.33 6.58 -22.51
C PRO C 188 32.30 7.50 -23.24
N TYR C 189 32.64 8.64 -22.65
CA TYR C 189 33.54 9.59 -23.26
C TYR C 189 34.21 10.42 -22.18
N VAL C 190 35.52 10.61 -22.31
CA VAL C 190 36.30 11.45 -21.40
C VAL C 190 37.27 12.29 -22.21
N TYR C 191 37.44 13.55 -21.81
CA TYR C 191 38.50 14.38 -22.37
C TYR C 191 39.86 13.97 -21.84
N VAL C 192 40.82 13.86 -22.74
CA VAL C 192 42.24 13.79 -22.40
C VAL C 192 42.88 15.06 -22.92
N HIS C 193 42.93 16.10 -22.08
CA HIS C 193 43.28 17.43 -22.54
C HIS C 193 44.70 17.50 -23.09
N HIS C 194 45.69 17.38 -22.21
CA HIS C 194 47.08 17.60 -22.58
C HIS C 194 47.94 17.26 -21.38
N ARG C 195 49.15 16.74 -21.62
CA ARG C 195 50.08 16.35 -20.57
C ARG C 195 49.48 15.34 -19.59
N GLY C 196 48.50 14.58 -20.05
CA GLY C 196 47.89 13.54 -19.25
C GLY C 196 46.68 13.95 -18.44
N GLU C 197 46.13 15.14 -18.67
CA GLU C 197 44.97 15.61 -17.92
C GLU C 197 43.72 14.94 -18.46
N VAL C 198 43.13 14.04 -17.68
CA VAL C 198 41.93 13.31 -18.07
C VAL C 198 40.78 13.75 -17.17
N GLN C 199 39.64 14.08 -17.78
CA GLN C 199 38.49 14.60 -17.05
C GLN C 199 37.28 13.72 -17.30
N ASN C 200 36.53 13.42 -16.24
CA ASN C 200 35.35 12.58 -16.30
C ASN C 200 34.15 13.35 -15.76
N TYR C 201 33.07 13.39 -16.54
CA TYR C 201 31.83 14.05 -16.15
C TYR C 201 30.73 13.01 -16.12
N LYS C 202 29.97 12.97 -15.01
CA LYS C 202 28.91 11.97 -14.91
C LYS C 202 27.86 12.41 -13.92
N PRO C 203 26.59 12.10 -14.17
CA PRO C 203 25.56 12.29 -13.14
C PRO C 203 25.57 11.13 -12.14
N LEU C 204 24.86 11.33 -11.03
CA LEU C 204 24.81 10.32 -9.97
C LEU C 204 23.41 10.25 -9.38
N GLN C 205 22.88 9.04 -9.32
CA GLN C 205 21.61 8.73 -8.66
C GLN C 205 21.95 7.95 -7.39
N LEU C 206 22.14 8.68 -6.29
CA LEU C 206 22.60 8.08 -5.04
C LEU C 206 21.43 7.88 -4.09
N VAL C 207 21.28 6.66 -3.58
CA VAL C 207 20.31 6.33 -2.55
C VAL C 207 21.11 5.88 -1.34
N THR C 208 21.38 6.82 -0.44
CA THR C 208 22.32 6.61 0.65
C THR C 208 21.60 6.59 2.00
N ALA C 209 22.02 5.69 2.88
CA ALA C 209 21.45 5.61 4.21
C ALA C 209 21.94 6.78 5.07
N CYS C 210 21.02 7.33 5.86
CA CYS C 210 21.35 8.43 6.75
C CYS C 210 20.50 8.33 8.01
N SER C 211 20.97 8.94 9.09
CA SER C 211 20.28 8.92 10.37
C SER C 211 19.37 10.13 10.42
N LEU C 212 18.09 9.93 10.13
CA LEU C 212 17.12 11.01 10.08
C LEU C 212 16.28 11.01 11.35
N ASP C 213 16.23 12.16 12.03
CA ASP C 213 15.45 12.32 13.25
C ASP C 213 14.31 13.31 13.00
N ILE C 214 13.17 13.05 13.63
CA ILE C 214 12.00 13.90 13.45
C ILE C 214 11.55 14.43 14.80
N TYR C 215 12.47 14.62 15.74
CA TYR C 215 12.08 15.11 17.06
C TYR C 215 11.31 16.41 16.92
N ASN C 216 11.79 17.31 16.06
CA ASN C 216 11.09 18.57 15.82
C ASN C 216 10.48 18.51 14.45
N PHE C 217 9.60 17.55 14.20
CA PHE C 217 9.06 17.34 12.84
C PHE C 217 8.75 18.59 11.98
N PRO C 218 7.88 19.50 12.45
CA PRO C 218 7.56 20.62 11.55
C PRO C 218 8.79 21.45 11.20
N PHE C 219 9.72 21.61 12.13
CA PHE C 219 10.90 22.43 11.89
C PHE C 219 12.19 21.62 11.92
N ASP C 220 12.36 20.70 10.97
CA ASP C 220 13.54 19.85 10.98
C ASP C 220 14.72 20.50 10.25
N VAL C 221 15.91 20.24 10.78
CA VAL C 221 17.17 20.54 10.10
C VAL C 221 18.02 19.29 10.16
N GLN C 222 18.37 18.74 9.00
CA GLN C 222 19.03 17.45 8.92
C GLN C 222 20.52 17.64 8.62
N ASN C 223 21.31 16.61 8.93
CA ASN C 223 22.77 16.70 8.86
C ASN C 223 23.27 15.35 8.35
N CYS C 224 23.35 15.21 7.03
CA CYS C 224 23.67 13.96 6.37
C CYS C 224 25.04 14.05 5.71
N SER C 225 25.69 12.89 5.55
CA SER C 225 27.05 12.81 5.05
C SER C 225 27.13 11.92 3.82
N LEU C 226 28.12 12.19 2.97
CA LEU C 226 28.52 11.33 1.87
C LEU C 226 30.03 11.21 1.86
N THR C 227 30.54 9.99 1.76
CA THR C 227 31.97 9.72 1.85
C THR C 227 32.46 9.14 0.53
N PHE C 228 33.47 9.77 -0.05
CA PHE C 228 34.10 9.31 -1.29
C PHE C 228 35.47 8.72 -0.97
N THR C 229 35.71 7.49 -1.40
CA THR C 229 37.02 6.86 -1.22
C THR C 229 37.16 5.72 -2.22
N SER C 230 38.36 5.16 -2.26
CA SER C 230 38.65 3.98 -3.07
C SER C 230 38.54 2.74 -2.20
N TRP C 231 37.80 1.74 -2.70
CA TRP C 231 37.53 0.56 -1.88
C TRP C 231 38.72 -0.38 -1.77
N LEU C 232 39.67 -0.32 -2.68
CA LEU C 232 40.81 -1.24 -2.66
C LEU C 232 42.14 -0.51 -2.45
N HIS C 233 42.39 0.55 -3.21
CA HIS C 233 43.70 1.18 -3.22
C HIS C 233 43.92 1.97 -1.94
N THR C 234 45.12 1.82 -1.36
CA THR C 234 45.48 2.51 -0.14
C THR C 234 45.89 3.94 -0.47
N ILE C 235 46.41 4.65 0.53
CA ILE C 235 46.79 6.04 0.33
C ILE C 235 48.15 6.16 -0.34
N GLN C 236 48.94 5.08 -0.33
CA GLN C 236 50.19 5.05 -1.05
C GLN C 236 50.00 4.89 -2.55
N ASP C 237 48.78 4.60 -2.99
CA ASP C 237 48.45 4.44 -4.40
C ASP C 237 47.44 5.47 -4.91
N ILE C 238 46.48 5.87 -4.09
CA ILE C 238 45.46 6.83 -4.50
C ILE C 238 45.30 7.89 -3.40
N ASN C 239 45.37 9.16 -3.80
CA ASN C 239 45.05 10.30 -2.97
C ASN C 239 43.82 11.00 -3.51
N ILE C 240 43.03 11.59 -2.61
CA ILE C 240 41.83 12.32 -2.99
C ILE C 240 41.98 13.76 -2.53
N THR C 241 41.81 14.70 -3.45
CA THR C 241 41.92 16.13 -3.20
C THR C 241 40.66 16.80 -3.71
N LEU C 242 40.41 18.02 -3.25
CA LEU C 242 39.25 18.80 -3.68
C LEU C 242 39.61 19.63 -4.90
N TRP C 243 38.71 19.66 -5.87
CA TRP C 243 38.92 20.39 -7.13
C TRP C 243 39.05 21.88 -6.86
N ARG C 244 37.99 22.48 -6.34
CA ARG C 244 37.93 23.92 -6.11
C ARG C 244 38.28 24.22 -4.65
N SER C 245 38.25 25.51 -4.31
CA SER C 245 38.42 25.90 -2.92
C SER C 245 37.20 25.49 -2.12
N PRO C 246 37.37 25.22 -0.82
CA PRO C 246 36.21 24.79 0.00
C PRO C 246 35.09 25.81 0.06
N GLU C 247 35.42 27.11 0.00
CA GLU C 247 34.39 28.14 0.13
C GLU C 247 33.41 28.10 -1.03
N GLU C 248 33.90 27.84 -2.25
CA GLU C 248 33.00 27.72 -3.40
C GLU C 248 32.06 26.55 -3.26
N VAL C 249 32.56 25.42 -2.74
CA VAL C 249 31.71 24.25 -2.56
C VAL C 249 30.69 24.48 -1.45
N ARG C 250 31.04 25.27 -0.43
CA ARG C 250 30.09 25.55 0.65
C ARG C 250 28.85 26.28 0.13
N SER C 251 29.03 27.27 -0.72
CA SER C 251 27.93 28.08 -1.25
C SER C 251 27.88 27.90 -2.76
N ASP C 252 27.20 26.85 -3.20
CA ASP C 252 27.05 26.56 -4.63
C ASP C 252 25.60 26.12 -4.84
N LYS C 253 24.74 27.08 -5.16
CA LYS C 253 23.34 26.80 -5.45
C LYS C 253 23.00 27.26 -6.86
N SER C 254 23.87 26.96 -7.82
CA SER C 254 23.70 27.47 -9.17
C SER C 254 22.58 26.76 -9.91
N ILE C 255 22.45 25.46 -9.74
CA ILE C 255 21.50 24.65 -10.51
C ILE C 255 20.49 23.94 -9.62
N PHE C 256 20.33 24.39 -8.38
CA PHE C 256 19.43 23.71 -7.45
C PHE C 256 17.98 24.02 -7.79
N ILE C 257 17.12 23.02 -7.58
CA ILE C 257 15.68 23.18 -7.77
C ILE C 257 15.06 23.62 -6.45
N ASN C 258 14.46 24.81 -6.45
CA ASN C 258 13.89 25.40 -5.25
C ASN C 258 12.37 25.25 -5.19
N GLN C 259 11.80 24.34 -5.97
CA GLN C 259 10.36 24.13 -6.03
C GLN C 259 9.94 22.83 -5.36
N GLY C 260 10.77 22.29 -4.48
CA GLY C 260 10.49 21.07 -3.76
C GLY C 260 10.07 21.33 -2.32
N GLU C 261 10.33 20.33 -1.47
CA GLU C 261 9.98 20.40 -0.06
C GLU C 261 11.15 20.79 0.83
N TRP C 262 12.36 20.35 0.49
CA TRP C 262 13.53 20.58 1.31
C TRP C 262 14.40 21.66 0.71
N GLU C 263 15.04 22.46 1.57
CA GLU C 263 15.86 23.58 1.18
C GLU C 263 17.31 23.32 1.53
N LEU C 264 18.20 23.47 0.54
CA LEU C 264 19.62 23.24 0.74
C LEU C 264 20.25 24.44 1.44
N LEU C 265 21.16 24.18 2.37
CA LEU C 265 21.82 25.21 3.15
C LEU C 265 23.33 25.24 2.94
N GLU C 266 24.00 24.09 3.02
CA GLU C 266 25.46 24.07 2.99
C GLU C 266 25.92 22.67 2.62
N VAL C 267 26.97 22.61 1.79
CA VAL C 267 27.68 21.37 1.48
C VAL C 267 29.10 21.56 1.97
N PHE C 268 29.45 20.90 3.08
CA PHE C 268 30.73 21.14 3.75
C PHE C 268 31.69 20.00 3.47
N PRO C 269 32.73 20.21 2.67
CA PRO C 269 33.72 19.15 2.45
C PRO C 269 34.65 18.98 3.65
N GLN C 270 35.24 17.80 3.74
CA GLN C 270 36.15 17.47 4.83
C GLN C 270 37.04 16.31 4.41
N PHE C 271 38.33 16.41 4.72
CA PHE C 271 39.29 15.36 4.41
C PHE C 271 39.64 14.58 5.66
N LYS C 272 39.72 13.26 5.52
CA LYS C 272 40.07 12.38 6.62
C LYS C 272 40.92 11.23 6.10
N GLU C 273 41.76 10.69 6.99
CA GLU C 273 42.54 9.49 6.71
C GLU C 273 41.92 8.34 7.50
N PHE C 274 41.49 7.30 6.80
CA PHE C 274 40.71 6.22 7.39
C PHE C 274 41.58 4.99 7.57
N SER C 275 41.53 4.39 8.76
CA SER C 275 42.30 3.18 9.04
C SER C 275 41.66 2.47 10.22
N ILE C 276 41.24 1.22 10.02
CA ILE C 276 40.72 0.39 11.09
C ILE C 276 41.66 -0.79 11.38
N ASP C 277 42.90 -0.72 10.90
CA ASP C 277 43.90 -1.73 11.17
C ASP C 277 45.27 -1.08 11.14
N ILE C 278 46.27 -1.78 11.69
CA ILE C 278 47.60 -1.21 11.87
C ILE C 278 48.47 -1.33 10.63
N SER C 279 47.93 -1.79 9.51
CA SER C 279 48.73 -2.01 8.30
C SER C 279 48.37 -1.05 7.17
N ASN C 280 47.08 -0.91 6.88
CA ASN C 280 46.63 -0.17 5.70
C ASN C 280 45.83 1.06 6.11
N SER C 281 45.99 2.14 5.35
CA SER C 281 45.25 3.38 5.55
C SER C 281 44.69 3.86 4.22
N TYR C 282 43.56 4.56 4.29
CA TYR C 282 42.82 4.96 3.11
C TYR C 282 42.45 6.45 3.21
N ALA C 283 42.23 7.06 2.06
CA ALA C 283 41.92 8.48 1.96
C ALA C 283 40.44 8.66 1.67
N GLU C 284 39.78 9.53 2.44
CA GLU C 284 38.36 9.77 2.30
C GLU C 284 38.11 11.26 2.13
N MET C 285 36.96 11.58 1.54
CA MET C 285 36.53 12.96 1.35
C MET C 285 35.05 13.04 1.70
N LYS C 286 34.74 13.44 2.94
CA LYS C 286 33.37 13.49 3.40
C LYS C 286 32.70 14.79 2.98
N PHE C 287 31.45 14.69 2.57
CA PHE C 287 30.62 15.84 2.21
C PHE C 287 29.39 15.83 3.10
N TYR C 288 29.21 16.90 3.88
CA TYR C 288 28.06 17.03 4.76
C TYR C 288 27.01 17.90 4.08
N VAL C 289 25.83 17.35 3.88
CA VAL C 289 24.73 18.02 3.18
C VAL C 289 23.73 18.50 4.22
N ILE C 290 23.45 19.80 4.23
CA ILE C 290 22.56 20.42 5.20
C ILE C 290 21.26 20.73 4.48
N ILE C 291 20.15 20.20 4.99
CA ILE C 291 18.84 20.41 4.41
C ILE C 291 17.89 20.88 5.50
N ARG C 292 16.77 21.47 5.08
CA ARG C 292 15.84 22.12 6.00
C ARG C 292 14.45 22.06 5.42
N ARG C 293 13.48 21.64 6.24
CA ARG C 293 12.11 21.48 5.78
C ARG C 293 11.42 22.82 5.65
N ARG C 294 10.43 22.87 4.75
CA ARG C 294 9.58 24.04 4.62
C ARG C 294 8.31 23.82 5.42
N PRO C 295 8.04 24.59 6.47
CA PRO C 295 6.99 24.25 7.43
C PRO C 295 5.60 24.79 7.12
N LEU C 296 5.45 25.57 6.05
CA LEU C 296 4.17 26.20 5.74
C LEU C 296 3.05 25.19 5.61
N PHE C 297 3.25 24.20 4.73
CA PHE C 297 2.22 23.19 4.51
C PHE C 297 1.82 22.49 5.80
N TYR C 298 2.81 22.03 6.57
CA TYR C 298 2.51 21.30 7.80
C TYR C 298 1.90 22.19 8.87
N ALA C 299 2.26 23.48 8.86
CA ALA C 299 1.69 24.40 9.82
C ALA C 299 0.21 24.63 9.55
N VAL C 300 -0.14 25.03 8.31
CA VAL C 300 -1.52 25.34 8.00
C VAL C 300 -2.40 24.08 8.04
N SER C 301 -1.82 22.89 7.86
CA SER C 301 -2.62 21.68 7.85
C SER C 301 -2.75 21.00 9.20
N LEU C 302 -1.88 21.32 10.17
CA LEU C 302 -1.92 20.63 11.45
C LEU C 302 -2.07 21.55 12.65
N LEU C 303 -1.40 22.71 12.66
CA LEU C 303 -1.34 23.51 13.87
C LEU C 303 -2.68 24.15 14.21
N LEU C 304 -3.35 24.74 13.21
CA LEU C 304 -4.60 25.43 13.48
C LEU C 304 -5.71 24.51 14.01
N PRO C 305 -5.94 23.32 13.46
CA PRO C 305 -6.85 22.39 14.16
C PRO C 305 -6.38 22.03 15.55
N SER C 306 -5.08 22.07 15.82
CA SER C 306 -4.57 21.96 17.18
C SER C 306 -4.57 23.30 17.91
N ILE C 307 -4.79 24.41 17.21
CA ILE C 307 -5.14 25.66 17.87
C ILE C 307 -6.58 25.61 18.38
N PHE C 308 -7.41 24.74 17.80
CA PHE C 308 -8.78 24.58 18.30
C PHE C 308 -8.88 24.02 19.72
N LEU C 309 -7.76 23.71 20.39
CA LEU C 309 -7.84 23.39 21.81
C LEU C 309 -8.31 24.58 22.63
N MET C 310 -8.00 25.81 22.19
CA MET C 310 -8.60 26.95 22.87
C MET C 310 -10.11 27.02 22.62
N VAL C 311 -10.57 26.56 21.46
CA VAL C 311 -12.02 26.49 21.22
C VAL C 311 -12.66 25.49 22.19
N VAL C 312 -12.06 24.31 22.33
CA VAL C 312 -12.65 23.32 23.23
C VAL C 312 -12.55 23.78 24.68
N ASP C 313 -11.49 24.50 25.05
CA ASP C 313 -11.37 25.03 26.40
C ASP C 313 -12.44 26.08 26.69
N ILE C 314 -12.68 27.00 25.75
CA ILE C 314 -13.66 28.05 25.99
C ILE C 314 -15.09 27.55 25.86
N VAL C 315 -15.31 26.41 25.20
CA VAL C 315 -16.65 25.82 25.23
C VAL C 315 -16.86 24.86 26.40
N GLY C 316 -15.79 24.38 27.02
CA GLY C 316 -15.93 23.57 28.22
C GLY C 316 -15.83 24.33 29.53
N PHE C 317 -15.36 25.57 29.48
CA PHE C 317 -15.24 26.38 30.70
C PHE C 317 -16.58 27.01 31.07
N CYS C 318 -17.16 27.80 30.16
CA CYS C 318 -18.33 28.60 30.49
C CYS C 318 -19.62 27.78 30.61
N LEU C 319 -19.59 26.55 30.11
CA LEU C 319 -20.75 25.66 30.17
C LEU C 319 -20.87 25.08 31.57
N PRO C 320 -22.11 25.07 32.17
CA PRO C 320 -22.16 24.56 33.55
C PRO C 320 -21.43 23.25 33.77
N PRO C 321 -20.53 23.21 34.78
CA PRO C 321 -19.76 21.98 34.97
C PRO C 321 -20.59 20.88 35.58
N ASP C 322 -21.60 21.24 36.36
CA ASP C 322 -22.47 20.26 36.97
C ASP C 322 -23.36 19.58 35.94
N SER C 323 -24.21 18.68 36.40
CA SER C 323 -25.08 17.94 35.49
C SER C 323 -25.79 18.83 34.50
N GLY C 324 -25.63 18.54 33.22
CA GLY C 324 -26.26 19.35 32.19
C GLY C 324 -26.00 18.75 30.82
N GLU C 325 -25.37 19.54 29.95
CA GLU C 325 -25.07 19.06 28.60
C GLU C 325 -23.57 18.86 28.38
N ARG C 326 -22.75 19.16 29.39
CA ARG C 326 -21.30 19.04 29.24
C ARG C 326 -20.83 17.62 28.95
N VAL C 327 -21.25 16.64 29.76
CA VAL C 327 -20.88 15.25 29.53
C VAL C 327 -21.05 14.89 28.06
N SER C 328 -22.23 15.18 27.50
CA SER C 328 -22.49 14.82 26.11
C SER C 328 -21.65 15.67 25.15
N PHE C 329 -21.51 16.96 25.45
CA PHE C 329 -20.82 17.84 24.53
C PHE C 329 -19.30 17.59 24.55
N LYS C 330 -18.76 17.28 25.73
CA LYS C 330 -17.39 16.80 25.86
C LYS C 330 -17.19 15.48 25.15
N ILE C 331 -18.17 14.57 25.20
CA ILE C 331 -18.07 13.33 24.45
C ILE C 331 -18.00 13.61 22.95
N THR C 332 -18.84 14.53 22.47
CA THR C 332 -18.81 14.87 21.04
C THR C 332 -17.48 15.50 20.65
N LEU C 333 -16.95 16.39 21.49
CA LEU C 333 -15.64 16.96 21.20
C LEU C 333 -14.53 15.93 21.26
N LEU C 334 -14.66 14.92 22.15
CA LEU C 334 -13.69 13.84 22.18
C LEU C 334 -13.73 13.01 20.91
N LEU C 335 -14.93 12.71 20.41
CA LEU C 335 -15.05 12.01 19.13
C LEU C 335 -14.46 12.85 17.99
N GLY C 336 -14.69 14.16 18.00
CA GLY C 336 -14.10 15.01 16.97
C GLY C 336 -12.59 15.07 17.03
N TYR C 337 -12.04 15.21 18.24
CA TYR C 337 -10.61 15.29 18.45
C TYR C 337 -9.93 13.94 18.31
N SER C 338 -10.69 12.86 18.33
CA SER C 338 -10.16 11.55 17.93
C SER C 338 -10.22 11.34 16.43
N VAL C 339 -11.25 11.86 15.76
CA VAL C 339 -11.30 11.83 14.30
C VAL C 339 -10.15 12.64 13.72
N PHE C 340 -9.79 13.75 14.38
CA PHE C 340 -8.66 14.55 13.92
C PHE C 340 -7.37 13.75 13.91
N LEU C 341 -7.05 13.08 15.03
CA LEU C 341 -5.85 12.25 15.06
C LEU C 341 -5.97 10.98 14.22
N ILE C 342 -7.20 10.55 13.90
CA ILE C 342 -7.37 9.50 12.89
C ILE C 342 -6.88 9.99 11.54
N ILE C 343 -7.25 11.22 11.18
CA ILE C 343 -6.80 11.80 9.90
C ILE C 343 -5.30 12.07 9.94
N VAL C 344 -4.79 12.53 11.09
CA VAL C 344 -3.40 12.95 11.21
C VAL C 344 -2.45 11.78 11.02
N SER C 345 -2.83 10.60 11.51
CA SER C 345 -1.96 9.43 11.43
C SER C 345 -1.64 9.03 9.99
N ASP C 346 -2.44 9.46 9.03
CA ASP C 346 -2.14 9.22 7.62
C ASP C 346 -1.18 10.24 7.04
N THR C 347 -0.84 11.30 7.77
CA THR C 347 0.06 12.33 7.29
C THR C 347 1.34 12.47 8.09
N LEU C 348 1.32 12.19 9.39
CA LEU C 348 2.53 12.25 10.18
C LEU C 348 3.49 11.14 9.77
N PRO C 349 4.80 11.39 9.79
CA PRO C 349 5.76 10.35 9.43
C PRO C 349 5.84 9.27 10.49
N ALA C 350 6.25 8.09 10.05
CA ALA C 350 6.41 6.93 10.92
C ALA C 350 7.89 6.64 11.08
N THR C 351 8.33 6.48 12.34
CA THR C 351 9.71 6.13 12.62
C THR C 351 9.74 5.27 13.88
N ALA C 352 10.54 4.21 13.84
CA ALA C 352 10.58 3.23 14.91
C ALA C 352 11.59 3.55 16.00
N ILE C 353 12.29 4.67 15.90
CA ILE C 353 13.26 5.05 16.92
C ILE C 353 12.94 6.38 17.60
N GLY C 354 12.00 7.17 17.06
CA GLY C 354 11.66 8.44 17.68
C GLY C 354 10.28 8.88 17.29
N THR C 355 9.73 9.79 18.09
CA THR C 355 8.42 10.37 17.85
C THR C 355 8.49 11.89 17.98
N PRO C 356 7.69 12.61 17.21
CA PRO C 356 7.64 14.06 17.37
C PRO C 356 7.08 14.46 18.73
N LEU C 357 7.54 15.61 19.22
CA LEU C 357 7.05 16.14 20.49
C LEU C 357 5.60 16.59 20.37
N ILE C 358 5.17 16.97 19.17
CA ILE C 358 3.78 17.35 18.95
C ILE C 358 2.85 16.17 19.23
N GLY C 359 3.28 14.96 18.89
CA GLY C 359 2.50 13.78 19.23
C GLY C 359 2.39 13.56 20.73
N VAL C 360 3.47 13.87 21.46
CA VAL C 360 3.44 13.80 22.91
C VAL C 360 2.41 14.77 23.47
N TYR C 361 2.39 16.00 22.95
CA TYR C 361 1.39 16.96 23.42
C TYR C 361 -0.02 16.51 23.05
N PHE C 362 -0.19 15.90 21.88
CA PHE C 362 -1.50 15.41 21.47
C PHE C 362 -2.00 14.31 22.41
N VAL C 363 -1.12 13.36 22.75
CA VAL C 363 -1.58 12.28 23.63
C VAL C 363 -1.78 12.79 25.06
N VAL C 364 -1.03 13.80 25.48
CA VAL C 364 -1.29 14.42 26.79
C VAL C 364 -2.65 15.07 26.79
N CYS C 365 -3.00 15.77 25.71
CA CYS C 365 -4.34 16.36 25.60
C CYS C 365 -5.42 15.28 25.64
N MET C 366 -5.17 14.16 24.96
CA MET C 366 -6.13 13.05 25.00
C MET C 366 -6.33 12.54 26.43
N ALA C 367 -5.23 12.35 27.17
CA ALA C 367 -5.34 11.84 28.54
C ALA C 367 -6.08 12.82 29.42
N LEU C 368 -5.81 14.12 29.26
CA LEU C 368 -6.51 15.13 30.06
C LEU C 368 -7.99 15.19 29.71
N LEU C 369 -8.34 15.03 28.44
CA LEU C 369 -9.75 14.98 28.06
C LEU C 369 -10.45 13.77 28.67
N VAL C 370 -9.78 12.62 28.67
CA VAL C 370 -10.37 11.41 29.26
C VAL C 370 -10.58 11.61 30.75
N ILE C 371 -9.59 12.17 31.45
CA ILE C 371 -9.75 12.38 32.89
C ILE C 371 -10.84 13.41 33.16
N SER C 372 -11.00 14.40 32.29
CA SER C 372 -12.08 15.38 32.44
C SER C 372 -13.44 14.72 32.30
N LEU C 373 -13.58 13.86 31.28
CA LEU C 373 -14.86 13.18 31.10
C LEU C 373 -15.17 12.28 32.28
N ALA C 374 -14.17 11.56 32.79
CA ALA C 374 -14.39 10.70 33.94
C ALA C 374 -14.82 11.50 35.17
N GLU C 375 -14.13 12.62 35.44
CA GLU C 375 -14.48 13.44 36.59
C GLU C 375 -15.89 14.02 36.47
N THR C 376 -16.28 14.43 35.25
CA THR C 376 -17.65 14.87 35.04
C THR C 376 -18.66 13.76 35.29
N ILE C 377 -18.32 12.52 34.91
CA ILE C 377 -19.22 11.40 35.17
C ILE C 377 -19.40 11.17 36.67
N PHE C 378 -18.30 11.21 37.44
CA PHE C 378 -18.43 11.07 38.88
C PHE C 378 -19.27 12.19 39.49
N ILE C 379 -19.07 13.42 39.04
CA ILE C 379 -19.82 14.54 39.61
C ILE C 379 -21.30 14.44 39.25
N VAL C 380 -21.62 14.05 38.01
CA VAL C 380 -23.01 13.86 37.62
C VAL C 380 -23.65 12.76 38.45
N ARG C 381 -22.93 11.65 38.63
CA ARG C 381 -23.48 10.51 39.35
C ARG C 381 -23.74 10.83 40.82
N LEU C 382 -22.82 11.56 41.45
CA LEU C 382 -22.88 11.72 42.90
C LEU C 382 -24.08 12.56 43.33
N VAL C 383 -24.34 13.68 42.65
CA VAL C 383 -25.32 14.64 43.11
C VAL C 383 -26.72 14.30 42.63
N HIS C 384 -26.88 13.12 42.02
CA HIS C 384 -28.18 12.73 41.50
C HIS C 384 -28.58 11.30 41.85
N LYS C 385 -27.77 10.57 42.60
CA LYS C 385 -28.01 9.16 42.90
C LYS C 385 -27.80 8.88 44.38
N GLN C 386 -28.44 9.68 45.24
CA GLN C 386 -28.42 9.51 46.69
C GLN C 386 -27.00 9.64 47.25
N ASP C 387 -26.50 10.87 47.14
CA ASP C 387 -25.18 11.24 47.65
C ASP C 387 -25.02 10.88 49.12
N LEU C 388 -24.11 9.95 49.42
CA LEU C 388 -23.73 9.59 50.77
C LEU C 388 -22.23 9.75 50.97
N GLN C 389 -21.68 10.86 50.48
CA GLN C 389 -20.26 11.14 50.61
C GLN C 389 -19.90 11.40 52.07
N ARG C 390 -18.64 11.16 52.39
CA ARG C 390 -18.14 11.37 53.75
C ARG C 390 -18.18 12.86 54.07
N PRO C 391 -18.83 13.28 55.17
CA PRO C 391 -18.89 14.71 55.50
C PRO C 391 -17.53 15.29 55.88
N VAL C 392 -16.82 14.62 56.78
CA VAL C 392 -15.51 15.08 57.25
C VAL C 392 -14.48 13.95 57.17
N PRO C 393 -14.08 13.53 55.97
CA PRO C 393 -13.08 12.47 55.86
C PRO C 393 -11.68 13.01 56.10
N ASP C 394 -10.70 12.11 56.05
CA ASP C 394 -9.31 12.51 56.28
C ASP C 394 -8.76 13.37 55.15
N TRP C 395 -9.37 13.32 53.96
CA TRP C 395 -8.93 14.13 52.85
C TRP C 395 -9.39 15.57 52.93
N LEU C 396 -10.31 15.89 53.85
CA LEU C 396 -10.79 17.26 53.99
C LEU C 396 -9.69 18.21 54.43
N ARG C 397 -8.75 17.73 55.27
CA ARG C 397 -7.63 18.56 55.70
C ARG C 397 -6.79 19.01 54.52
N HIS C 398 -6.44 18.08 53.63
CA HIS C 398 -5.67 18.44 52.44
C HIS C 398 -6.53 19.21 51.44
N LEU C 399 -7.85 18.99 51.45
CA LEU C 399 -8.73 19.76 50.59
C LEU C 399 -8.74 21.23 50.97
N VAL C 400 -8.73 21.53 52.28
CA VAL C 400 -8.83 22.90 52.74
C VAL C 400 -7.48 23.55 53.06
N LEU C 401 -6.40 22.78 53.08
CA LEU C 401 -5.10 23.35 53.46
C LEU C 401 -4.57 24.28 52.39
N ASP C 402 -4.57 23.85 51.13
CA ASP C 402 -3.91 24.59 50.07
C ASP C 402 -4.74 24.80 48.81
N ARG C 403 -5.79 24.01 48.58
CA ARG C 403 -6.57 24.17 47.35
C ARG C 403 -7.34 25.48 47.35
N ILE C 404 -7.96 25.83 48.48
CA ILE C 404 -8.73 27.07 48.56
C ILE C 404 -7.83 28.30 48.50
N ALA C 405 -6.53 28.13 48.74
CA ALA C 405 -5.59 29.24 48.64
C ALA C 405 -5.00 29.37 47.24
N TRP C 406 -4.56 28.26 46.67
CA TRP C 406 -3.98 28.29 45.33
C TRP C 406 -5.03 28.61 44.27
N ILE C 407 -6.14 27.88 44.29
CA ILE C 407 -7.20 28.09 43.30
C ILE C 407 -8.51 28.41 44.02
N LEU C 472 -69.76 13.04 63.89
CA LEU C 472 -69.60 11.61 63.75
C LEU C 472 -68.39 11.29 62.87
N ALA C 473 -68.53 11.50 61.57
CA ALA C 473 -67.47 11.25 60.61
C ALA C 473 -66.69 12.50 60.24
N VAL C 474 -66.98 13.63 60.89
CA VAL C 474 -66.28 14.86 60.56
C VAL C 474 -64.81 14.79 60.97
N ARG C 475 -64.53 14.12 62.10
CA ARG C 475 -63.14 13.99 62.55
C ARG C 475 -62.31 13.18 61.56
N GLY C 476 -62.85 12.07 61.07
CA GLY C 476 -62.16 11.30 60.06
C GLY C 476 -61.98 12.04 58.75
N LEU C 477 -62.95 12.89 58.39
CA LEU C 477 -62.83 13.68 57.16
C LEU C 477 -61.67 14.67 57.25
N LEU C 478 -61.56 15.36 58.38
CA LEU C 478 -60.42 16.26 58.58
C LEU C 478 -59.11 15.49 58.66
N GLN C 479 -59.13 14.30 59.28
CA GLN C 479 -57.91 13.49 59.36
C GLN C 479 -57.43 13.08 57.98
N GLU C 480 -58.34 12.61 57.12
CA GLU C 480 -57.93 12.21 55.79
C GLU C 480 -57.57 13.42 54.92
N LEU C 481 -58.20 14.57 55.16
CA LEU C 481 -57.79 15.77 54.44
C LEU C 481 -56.37 16.18 54.81
N SER C 482 -56.03 16.11 56.10
CA SER C 482 -54.67 16.40 56.52
C SER C 482 -53.69 15.37 55.96
N SER C 483 -54.13 14.10 55.87
CA SER C 483 -53.27 13.06 55.30
C SER C 483 -53.00 13.32 53.81
N ILE C 484 -54.03 13.70 53.05
CA ILE C 484 -53.85 13.93 51.61
C ILE C 484 -53.28 15.30 51.29
N ARG C 485 -53.20 16.20 52.27
CA ARG C 485 -52.56 17.48 52.04
C ARG C 485 -51.06 17.38 51.77
N HIS C 486 -50.45 16.22 52.02
CA HIS C 486 -49.02 16.02 51.84
C HIS C 486 -48.59 15.88 50.39
N PHE C 487 -49.55 15.84 49.45
CA PHE C 487 -49.21 15.71 48.03
C PHE C 487 -48.41 16.89 47.54
N LEU C 488 -48.67 18.09 48.07
CA LEU C 488 -47.91 19.27 47.69
C LEU C 488 -46.43 19.10 48.05
N GLU C 489 -46.16 18.65 49.28
CA GLU C 489 -44.77 18.42 49.70
C GLU C 489 -44.13 17.30 48.88
N LYS C 490 -44.89 16.23 48.63
CA LYS C 490 -44.34 15.10 47.86
C LYS C 490 -44.03 15.51 46.42
N ARG C 491 -44.75 16.50 45.89
CA ARG C 491 -44.41 17.04 44.58
C ARG C 491 -43.31 18.08 44.64
N ASP C 492 -43.11 18.73 45.78
CA ASP C 492 -42.13 19.82 45.85
C ASP C 492 -40.76 19.38 46.38
N GLU C 493 -40.73 18.48 47.35
CA GLU C 493 -39.46 18.07 47.96
C GLU C 493 -38.73 17.00 47.17
N MET C 494 -38.40 17.27 45.91
CA MET C 494 -37.64 16.34 45.10
C MET C 494 -36.43 17.06 44.58
N ARG C 495 -36.62 18.29 44.12
CA ARG C 495 -35.50 19.11 43.64
C ARG C 495 -34.58 19.45 44.79
N GLU C 496 -35.15 19.89 45.90
CA GLU C 496 -34.34 20.22 47.08
C GLU C 496 -33.54 19.02 47.56
N VAL C 497 -34.10 17.81 47.42
CA VAL C 497 -33.34 16.61 47.74
C VAL C 497 -32.19 16.42 46.76
N ALA C 498 -32.44 16.63 45.47
CA ALA C 498 -31.52 16.23 44.41
C ALA C 498 -30.58 17.33 43.93
N ARG C 499 -30.57 18.50 44.59
CA ARG C 499 -29.71 19.59 44.14
C ARG C 499 -28.66 19.98 45.17
N ASP C 500 -27.90 19.01 45.69
CA ASP C 500 -27.15 19.22 46.93
C ASP C 500 -25.82 19.95 46.74
N TRP C 501 -24.86 19.36 46.03
CA TRP C 501 -23.44 19.65 46.30
C TRP C 501 -22.66 20.04 45.03
N LEU C 502 -23.23 20.98 44.26
CA LEU C 502 -22.46 21.60 43.17
C LEU C 502 -21.22 22.32 43.70
N ARG C 503 -21.28 22.81 44.93
CA ARG C 503 -20.16 23.51 45.52
C ARG C 503 -18.93 22.61 45.56
N VAL C 504 -19.05 21.38 46.04
CA VAL C 504 -17.85 20.54 46.18
C VAL C 504 -17.36 19.96 44.84
N GLY C 505 -18.28 19.82 43.89
CA GLY C 505 -17.92 19.26 42.59
C GLY C 505 -16.94 20.10 41.81
N TYR C 506 -17.01 21.41 41.95
CA TYR C 506 -16.13 22.29 41.21
C TYR C 506 -14.69 22.24 41.70
N VAL C 507 -14.43 21.73 42.91
CA VAL C 507 -13.05 21.77 43.38
C VAL C 507 -12.13 20.99 42.42
N LEU C 508 -12.71 20.18 41.54
CA LEU C 508 -11.89 19.37 40.64
C LEU C 508 -11.93 19.92 39.22
N ASP C 509 -13.10 20.43 38.81
CA ASP C 509 -13.21 21.07 37.51
C ASP C 509 -12.31 22.29 37.42
N ARG C 510 -12.26 23.09 38.49
CA ARG C 510 -11.38 24.27 38.47
C ARG C 510 -9.91 23.86 38.34
N LEU C 511 -9.49 22.86 39.10
CA LEU C 511 -8.11 22.40 39.01
C LEU C 511 -7.79 21.86 37.62
N LEU C 512 -8.73 21.12 37.03
CA LEU C 512 -8.50 20.57 35.70
C LEU C 512 -8.46 21.65 34.63
N PHE C 513 -9.25 22.70 34.78
CA PHE C 513 -9.15 23.87 33.91
C PHE C 513 -7.76 24.50 34.01
N ARG C 514 -7.24 24.61 35.23
CA ARG C 514 -5.86 25.07 35.41
C ARG C 514 -4.88 24.19 34.65
N ILE C 515 -5.08 22.86 34.71
CA ILE C 515 -4.20 21.93 34.00
C ILE C 515 -4.27 22.16 32.49
N TYR C 516 -5.48 22.37 31.96
CA TYR C 516 -5.61 22.69 30.53
C TYR C 516 -4.83 23.94 30.15
N LEU C 517 -4.95 25.00 30.94
CA LEU C 517 -4.23 26.24 30.60
C LEU C 517 -2.71 26.05 30.65
N LEU C 518 -2.20 25.33 31.66
CA LEU C 518 -0.77 25.05 31.69
C LEU C 518 -0.32 24.22 30.49
N ALA C 519 -1.12 23.23 30.09
CA ALA C 519 -0.76 22.43 28.92
C ALA C 519 -0.71 23.27 27.66
N VAL C 520 -1.69 24.17 27.48
CA VAL C 520 -1.70 25.03 26.31
C VAL C 520 -0.50 25.97 26.31
N LEU C 521 -0.15 26.52 27.47
CA LEU C 521 1.02 27.39 27.56
C LEU C 521 2.29 26.65 27.19
N ALA C 522 2.42 25.40 27.67
CA ALA C 522 3.59 24.59 27.32
C ALA C 522 3.66 24.33 25.82
N TYR C 523 2.51 24.02 25.21
CA TYR C 523 2.47 23.80 23.76
C TYR C 523 2.91 25.04 23.01
N SER C 524 2.41 26.21 23.41
CA SER C 524 2.76 27.45 22.72
C SER C 524 4.25 27.75 22.85
N ILE C 525 4.81 27.60 24.07
CA ILE C 525 6.21 27.96 24.26
C ILE C 525 7.12 26.99 23.52
N THR C 526 6.77 25.70 23.49
CA THR C 526 7.62 24.76 22.75
C THR C 526 7.51 24.97 21.24
N LEU C 527 6.34 25.35 20.74
CA LEU C 527 6.24 25.65 19.32
C LEU C 527 7.08 26.88 18.96
N VAL C 528 7.05 27.91 19.81
CA VAL C 528 7.84 29.11 19.55
C VAL C 528 9.33 28.79 19.57
N THR C 529 9.79 27.99 20.55
CA THR C 529 11.21 27.69 20.60
C THR C 529 11.65 26.79 19.45
N LEU C 530 10.78 25.90 18.98
CA LEU C 530 11.12 25.10 17.80
C LEU C 530 11.26 25.99 16.57
N TRP C 531 10.36 26.96 16.41
CA TRP C 531 10.48 27.89 15.29
C TRP C 531 11.76 28.71 15.39
N SER C 532 12.14 29.11 16.60
CA SER C 532 13.36 29.89 16.77
C SER C 532 14.59 29.08 16.40
N ILE C 533 14.64 27.81 16.82
CA ILE C 533 15.77 26.95 16.46
C ILE C 533 15.81 26.73 14.95
N TRP C 534 14.64 26.59 14.32
CA TRP C 534 14.58 26.43 12.87
C TRP C 534 15.09 27.67 12.16
N HIS C 535 14.71 28.85 12.64
CA HIS C 535 15.06 30.10 11.96
C HIS C 535 16.53 30.47 12.15
N TYR C 536 17.12 30.12 13.30
CA TYR C 536 18.52 30.45 13.52
C TYR C 536 19.49 29.57 12.74
N SER C 537 18.99 28.54 12.06
CA SER C 537 19.86 27.62 11.33
C SER C 537 20.26 28.14 9.96
N GLU C 538 19.72 29.27 9.51
CA GLU C 538 20.04 29.81 8.20
C GLU C 538 21.34 30.60 8.17
N ASN C 539 21.98 30.80 9.33
CA ASN C 539 23.24 31.54 9.36
C ASN C 539 24.34 30.79 8.62
N LEU C 540 24.39 29.48 8.76
CA LEU C 540 25.40 28.66 8.09
C LEU C 540 25.14 28.59 6.58
N THR D 82 31.82 -6.53 -59.05
CA THR D 82 32.36 -7.88 -59.11
C THR D 82 31.27 -8.93 -58.87
N THR D 83 31.69 -10.19 -58.75
CA THR D 83 30.73 -11.27 -58.49
C THR D 83 30.16 -11.19 -57.08
N GLN D 84 30.91 -10.58 -56.16
CA GLN D 84 30.46 -10.47 -54.78
C GLN D 84 29.26 -9.52 -54.76
N PRO D 85 28.20 -9.83 -54.00
CA PRO D 85 27.04 -8.92 -53.96
C PRO D 85 27.39 -7.57 -53.34
N ALA D 86 26.62 -6.56 -53.75
CA ALA D 86 27.00 -5.16 -53.53
C ALA D 86 27.01 -4.79 -52.06
N LEU D 87 25.98 -5.20 -51.31
CA LEU D 87 25.85 -4.76 -49.92
C LEU D 87 27.00 -5.27 -49.06
N LEU D 88 27.40 -6.52 -49.27
CA LEU D 88 28.46 -7.12 -48.47
C LEU D 88 29.79 -6.40 -48.68
N ARG D 89 30.17 -6.16 -49.94
CA ARG D 89 31.44 -5.50 -50.17
C ARG D 89 31.38 -4.01 -49.86
N LEU D 90 30.20 -3.39 -49.94
CA LEU D 90 30.07 -2.01 -49.48
C LEU D 90 30.29 -1.92 -47.98
N SER D 91 29.70 -2.85 -47.22
CA SER D 91 29.93 -2.87 -45.78
C SER D 91 31.39 -3.17 -45.45
N ASP D 92 32.03 -4.04 -46.24
CA ASP D 92 33.45 -4.32 -46.04
C ASP D 92 34.27 -3.06 -46.31
N HIS D 93 33.95 -2.32 -47.36
CA HIS D 93 34.69 -1.12 -47.70
C HIS D 93 34.51 -0.04 -46.65
N LEU D 94 33.31 0.07 -46.08
CA LEU D 94 33.05 1.11 -45.09
C LEU D 94 33.61 0.76 -43.72
N LEU D 95 33.17 -0.37 -43.15
CA LEU D 95 33.42 -0.63 -41.74
C LEU D 95 34.87 -1.07 -41.47
N ALA D 96 35.50 -1.75 -42.41
CA ALA D 96 36.91 -2.11 -42.23
C ALA D 96 37.78 -0.87 -42.29
N ASN D 97 38.82 -0.85 -41.44
CA ASN D 97 39.69 0.30 -41.26
C ASN D 97 38.87 1.54 -40.90
N TYR D 98 37.90 1.36 -40.00
CA TYR D 98 37.10 2.45 -39.46
C TYR D 98 37.18 2.38 -37.94
N LYS D 99 37.61 3.48 -37.32
CA LYS D 99 37.86 3.51 -35.89
C LYS D 99 36.69 4.18 -35.18
N LYS D 100 35.85 3.36 -34.53
CA LYS D 100 34.82 3.88 -33.66
C LYS D 100 35.46 4.40 -32.38
N GLY D 101 35.03 5.59 -31.95
CA GLY D 101 35.61 6.24 -30.78
C GLY D 101 36.30 7.56 -31.08
N VAL D 102 36.37 7.98 -32.33
CA VAL D 102 36.92 9.27 -32.71
C VAL D 102 35.84 10.06 -33.42
N ARG D 103 35.76 11.35 -33.13
CA ARG D 103 34.72 12.19 -33.70
C ARG D 103 34.89 12.28 -35.22
N PRO D 104 33.86 11.97 -36.00
CA PRO D 104 34.02 11.86 -37.46
C PRO D 104 34.07 13.21 -38.17
N VAL D 105 35.19 13.90 -38.02
CA VAL D 105 35.47 15.14 -38.74
C VAL D 105 36.88 15.09 -39.30
N ARG D 106 37.05 15.59 -40.52
CA ARG D 106 38.39 15.71 -41.10
C ARG D 106 39.15 16.89 -40.51
N ASP D 107 38.47 17.99 -40.21
CA ASP D 107 39.05 19.14 -39.54
C ASP D 107 38.41 19.24 -38.15
N TRP D 108 39.25 19.23 -37.11
CA TRP D 108 38.75 19.18 -35.75
C TRP D 108 38.18 20.50 -35.25
N ARG D 109 38.35 21.59 -36.00
CA ARG D 109 37.78 22.88 -35.61
C ARG D 109 36.32 23.04 -35.98
N LYS D 110 35.73 22.08 -36.69
CA LYS D 110 34.33 22.17 -37.08
C LYS D 110 33.50 21.27 -36.18
N PRO D 111 32.60 21.81 -35.37
CA PRO D 111 31.77 20.96 -34.52
C PRO D 111 30.77 20.16 -35.33
N THR D 112 30.42 18.99 -34.82
CA THR D 112 29.39 18.16 -35.42
C THR D 112 28.02 18.63 -34.95
N THR D 113 27.05 18.62 -35.87
CA THR D 113 25.71 19.13 -35.60
C THR D 113 24.72 17.98 -35.59
N VAL D 114 23.95 17.89 -34.50
CA VAL D 114 22.92 16.87 -34.34
C VAL D 114 21.57 17.56 -34.43
N SER D 115 20.74 17.12 -35.37
CA SER D 115 19.42 17.69 -35.59
C SER D 115 18.39 16.71 -35.04
N ILE D 116 17.76 17.07 -33.92
CA ILE D 116 16.90 16.17 -33.19
C ILE D 116 15.44 16.54 -33.42
N ASP D 117 14.56 15.57 -33.16
CA ASP D 117 13.12 15.77 -33.27
C ASP D 117 12.43 14.97 -32.17
N VAL D 118 11.25 15.45 -31.77
CA VAL D 118 10.48 14.86 -30.68
C VAL D 118 9.04 14.72 -31.13
N ILE D 119 8.49 13.52 -31.04
CA ILE D 119 7.10 13.24 -31.36
C ILE D 119 6.42 12.66 -30.12
N MET D 120 5.24 13.18 -29.79
CA MET D 120 4.55 12.84 -28.56
C MET D 120 3.60 11.67 -28.79
N TYR D 121 3.69 10.67 -27.93
CA TYR D 121 2.84 9.48 -28.02
C TYR D 121 1.83 9.38 -26.90
N ALA D 122 2.26 9.37 -25.64
CA ALA D 122 1.33 9.16 -24.54
C ALA D 122 1.91 9.72 -23.25
N ILE D 123 1.03 10.02 -22.32
CA ILE D 123 1.37 10.45 -20.97
C ILE D 123 0.93 9.33 -20.03
N LEU D 124 1.89 8.49 -19.61
CA LEU D 124 1.53 7.28 -18.89
C LEU D 124 1.11 7.57 -17.45
N ASN D 125 1.81 8.46 -16.77
CA ASN D 125 1.51 8.71 -15.37
C ASN D 125 1.99 10.10 -15.00
N VAL D 126 1.21 10.79 -14.15
CA VAL D 126 1.61 12.05 -13.53
C VAL D 126 1.42 11.85 -12.04
N ASP D 127 2.53 11.72 -11.31
CA ASP D 127 2.46 11.24 -9.93
C ASP D 127 1.92 12.31 -8.99
N GLU D 128 2.36 13.57 -9.17
CA GLU D 128 1.93 14.76 -8.42
C GLU D 128 2.00 14.57 -6.91
N LYS D 129 2.78 13.60 -6.45
CA LYS D 129 3.16 13.42 -5.05
C LYS D 129 4.66 13.31 -4.87
N ASN D 130 5.34 12.64 -5.79
CA ASN D 130 6.79 12.62 -5.86
C ASN D 130 7.34 13.62 -6.86
N GLN D 131 6.47 14.42 -7.48
CA GLN D 131 6.86 15.47 -8.43
C GLN D 131 7.62 14.87 -9.62
N VAL D 132 6.99 13.88 -10.27
CA VAL D 132 7.59 13.20 -11.40
C VAL D 132 6.48 12.73 -12.32
N LEU D 133 6.74 12.76 -13.63
CA LEU D 133 5.79 12.27 -14.62
C LEU D 133 6.47 11.25 -15.53
N THR D 134 5.69 10.30 -16.01
CA THR D 134 6.16 9.27 -16.92
C THR D 134 5.61 9.55 -18.32
N THR D 135 6.49 9.52 -19.31
CA THR D 135 6.13 9.88 -20.68
C THR D 135 6.76 8.89 -21.65
N TYR D 136 6.16 8.81 -22.84
CA TYR D 136 6.63 7.93 -23.90
C TYR D 136 6.72 8.74 -25.18
N ILE D 137 7.93 8.83 -25.74
CA ILE D 137 8.25 9.74 -26.83
C ILE D 137 8.94 8.97 -27.94
N TRP D 138 8.50 9.19 -29.18
CA TRP D 138 9.22 8.72 -30.35
C TRP D 138 10.29 9.76 -30.71
N TYR D 139 11.52 9.31 -30.92
CA TYR D 139 12.68 10.19 -31.00
C TYR D 139 13.50 9.84 -32.23
N ARG D 140 14.08 10.86 -32.87
CA ARG D 140 14.98 10.66 -33.99
C ARG D 140 15.96 11.81 -34.08
N GLN D 141 17.11 11.54 -34.71
CA GLN D 141 18.16 12.54 -34.87
C GLN D 141 19.07 12.11 -36.02
N TYR D 142 19.79 13.09 -36.58
CA TYR D 142 20.79 12.77 -37.59
C TYR D 142 21.99 13.69 -37.45
N TRP D 143 23.14 13.19 -37.89
CA TRP D 143 24.37 13.96 -37.94
C TRP D 143 25.15 13.53 -39.18
N THR D 144 26.32 14.12 -39.38
CA THR D 144 27.15 13.86 -40.55
C THR D 144 28.40 13.11 -40.13
N ASP D 145 28.64 11.96 -40.75
CA ASP D 145 29.82 11.13 -40.51
C ASP D 145 30.70 11.21 -41.74
N GLU D 146 31.79 11.97 -41.64
CA GLU D 146 32.62 12.25 -42.81
C GLU D 146 33.41 11.04 -43.28
N PHE D 147 33.54 10.00 -42.47
CA PHE D 147 34.30 8.82 -42.84
C PHE D 147 33.44 7.74 -43.49
N LEU D 148 32.12 7.92 -43.57
CA LEU D 148 31.22 6.98 -44.22
C LEU D 148 30.66 7.66 -45.46
N GLN D 149 31.44 7.61 -46.55
CA GLN D 149 31.04 8.18 -47.83
C GLN D 149 31.48 7.25 -48.94
N TRP D 150 30.68 7.18 -50.00
CA TRP D 150 30.99 6.31 -51.13
C TRP D 150 30.31 6.84 -52.37
N THR D 151 30.83 6.43 -53.53
CA THR D 151 30.20 6.74 -54.81
C THR D 151 29.22 5.63 -55.16
N PRO D 152 27.94 5.95 -55.41
CA PRO D 152 26.94 4.88 -55.54
C PRO D 152 27.18 3.94 -56.71
N GLU D 153 27.44 4.46 -57.91
CA GLU D 153 27.55 3.61 -59.09
C GLU D 153 28.74 2.67 -59.04
N ASP D 154 29.70 2.88 -58.14
CA ASP D 154 30.75 1.89 -57.94
C ASP D 154 30.19 0.65 -57.27
N PHE D 155 29.38 0.83 -56.23
CA PHE D 155 28.78 -0.27 -55.48
C PHE D 155 27.38 -0.60 -55.99
N ASP D 156 27.26 -0.82 -57.30
CA ASP D 156 26.02 -1.23 -57.97
C ASP D 156 24.88 -0.25 -57.73
N ASN D 157 25.16 1.05 -57.63
CA ASN D 157 24.10 2.08 -57.52
C ASN D 157 23.09 1.87 -56.40
N VAL D 158 23.58 1.76 -55.18
CA VAL D 158 22.72 1.72 -54.00
C VAL D 158 23.03 2.96 -53.18
N THR D 159 21.98 3.59 -52.63
CA THR D 159 22.09 4.89 -51.99
C THR D 159 21.62 4.87 -50.54
N LYS D 160 21.58 3.71 -49.90
CA LYS D 160 21.18 3.60 -48.50
C LYS D 160 21.49 2.19 -48.00
N LEU D 161 21.91 2.08 -46.76
CA LEU D 161 22.09 0.79 -46.12
C LEU D 161 21.99 0.96 -44.61
N SER D 162 21.79 -0.16 -43.92
CA SER D 162 21.69 -0.19 -42.47
C SER D 162 22.86 -0.99 -41.90
N ILE D 163 23.52 -0.43 -40.90
CA ILE D 163 24.66 -1.08 -40.25
C ILE D 163 24.46 -1.02 -38.75
N PRO D 164 25.05 -1.94 -37.99
CA PRO D 164 24.83 -1.97 -36.54
C PRO D 164 25.29 -0.69 -35.85
N THR D 165 24.56 -0.34 -34.78
CA THR D 165 24.85 0.90 -34.07
C THR D 165 26.18 0.83 -33.33
N ASP D 166 26.51 -0.33 -32.78
CA ASP D 166 27.72 -0.50 -31.98
C ASP D 166 29.00 -0.51 -32.80
N SER D 167 28.96 -0.26 -34.12
CA SER D 167 30.16 -0.25 -34.94
C SER D 167 30.50 1.13 -35.47
N ILE D 168 29.77 2.18 -35.07
CA ILE D 168 30.04 3.54 -35.51
C ILE D 168 29.99 4.47 -34.31
N TRP D 169 30.32 5.74 -34.55
CA TRP D 169 30.36 6.74 -33.50
C TRP D 169 28.95 7.31 -33.27
N VAL D 170 28.51 7.30 -32.02
CA VAL D 170 27.19 7.75 -31.63
C VAL D 170 27.36 8.82 -30.55
N PRO D 171 26.78 10.00 -30.70
CA PRO D 171 26.91 11.02 -29.66
C PRO D 171 26.10 10.68 -28.42
N ASP D 172 26.47 11.33 -27.32
CA ASP D 172 25.82 11.12 -26.03
C ASP D 172 24.88 12.29 -25.75
N ILE D 173 23.59 12.09 -26.04
CA ILE D 173 22.56 13.09 -25.78
C ILE D 173 21.71 12.57 -24.63
N LEU D 174 21.64 13.34 -23.55
CA LEU D 174 20.95 12.93 -22.33
C LEU D 174 20.00 14.03 -21.89
N ILE D 175 19.04 13.64 -21.05
CA ILE D 175 18.12 14.58 -20.41
C ILE D 175 18.71 15.00 -19.08
N ASN D 176 18.67 16.30 -18.80
CA ASN D 176 19.22 16.80 -17.55
C ASN D 176 18.42 16.30 -16.35
N GLU D 177 17.11 16.31 -16.45
CA GLU D 177 16.23 15.90 -15.34
C GLU D 177 15.63 14.54 -15.65
N PHE D 178 15.99 13.56 -14.83
CA PHE D 178 15.50 12.19 -14.97
C PHE D 178 15.68 11.50 -13.64
N VAL D 179 14.77 10.60 -13.31
CA VAL D 179 14.80 9.84 -12.08
C VAL D 179 15.22 8.40 -12.31
N ASP D 180 14.70 7.77 -13.36
CA ASP D 180 15.04 6.38 -13.65
C ASP D 180 14.79 6.12 -15.12
N VAL D 181 15.84 5.70 -15.83
CA VAL D 181 15.73 5.28 -17.23
C VAL D 181 16.35 3.89 -17.34
N GLY D 182 15.91 3.15 -18.36
CA GLY D 182 16.42 1.81 -18.56
C GLY D 182 15.38 0.81 -19.03
N LYS D 183 14.11 1.23 -19.06
CA LYS D 183 13.05 0.39 -19.59
C LYS D 183 12.76 0.66 -21.05
N SER D 184 13.58 1.49 -21.70
CA SER D 184 13.47 1.71 -23.13
C SER D 184 14.52 0.88 -23.85
N PRO D 185 14.13 0.01 -24.77
CA PRO D 185 15.11 -0.87 -25.43
C PRO D 185 15.96 -0.09 -26.43
N ASN D 186 17.00 -0.76 -26.92
CA ASN D 186 17.92 -0.19 -27.90
C ASN D 186 17.62 -0.76 -29.28
N ILE D 187 17.87 0.07 -30.29
CA ILE D 187 17.68 -0.31 -31.69
C ILE D 187 19.06 -0.50 -32.31
N PRO D 188 19.47 -1.75 -32.60
CA PRO D 188 20.84 -1.97 -33.08
C PRO D 188 21.00 -1.81 -34.58
N TYR D 189 20.40 -0.78 -35.17
CA TYR D 189 20.47 -0.56 -36.60
C TYR D 189 20.26 0.92 -36.88
N VAL D 190 21.09 1.48 -37.76
CA VAL D 190 20.97 2.87 -38.19
C VAL D 190 21.21 2.94 -39.69
N TYR D 191 20.43 3.77 -40.38
CA TYR D 191 20.69 4.08 -41.77
C TYR D 191 21.89 5.00 -41.93
N VAL D 192 22.77 4.65 -42.85
CA VAL D 192 23.79 5.56 -43.36
C VAL D 192 23.45 5.86 -44.81
N HIS D 193 22.68 6.92 -45.03
CA HIS D 193 22.08 7.16 -46.34
C HIS D 193 23.12 7.38 -47.42
N HIS D 194 23.82 8.50 -47.37
CA HIS D 194 24.72 8.92 -48.44
C HIS D 194 25.44 10.19 -47.99
N ARG D 195 26.69 10.36 -48.42
CA ARG D 195 27.50 11.53 -48.07
C ARG D 195 27.63 11.70 -46.56
N GLY D 196 27.49 10.61 -45.81
CA GLY D 196 27.66 10.64 -44.37
C GLY D 196 26.42 10.90 -43.56
N GLU D 197 25.24 10.85 -44.17
CA GLU D 197 24.00 11.11 -43.46
C GLU D 197 23.60 9.86 -42.67
N VAL D 198 23.70 9.93 -41.35
CA VAL D 198 23.37 8.82 -40.47
C VAL D 198 22.15 9.18 -39.65
N GLN D 199 21.16 8.28 -39.62
CA GLN D 199 19.89 8.52 -38.95
C GLN D 199 19.65 7.46 -37.89
N ASN D 200 19.19 7.89 -36.72
CA ASN D 200 18.91 7.01 -35.60
C ASN D 200 17.46 7.18 -35.18
N TYR D 201 16.74 6.06 -35.08
CA TYR D 201 15.35 6.04 -34.64
C TYR D 201 15.26 5.20 -33.38
N LYS D 202 14.61 5.75 -32.34
CA LYS D 202 14.52 5.01 -31.08
C LYS D 202 13.32 5.49 -30.27
N PRO D 203 12.65 4.60 -29.54
CA PRO D 203 11.66 5.04 -28.56
C PRO D 203 12.34 5.48 -27.26
N LEU D 204 11.56 6.12 -26.40
CA LEU D 204 12.07 6.63 -25.15
C LEU D 204 11.05 6.45 -24.04
N GLN D 205 11.48 5.85 -22.94
CA GLN D 205 10.70 5.71 -21.70
C GLN D 205 11.32 6.65 -20.68
N LEU D 206 10.83 7.88 -20.62
CA LEU D 206 11.42 8.91 -19.78
C LEU D 206 10.59 9.10 -18.52
N VAL D 207 11.26 9.02 -17.38
CA VAL D 207 10.66 9.31 -16.08
C VAL D 207 11.40 10.53 -15.54
N THR D 208 10.85 11.71 -15.77
CA THR D 208 11.54 12.97 -15.52
C THR D 208 10.86 13.74 -14.39
N ALA D 209 11.69 14.34 -13.53
CA ALA D 209 11.17 15.17 -12.44
C ALA D 209 10.62 16.48 -12.98
N CYS D 210 9.48 16.90 -12.42
CA CYS D 210 8.87 18.16 -12.80
C CYS D 210 8.17 18.76 -11.59
N SER D 211 7.97 20.07 -11.63
CA SER D 211 7.33 20.81 -10.55
C SER D 211 5.83 20.85 -10.83
N LEU D 212 5.09 19.96 -10.20
CA LEU D 212 3.65 19.83 -10.42
C LEU D 212 2.89 20.49 -9.28
N ASP D 213 2.00 21.43 -9.62
CA ASP D 213 1.17 22.12 -8.65
C ASP D 213 -0.28 21.73 -8.83
N ILE D 214 -1.01 21.64 -7.72
CA ILE D 214 -2.41 21.25 -7.76
C ILE D 214 -3.26 22.34 -7.11
N TYR D 215 -2.85 23.59 -7.20
CA TYR D 215 -3.61 24.66 -6.57
C TYR D 215 -5.04 24.65 -7.10
N ASN D 216 -5.20 24.47 -8.41
CA ASN D 216 -6.53 24.38 -9.00
C ASN D 216 -6.77 22.94 -9.41
N PHE D 217 -6.73 22.01 -8.47
CA PHE D 217 -6.81 20.57 -8.81
C PHE D 217 -7.78 20.16 -9.94
N PRO D 218 -9.09 20.45 -9.81
CA PRO D 218 -9.97 19.95 -10.87
C PRO D 218 -9.60 20.50 -12.25
N PHE D 219 -9.15 21.75 -12.31
CA PHE D 219 -8.83 22.37 -13.59
C PHE D 219 -7.35 22.70 -13.73
N ASP D 220 -6.48 21.69 -13.74
CA ASP D 220 -5.06 21.94 -13.79
C ASP D 220 -4.56 22.10 -15.23
N VAL D 221 -3.58 23.00 -15.40
CA VAL D 221 -2.80 23.12 -16.62
C VAL D 221 -1.34 23.13 -16.22
N GLN D 222 -0.58 22.14 -16.69
CA GLN D 222 0.79 21.95 -16.24
C GLN D 222 1.77 22.44 -17.30
N ASN D 223 3.00 22.70 -16.86
CA ASN D 223 4.01 23.35 -17.72
C ASN D 223 5.35 22.70 -17.39
N CYS D 224 5.65 21.61 -18.09
CA CYS D 224 6.82 20.78 -17.81
C CYS D 224 7.83 20.90 -18.93
N SER D 225 9.10 20.66 -18.61
CA SER D 225 10.20 20.85 -19.54
C SER D 225 11.02 19.57 -19.70
N LEU D 226 11.66 19.43 -20.86
CA LEU D 226 12.65 18.40 -21.12
C LEU D 226 13.83 19.05 -21.83
N THR D 227 15.04 18.78 -21.36
CA THR D 227 16.25 19.42 -21.88
C THR D 227 17.15 18.36 -22.49
N PHE D 228 17.52 18.56 -23.75
CA PHE D 228 18.44 17.67 -24.46
C PHE D 228 19.79 18.36 -24.61
N THR D 229 20.86 17.69 -24.19
CA THR D 229 22.21 18.23 -24.35
C THR D 229 23.21 17.09 -24.25
N SER D 230 24.46 17.41 -24.52
CA SER D 230 25.58 16.48 -24.36
C SER D 230 26.23 16.71 -23.02
N TRP D 231 26.45 15.63 -22.26
CA TRP D 231 26.95 15.77 -20.90
C TRP D 231 28.43 16.09 -20.84
N LEU D 232 29.19 15.79 -21.89
CA LEU D 232 30.64 16.03 -21.88
C LEU D 232 31.07 17.04 -22.92
N HIS D 233 30.63 16.90 -24.16
CA HIS D 233 31.15 17.70 -25.25
C HIS D 233 30.61 19.13 -25.18
N THR D 234 31.51 20.09 -25.37
CA THR D 234 31.15 21.50 -25.32
C THR D 234 30.52 21.90 -26.64
N ILE D 235 30.28 23.21 -26.82
CA ILE D 235 29.63 23.68 -28.03
C ILE D 235 30.62 23.80 -29.18
N GLN D 236 31.92 23.80 -28.89
CA GLN D 236 32.95 23.77 -29.93
C GLN D 236 33.09 22.40 -30.56
N ASP D 237 32.45 21.37 -29.99
CA ASP D 237 32.49 20.01 -30.50
C ASP D 237 31.13 19.48 -30.92
N ILE D 238 30.06 19.85 -30.22
CA ILE D 238 28.72 19.39 -30.54
C ILE D 238 27.75 20.56 -30.53
N ASN D 239 26.99 20.71 -31.62
CA ASN D 239 25.87 21.63 -31.73
C ASN D 239 24.57 20.85 -31.85
N ILE D 240 23.50 21.43 -31.32
CA ILE D 240 22.17 20.83 -31.38
C ILE D 240 21.25 21.77 -32.13
N THR D 241 20.60 21.25 -33.16
CA THR D 241 19.68 21.99 -34.01
C THR D 241 18.37 21.22 -34.08
N LEU D 242 17.30 21.90 -34.48
CA LEU D 242 15.99 21.29 -34.62
C LEU D 242 15.83 20.73 -36.04
N TRP D 243 15.27 19.52 -36.12
CA TRP D 243 15.07 18.84 -37.40
C TRP D 243 14.12 19.63 -38.29
N ARG D 244 12.88 19.77 -37.84
CA ARG D 244 11.84 20.43 -38.60
C ARG D 244 11.71 21.89 -38.17
N SER D 245 10.78 22.59 -38.80
CA SER D 245 10.46 23.94 -38.38
C SER D 245 9.75 23.90 -37.03
N PRO D 246 9.91 24.96 -36.22
CA PRO D 246 9.26 24.95 -34.89
C PRO D 246 7.75 24.84 -34.93
N GLU D 247 7.11 25.38 -35.97
CA GLU D 247 5.65 25.37 -36.04
C GLU D 247 5.11 23.95 -36.14
N GLU D 248 5.79 23.08 -36.91
CA GLU D 248 5.36 21.70 -37.02
C GLU D 248 5.46 20.98 -35.68
N VAL D 249 6.53 21.25 -34.92
CA VAL D 249 6.69 20.62 -33.62
C VAL D 249 5.66 21.14 -32.63
N ARG D 250 5.25 22.41 -32.75
CA ARG D 250 4.25 22.95 -31.84
C ARG D 250 2.93 22.21 -31.95
N SER D 251 2.48 21.93 -33.17
CA SER D 251 1.19 21.27 -33.41
C SER D 251 1.47 19.95 -34.11
N ASP D 252 1.73 18.90 -33.32
CA ASP D 252 2.00 17.56 -33.85
C ASP D 252 1.27 16.59 -32.93
N LYS D 253 0.04 16.26 -33.28
CA LYS D 253 -0.74 15.28 -32.53
C LYS D 253 -1.14 14.13 -33.44
N SER D 254 -0.19 13.63 -34.23
CA SER D 254 -0.49 12.62 -35.24
C SER D 254 -0.74 11.26 -34.61
N ILE D 255 0.04 10.90 -33.59
CA ILE D 255 -0.01 9.56 -33.02
C ILE D 255 -0.35 9.59 -31.53
N PHE D 256 -0.92 10.68 -31.05
CA PHE D 256 -1.24 10.81 -29.63
C PHE D 256 -2.45 9.97 -29.26
N ILE D 257 -2.42 9.41 -28.04
CA ILE D 257 -3.54 8.64 -27.51
C ILE D 257 -4.44 9.60 -26.74
N ASN D 258 -5.68 9.73 -27.19
CA ASN D 258 -6.65 10.66 -26.61
C ASN D 258 -7.65 9.96 -25.70
N GLN D 259 -7.35 8.75 -25.25
CA GLN D 259 -8.24 7.97 -24.39
C GLN D 259 -7.74 7.89 -22.96
N GLY D 260 -6.87 8.81 -22.55
CA GLY D 260 -6.33 8.85 -21.21
C GLY D 260 -6.98 9.92 -20.36
N GLU D 261 -6.23 10.40 -19.37
CA GLU D 261 -6.70 11.44 -18.45
C GLU D 261 -6.21 12.83 -18.82
N TRP D 262 -4.99 12.95 -19.34
CA TRP D 262 -4.41 14.24 -19.65
C TRP D 262 -4.44 14.52 -21.15
N GLU D 263 -4.63 15.79 -21.50
CA GLU D 263 -4.76 16.22 -22.89
C GLU D 263 -3.56 17.08 -23.27
N LEU D 264 -2.91 16.72 -24.37
CA LEU D 264 -1.76 17.47 -24.85
C LEU D 264 -2.20 18.73 -25.57
N LEU D 265 -1.47 19.82 -25.36
CA LEU D 265 -1.79 21.11 -25.93
C LEU D 265 -0.70 21.64 -26.85
N GLU D 266 0.56 21.62 -26.40
CA GLU D 266 1.63 22.26 -27.16
C GLU D 266 2.97 21.70 -26.71
N VAL D 267 3.86 21.47 -27.67
CA VAL D 267 5.25 21.11 -27.42
C VAL D 267 6.10 22.24 -28.00
N PHE D 268 6.66 23.08 -27.14
CA PHE D 268 7.34 24.29 -27.59
C PHE D 268 8.85 24.11 -27.50
N PRO D 269 9.56 24.01 -28.61
CA PRO D 269 11.02 23.92 -28.57
C PRO D 269 11.66 25.27 -28.28
N GLN D 270 12.88 25.21 -27.76
CA GLN D 270 13.63 26.42 -27.42
C GLN D 270 15.11 26.07 -27.36
N PHE D 271 15.94 26.96 -27.92
CA PHE D 271 17.38 26.79 -27.92
C PHE D 271 18.02 27.71 -26.89
N LYS D 272 18.99 27.18 -26.16
CA LYS D 272 19.72 27.94 -25.15
C LYS D 272 21.18 27.51 -25.14
N GLU D 273 22.04 28.44 -24.73
CA GLU D 273 23.46 28.16 -24.51
C GLU D 273 23.70 28.14 -23.01
N PHE D 274 24.17 27.01 -22.49
CA PHE D 274 24.28 26.78 -21.07
C PHE D 274 25.73 26.90 -20.62
N SER D 275 25.95 27.65 -19.54
CA SER D 275 27.30 27.82 -18.99
C SER D 275 27.18 28.26 -17.54
N ILE D 276 27.76 27.47 -16.64
CA ILE D 276 27.82 27.83 -15.23
C ILE D 276 29.26 28.10 -14.79
N ASP D 277 30.16 28.30 -15.74
CA ASP D 277 31.55 28.64 -15.45
C ASP D 277 32.10 29.45 -16.62
N ILE D 278 33.23 30.12 -16.36
CA ILE D 278 33.78 31.08 -17.32
C ILE D 278 34.64 30.42 -18.40
N SER D 279 34.71 29.09 -18.44
CA SER D 279 35.57 28.39 -19.39
C SER D 279 34.79 27.62 -20.44
N ASN D 280 33.80 26.83 -20.04
CA ASN D 280 33.10 25.91 -20.93
C ASN D 280 31.65 26.31 -21.10
N SER D 281 31.12 26.12 -22.30
CA SER D 281 29.71 26.37 -22.60
C SER D 281 29.14 25.18 -23.36
N TYR D 282 27.84 24.97 -23.19
CA TYR D 282 27.17 23.79 -23.73
C TYR D 282 25.89 24.22 -24.44
N ALA D 283 25.45 23.37 -25.37
CA ALA D 283 24.27 23.63 -26.18
C ALA D 283 23.11 22.77 -25.69
N GLU D 284 21.96 23.40 -25.48
CA GLU D 284 20.77 22.72 -24.98
C GLU D 284 19.59 22.98 -25.91
N MET D 285 18.62 22.07 -25.85
CA MET D 285 17.39 22.20 -26.63
C MET D 285 16.23 21.83 -25.71
N LYS D 286 15.59 22.84 -25.12
CA LYS D 286 14.50 22.61 -24.19
C LYS D 286 13.18 22.41 -24.92
N PHE D 287 12.40 21.46 -24.43
CA PHE D 287 11.07 21.18 -24.94
C PHE D 287 10.06 21.34 -23.81
N TYR D 288 9.12 22.27 -23.97
CA TYR D 288 8.09 22.51 -22.97
C TYR D 288 6.82 21.77 -23.36
N VAL D 289 6.37 20.88 -22.50
CA VAL D 289 5.21 20.03 -22.77
C VAL D 289 4.03 20.58 -21.98
N ILE D 290 2.95 20.90 -22.67
CA ILE D 290 1.75 21.51 -22.07
C ILE D 290 0.69 20.43 -22.00
N ILE D 291 0.19 20.16 -20.79
CA ILE D 291 -0.83 19.16 -20.57
C ILE D 291 -1.96 19.79 -19.77
N ARG D 292 -3.12 19.12 -19.80
CA ARG D 292 -4.34 19.68 -19.24
C ARG D 292 -5.25 18.55 -18.79
N ARG D 293 -5.75 18.64 -17.57
CA ARG D 293 -6.57 17.58 -17.00
C ARG D 293 -7.98 17.61 -17.60
N ARG D 294 -8.62 16.44 -17.60
CA ARG D 294 -10.02 16.33 -18.00
C ARG D 294 -10.88 16.34 -16.75
N PRO D 295 -11.72 17.34 -16.53
CA PRO D 295 -12.36 17.53 -15.22
C PRO D 295 -13.69 16.82 -15.03
N LEU D 296 -14.20 16.15 -16.05
CA LEU D 296 -15.52 15.53 -15.97
C LEU D 296 -15.62 14.55 -14.80
N PHE D 297 -14.71 13.59 -14.74
CA PHE D 297 -14.74 12.60 -13.68
C PHE D 297 -14.71 13.24 -12.31
N TYR D 298 -13.77 14.16 -12.09
CA TYR D 298 -13.63 14.79 -10.79
C TYR D 298 -14.81 15.70 -10.46
N ALA D 299 -15.42 16.28 -11.47
CA ALA D 299 -16.59 17.13 -11.24
C ALA D 299 -17.78 16.31 -10.77
N VAL D 300 -18.14 15.27 -11.54
CA VAL D 300 -19.33 14.48 -11.19
C VAL D 300 -19.10 13.69 -9.90
N SER D 301 -17.85 13.40 -9.54
CA SER D 301 -17.60 12.61 -8.34
C SER D 301 -17.39 13.44 -7.09
N LEU D 302 -17.10 14.73 -7.20
CA LEU D 302 -16.82 15.53 -6.01
C LEU D 302 -17.69 16.77 -5.87
N LEU D 303 -18.00 17.47 -6.96
CA LEU D 303 -18.64 18.77 -6.84
C LEU D 303 -20.09 18.65 -6.37
N LEU D 304 -20.86 17.74 -6.96
CA LEU D 304 -22.27 17.61 -6.60
C LEU D 304 -22.50 17.23 -5.14
N PRO D 305 -21.79 16.27 -4.55
CA PRO D 305 -21.89 16.11 -3.09
C PRO D 305 -21.48 17.35 -2.32
N SER D 306 -20.60 18.17 -2.88
CA SER D 306 -20.33 19.49 -2.31
C SER D 306 -21.33 20.54 -2.77
N ILE D 307 -22.15 20.24 -3.77
CA ILE D 307 -23.34 21.05 -4.02
C ILE D 307 -24.40 20.80 -2.97
N PHE D 308 -24.34 19.64 -2.29
CA PHE D 308 -25.28 19.38 -1.21
C PHE D 308 -25.14 20.31 0.01
N LEU D 309 -24.20 21.27 0.00
CA LEU D 309 -24.21 22.28 1.04
C LEU D 309 -25.46 23.15 0.97
N MET D 310 -26.02 23.35 -0.23
CA MET D 310 -27.32 24.02 -0.29
C MET D 310 -28.42 23.16 0.32
N VAL D 311 -28.31 21.83 0.20
CA VAL D 311 -29.26 20.95 0.88
C VAL D 311 -29.16 21.10 2.38
N VAL D 312 -27.94 21.10 2.92
CA VAL D 312 -27.80 21.24 4.37
C VAL D 312 -28.22 22.63 4.83
N ASP D 313 -27.99 23.66 4.01
CA ASP D 313 -28.43 25.01 4.37
C ASP D 313 -29.94 25.11 4.39
N ILE D 314 -30.63 24.54 3.39
CA ILE D 314 -32.09 24.65 3.37
C ILE D 314 -32.76 23.72 4.37
N VAL D 315 -32.07 22.69 4.86
CA VAL D 315 -32.64 21.90 5.94
C VAL D 315 -32.28 22.44 7.33
N GLY D 316 -31.24 23.27 7.43
CA GLY D 316 -30.94 23.92 8.69
C GLY D 316 -31.54 25.30 8.87
N PHE D 317 -32.04 25.90 7.79
CA PHE D 317 -32.66 27.22 7.88
C PHE D 317 -34.10 27.15 8.39
N CYS D 318 -34.95 26.40 7.67
CA CYS D 318 -36.38 26.40 7.94
C CYS D 318 -36.75 25.63 9.20
N LEU D 319 -35.84 24.81 9.71
CA LEU D 319 -36.09 24.04 10.92
C LEU D 319 -35.94 24.94 12.15
N PRO D 320 -36.90 24.85 13.12
CA PRO D 320 -36.76 25.79 14.25
C PRO D 320 -35.36 25.85 14.85
N PRO D 321 -34.80 27.10 14.97
CA PRO D 321 -33.44 27.18 15.47
C PRO D 321 -33.36 26.92 16.95
N ASP D 322 -34.43 27.23 17.67
CA ASP D 322 -34.45 27.01 19.11
C ASP D 322 -34.52 25.52 19.44
N SER D 323 -34.56 25.20 20.72
CA SER D 323 -34.59 23.80 21.15
C SER D 323 -35.60 22.96 20.38
N GLY D 324 -35.13 21.89 19.78
CA GLY D 324 -36.00 21.03 19.00
C GLY D 324 -35.25 19.82 18.48
N GLU D 325 -35.22 19.66 17.17
CA GLU D 325 -34.51 18.53 16.57
C GLU D 325 -33.27 18.96 15.80
N ARG D 326 -33.01 20.27 15.75
CA ARG D 326 -31.86 20.77 14.98
C ARG D 326 -30.52 20.26 15.50
N VAL D 327 -30.25 20.41 16.80
CA VAL D 327 -29.01 19.91 17.38
C VAL D 327 -28.71 18.49 16.88
N SER D 328 -29.69 17.59 17.00
CA SER D 328 -29.47 16.21 16.59
C SER D 328 -29.33 16.10 15.08
N PHE D 329 -30.14 16.85 14.32
CA PHE D 329 -30.13 16.70 12.88
C PHE D 329 -28.87 17.32 12.28
N LYS D 330 -28.41 18.44 12.85
CA LYS D 330 -27.11 19.01 12.52
C LYS D 330 -25.98 18.07 12.89
N ILE D 331 -26.08 17.35 14.01
CA ILE D 331 -25.07 16.35 14.34
C ILE D 331 -25.03 15.26 13.29
N THR D 332 -26.20 14.79 12.86
CA THR D 332 -26.24 13.75 11.84
C THR D 332 -25.66 14.24 10.51
N LEU D 333 -25.98 15.48 10.12
CA LEU D 333 -25.40 16.04 8.92
C LEU D 333 -23.89 16.24 9.05
N LEU D 334 -23.40 16.56 10.25
CA LEU D 334 -21.97 16.67 10.47
C LEU D 334 -21.29 15.32 10.33
N LEU D 335 -21.89 14.26 10.87
CA LEU D 335 -21.34 12.92 10.65
C LEU D 335 -21.35 12.55 9.18
N GLY D 336 -22.42 12.88 8.46
CA GLY D 336 -22.46 12.59 7.03
C GLY D 336 -21.40 13.36 6.24
N TYR D 337 -21.25 14.65 6.53
CA TYR D 337 -20.30 15.50 5.85
C TYR D 337 -18.86 15.24 6.30
N SER D 338 -18.67 14.54 7.41
CA SER D 338 -17.36 14.01 7.76
C SER D 338 -17.08 12.68 7.09
N VAL D 339 -18.10 11.83 6.92
CA VAL D 339 -17.94 10.60 6.15
C VAL D 339 -17.58 10.93 4.70
N PHE D 340 -18.17 12.01 4.16
CA PHE D 340 -17.84 12.42 2.80
C PHE D 340 -16.36 12.73 2.65
N LEU D 341 -15.80 13.56 3.54
CA LEU D 341 -14.37 13.86 3.47
C LEU D 341 -13.51 12.67 3.89
N ILE D 342 -14.05 11.71 4.62
CA ILE D 342 -13.34 10.45 4.83
C ILE D 342 -13.16 9.73 3.51
N ILE D 343 -14.22 9.68 2.70
CA ILE D 343 -14.14 9.04 1.39
C ILE D 343 -13.25 9.84 0.45
N VAL D 344 -13.33 11.18 0.53
CA VAL D 344 -12.63 12.05 -0.41
C VAL D 344 -11.11 11.93 -0.24
N SER D 345 -10.64 11.75 1.00
CA SER D 345 -9.21 11.70 1.26
C SER D 345 -8.54 10.52 0.55
N ASP D 346 -9.30 9.51 0.14
CA ASP D 346 -8.75 8.41 -0.63
C ASP D 346 -8.67 8.71 -2.12
N THR D 347 -9.24 9.83 -2.57
CA THR D 347 -9.24 10.19 -3.98
C THR D 347 -8.50 11.49 -4.29
N LEU D 348 -8.48 12.44 -3.37
CA LEU D 348 -7.75 13.68 -3.60
C LEU D 348 -6.25 13.41 -3.60
N PRO D 349 -5.47 14.10 -4.44
CA PRO D 349 -4.02 13.89 -4.46
C PRO D 349 -3.36 14.42 -3.20
N ALA D 350 -2.20 13.85 -2.90
CA ALA D 350 -1.40 14.25 -1.75
C ALA D 350 -0.15 14.95 -2.24
N THR D 351 0.12 16.13 -1.66
CA THR D 351 1.32 16.88 -2.00
C THR D 351 1.78 17.63 -0.76
N ALA D 352 3.09 17.61 -0.50
CA ALA D 352 3.65 18.17 0.71
C ALA D 352 4.04 19.63 0.58
N ILE D 353 3.79 20.26 -0.57
CA ILE D 353 4.11 21.67 -0.75
C ILE D 353 2.89 22.52 -1.07
N GLY D 354 1.74 21.93 -1.39
CA GLY D 354 0.56 22.71 -1.69
C GLY D 354 -0.71 21.91 -1.48
N THR D 355 -1.81 22.64 -1.33
CA THR D 355 -3.12 22.04 -1.16
C THR D 355 -4.12 22.69 -2.11
N PRO D 356 -5.09 21.93 -2.59
CA PRO D 356 -6.14 22.53 -3.42
C PRO D 356 -6.98 23.54 -2.63
N LEU D 357 -7.50 24.54 -3.35
CA LEU D 357 -8.35 25.53 -2.72
C LEU D 357 -9.70 24.93 -2.32
N ILE D 358 -10.12 23.88 -3.02
CA ILE D 358 -11.36 23.18 -2.67
C ILE D 358 -11.26 22.60 -1.27
N GLY D 359 -10.08 22.10 -0.90
CA GLY D 359 -9.89 21.62 0.47
C GLY D 359 -10.00 22.73 1.49
N VAL D 360 -9.52 23.93 1.14
CA VAL D 360 -9.66 25.08 2.01
C VAL D 360 -11.13 25.40 2.23
N TYR D 361 -11.92 25.39 1.16
CA TYR D 361 -13.35 25.64 1.32
C TYR D 361 -14.03 24.54 2.13
N PHE D 362 -13.60 23.30 1.96
CA PHE D 362 -14.15 22.19 2.73
C PHE D 362 -13.88 22.37 4.22
N VAL D 363 -12.64 22.72 4.58
CA VAL D 363 -12.34 22.87 6.01
C VAL D 363 -13.00 24.12 6.58
N VAL D 364 -13.19 25.16 5.77
CA VAL D 364 -13.96 26.33 6.22
C VAL D 364 -15.39 25.93 6.52
N CYS D 365 -15.99 25.11 5.64
CA CYS D 365 -17.34 24.61 5.89
C CYS D 365 -17.40 23.78 7.17
N MET D 366 -16.37 22.96 7.40
CA MET D 366 -16.31 22.18 8.63
C MET D 366 -16.28 23.07 9.86
N ALA D 367 -15.44 24.12 9.83
CA ALA D 367 -15.35 25.02 10.97
C ALA D 367 -16.65 25.75 11.22
N LEU D 368 -17.33 26.18 10.14
CA LEU D 368 -18.61 26.87 10.31
C LEU D 368 -19.68 25.93 10.84
N LEU D 369 -19.67 24.66 10.41
CA LEU D 369 -20.61 23.69 10.96
C LEU D 369 -20.36 23.46 12.45
N VAL D 370 -19.09 23.38 12.85
CA VAL D 370 -18.77 23.18 14.26
C VAL D 370 -19.23 24.37 15.09
N ILE D 371 -18.99 25.59 14.59
CA ILE D 371 -19.42 26.77 15.34
C ILE D 371 -20.94 26.85 15.39
N SER D 372 -21.63 26.39 14.34
CA SER D 372 -23.08 26.36 14.36
C SER D 372 -23.60 25.40 15.41
N LEU D 373 -23.01 24.21 15.47
CA LEU D 373 -23.43 23.23 16.47
C LEU D 373 -23.19 23.76 17.88
N ALA D 374 -22.04 24.40 18.11
CA ALA D 374 -21.75 24.96 19.43
C ALA D 374 -22.75 26.04 19.82
N GLU D 375 -23.05 26.94 18.88
CA GLU D 375 -24.00 28.02 19.16
C GLU D 375 -25.40 27.46 19.46
N THR D 376 -25.81 26.43 18.72
CA THR D 376 -27.07 25.79 19.01
C THR D 376 -27.07 25.15 20.41
N ILE D 377 -25.95 24.56 20.82
CA ILE D 377 -25.87 23.99 22.16
C ILE D 377 -26.01 25.07 23.23
N PHE D 378 -25.34 26.21 23.07
CA PHE D 378 -25.51 27.28 24.04
C PHE D 378 -26.95 27.78 24.09
N ILE D 379 -27.60 27.93 22.92
CA ILE D 379 -28.97 28.43 22.90
C ILE D 379 -29.93 27.43 23.54
N VAL D 380 -29.74 26.14 23.26
CA VAL D 380 -30.57 25.11 23.89
C VAL D 380 -30.38 25.13 25.40
N ARG D 381 -29.13 25.22 25.85
CA ARG D 381 -28.84 25.17 27.28
C ARG D 381 -29.41 26.37 28.02
N LEU D 382 -29.32 27.56 27.43
CA LEU D 382 -29.65 28.77 28.16
C LEU D 382 -31.14 28.87 28.48
N VAL D 383 -32.00 28.57 27.51
CA VAL D 383 -33.43 28.84 27.65
C VAL D 383 -34.15 27.68 28.33
N HIS D 384 -33.38 26.71 28.84
CA HIS D 384 -34.00 25.55 29.47
C HIS D 384 -33.36 25.17 30.80
N LYS D 385 -32.37 25.91 31.27
CA LYS D 385 -31.62 25.57 32.48
C LYS D 385 -31.44 26.79 33.37
N GLN D 386 -32.55 27.47 33.67
CA GLN D 386 -32.60 28.61 34.59
C GLN D 386 -31.73 29.76 34.06
N ASP D 387 -32.20 30.32 32.95
CA ASP D 387 -31.55 31.47 32.31
C ASP D 387 -31.37 32.63 33.27
N LEU D 388 -30.11 32.97 33.58
CA LEU D 388 -29.75 34.14 34.36
C LEU D 388 -28.80 35.04 33.59
N GLN D 389 -29.10 35.27 32.31
CA GLN D 389 -28.28 36.12 31.47
C GLN D 389 -28.37 37.57 31.93
N ARG D 390 -27.33 38.33 31.61
CA ARG D 390 -27.29 39.75 31.96
C ARG D 390 -28.37 40.50 31.20
N PRO D 391 -29.25 41.25 31.87
CA PRO D 391 -30.30 41.98 31.16
C PRO D 391 -29.76 43.10 30.29
N VAL D 392 -28.91 43.94 30.87
CA VAL D 392 -28.33 45.08 30.15
C VAL D 392 -26.81 45.10 30.30
N PRO D 393 -26.08 44.16 29.70
CA PRO D 393 -24.62 44.15 29.80
C PRO D 393 -24.02 45.19 28.86
N ASP D 394 -22.69 45.29 28.91
CA ASP D 394 -21.98 46.24 28.04
C ASP D 394 -22.05 45.86 26.58
N TRP D 395 -22.31 44.59 26.27
CA TRP D 395 -22.40 44.14 24.88
C TRP D 395 -23.74 44.49 24.24
N LEU D 396 -24.72 44.95 25.02
CA LEU D 396 -26.02 45.30 24.46
C LEU D 396 -25.91 46.49 23.51
N ARG D 397 -25.01 47.44 23.81
CA ARG D 397 -24.83 48.59 22.93
C ARG D 397 -24.38 48.16 21.54
N HIS D 398 -23.39 47.27 21.47
CA HIS D 398 -22.95 46.77 20.17
C HIS D 398 -23.96 45.82 19.56
N LEU D 399 -24.76 45.15 20.40
CA LEU D 399 -25.83 44.30 19.88
C LEU D 399 -26.88 45.11 19.14
N VAL D 400 -27.23 46.29 19.66
CA VAL D 400 -28.30 47.10 19.09
C VAL D 400 -27.80 48.19 18.15
N LEU D 401 -26.49 48.44 18.10
CA LEU D 401 -25.99 49.54 17.28
C LEU D 401 -26.11 49.23 15.78
N ASP D 402 -25.68 48.04 15.37
CA ASP D 402 -25.57 47.72 13.95
C ASP D 402 -26.16 46.38 13.54
N ARG D 403 -26.35 45.44 14.47
CA ARG D 403 -26.87 44.13 14.10
C ARG D 403 -28.33 44.22 13.64
N ILE D 404 -29.15 44.98 14.37
CA ILE D 404 -30.55 45.11 14.01
C ILE D 404 -30.74 45.90 12.72
N ALA D 405 -29.71 46.63 12.28
CA ALA D 405 -29.78 47.36 11.02
C ALA D 405 -29.28 46.53 9.85
N TRP D 406 -28.14 45.87 10.02
CA TRP D 406 -27.58 45.05 8.95
C TRP D 406 -28.42 43.81 8.71
N ILE D 407 -28.73 43.06 9.76
CA ILE D 407 -29.52 41.85 9.62
C ILE D 407 -30.77 41.94 10.49
N LEU D 472 -66.93 25.07 63.32
CA LEU D 472 -65.82 24.53 64.09
C LEU D 472 -64.62 24.27 63.18
N ALA D 473 -64.71 23.19 62.40
CA ALA D 473 -63.65 22.81 61.48
C ALA D 473 -63.90 23.29 60.05
N VAL D 474 -64.96 24.07 59.83
CA VAL D 474 -65.26 24.54 58.48
C VAL D 474 -64.19 25.52 58.00
N ARG D 475 -63.67 26.36 58.91
CA ARG D 475 -62.63 27.32 58.52
C ARG D 475 -61.36 26.61 58.07
N GLY D 476 -60.94 25.57 58.80
CA GLY D 476 -59.79 24.79 58.38
C GLY D 476 -60.01 24.06 57.07
N LEU D 477 -61.24 23.61 56.83
CA LEU D 477 -61.55 22.91 55.57
C LEU D 477 -61.39 23.86 54.38
N LEU D 478 -61.92 25.08 54.49
CA LEU D 478 -61.74 26.06 53.43
C LEU D 478 -60.27 26.46 53.29
N GLN D 479 -59.56 26.56 54.42
CA GLN D 479 -58.13 26.92 54.36
C GLN D 479 -57.34 25.86 53.61
N GLU D 480 -57.57 24.57 53.90
CA GLU D 480 -56.84 23.52 53.21
C GLU D 480 -57.30 23.39 51.76
N LEU D 481 -58.57 23.69 51.47
CA LEU D 481 -59.01 23.71 50.08
C LEU D 481 -58.30 24.78 49.28
N SER D 482 -58.17 25.98 49.87
CA SER D 482 -57.42 27.05 49.21
C SER D 482 -55.95 26.68 49.07
N SER D 483 -55.39 25.98 50.06
CA SER D 483 -54.01 25.55 49.97
C SER D 483 -53.80 24.54 48.83
N ILE D 484 -54.71 23.57 48.70
CA ILE D 484 -54.56 22.55 47.66
C ILE D 484 -55.06 23.00 46.29
N ARG D 485 -55.71 24.16 46.21
CA ARG D 485 -56.11 24.70 44.91
C ARG D 485 -54.91 25.13 44.06
N HIS D 486 -53.71 25.22 44.63
CA HIS D 486 -52.53 25.66 43.91
C HIS D 486 -51.95 24.60 42.97
N PHE D 487 -52.51 23.39 42.98
CA PHE D 487 -52.00 22.33 42.10
C PHE D 487 -52.17 22.69 40.63
N LEU D 488 -53.23 23.42 40.29
CA LEU D 488 -53.43 23.86 38.91
C LEU D 488 -52.31 24.77 38.46
N GLU D 489 -51.95 25.75 39.30
CA GLU D 489 -50.84 26.64 38.96
C GLU D 489 -49.51 25.89 38.91
N LYS D 490 -49.29 24.96 39.85
CA LYS D 490 -48.05 24.20 39.86
C LYS D 490 -47.92 23.31 38.64
N ARG D 491 -49.05 22.87 38.08
CA ARG D 491 -49.03 22.13 36.82
C ARG D 491 -48.95 23.04 35.61
N ASP D 492 -49.39 24.29 35.72
CA ASP D 492 -49.42 25.17 34.54
C ASP D 492 -48.20 26.07 34.40
N GLU D 493 -47.68 26.58 35.52
CA GLU D 493 -46.55 27.52 35.47
C GLU D 493 -45.20 26.85 35.35
N MET D 494 -45.01 26.06 34.29
CA MET D 494 -43.73 25.41 34.05
C MET D 494 -43.28 25.79 32.66
N ARG D 495 -44.19 25.74 31.70
CA ARG D 495 -43.88 26.14 30.33
C ARG D 495 -43.59 27.62 30.27
N GLU D 496 -44.43 28.43 30.90
CA GLU D 496 -44.22 29.87 30.92
C GLU D 496 -42.88 30.22 31.55
N VAL D 497 -42.45 29.44 32.54
CA VAL D 497 -41.11 29.65 33.11
C VAL D 497 -40.03 29.30 32.09
N ALA D 498 -40.21 28.20 31.36
CA ALA D 498 -39.14 27.62 30.56
C ALA D 498 -39.16 28.02 29.09
N ARG D 499 -40.02 28.96 28.69
CA ARG D 499 -40.09 29.36 27.29
C ARG D 499 -39.72 30.83 27.06
N ASP D 500 -38.57 31.27 27.58
CA ASP D 500 -38.32 32.69 27.76
C ASP D 500 -37.84 33.40 26.48
N TRP D 501 -36.66 33.05 25.97
CA TRP D 501 -35.87 34.01 25.20
C TRP D 501 -35.42 33.47 23.83
N LEU D 502 -36.37 32.89 23.09
CA LEU D 502 -36.11 32.56 21.69
C LEU D 502 -35.77 33.80 20.86
N ARG D 503 -36.29 34.95 21.27
CA ARG D 503 -36.03 36.19 20.55
C ARG D 503 -34.54 36.47 20.52
N VAL D 504 -33.84 36.39 21.65
CA VAL D 504 -32.42 36.77 21.65
C VAL D 504 -31.51 35.70 21.03
N GLY D 505 -31.96 34.45 21.06
CA GLY D 505 -31.17 33.35 20.52
C GLY D 505 -30.93 33.44 19.03
N TYR D 506 -31.90 33.98 18.31
CA TYR D 506 -31.77 34.07 16.85
C TYR D 506 -30.75 35.12 16.42
N VAL D 507 -30.37 36.05 17.28
CA VAL D 507 -29.45 37.08 16.80
C VAL D 507 -28.14 36.45 16.30
N LEU D 508 -27.89 35.19 16.64
CA LEU D 508 -26.65 34.55 16.23
C LEU D 508 -26.89 33.55 15.11
N ASP D 509 -28.02 32.84 15.15
CA ASP D 509 -28.38 31.94 14.07
C ASP D 509 -28.56 32.70 12.76
N ARG D 510 -29.20 33.87 12.81
CA ARG D 510 -29.36 34.67 11.59
C ARG D 510 -28.01 35.08 11.01
N LEU D 511 -27.11 35.56 11.87
CA LEU D 511 -25.79 35.97 11.40
C LEU D 511 -25.02 34.78 10.81
N LEU D 512 -25.13 33.61 11.44
CA LEU D 512 -24.42 32.44 10.95
C LEU D 512 -25.01 31.95 9.63
N PHE D 513 -26.32 32.08 9.44
CA PHE D 513 -26.93 31.80 8.14
C PHE D 513 -26.37 32.73 7.07
N ARG D 514 -26.21 34.01 7.41
CA ARG D 514 -25.56 34.94 6.49
C ARG D 514 -24.15 34.46 6.14
N ILE D 515 -23.41 33.98 7.13
CA ILE D 515 -22.04 33.48 6.88
C ILE D 515 -22.07 32.28 5.93
N TYR D 516 -23.03 31.36 6.12
CA TYR D 516 -23.16 30.23 5.19
C TYR D 516 -23.40 30.70 3.76
N LEU D 517 -24.31 31.66 3.58
CA LEU D 517 -24.58 32.13 2.21
C LEU D 517 -23.37 32.81 1.58
N LEU D 518 -22.63 33.61 2.34
CA LEU D 518 -21.42 34.21 1.79
C LEU D 518 -20.38 33.15 1.43
N ALA D 519 -20.24 32.11 2.26
CA ALA D 519 -19.29 31.04 1.94
C ALA D 519 -19.68 30.30 0.67
N VAL D 520 -20.98 30.02 0.50
CA VAL D 520 -21.44 29.34 -0.71
C VAL D 520 -21.21 30.21 -1.94
N LEU D 521 -21.47 31.52 -1.83
CA LEU D 521 -21.23 32.42 -2.95
C LEU D 521 -19.76 32.44 -3.34
N ALA D 522 -18.87 32.48 -2.33
CA ALA D 522 -17.44 32.45 -2.62
C ALA D 522 -17.02 31.15 -3.31
N TYR D 523 -17.57 30.02 -2.85
CA TYR D 523 -17.28 28.74 -3.49
C TYR D 523 -17.71 28.74 -4.95
N SER D 524 -18.92 29.24 -5.23
CA SER D 524 -19.42 29.26 -6.60
C SER D 524 -18.57 30.16 -7.49
N ILE D 525 -18.21 31.36 -7.01
CA ILE D 525 -17.46 32.27 -7.85
C ILE D 525 -16.05 31.76 -8.10
N THR D 526 -15.42 31.12 -7.10
CA THR D 526 -14.09 30.58 -7.35
C THR D 526 -14.13 29.37 -8.27
N LEU D 527 -15.17 28.55 -8.19
CA LEU D 527 -15.29 27.44 -9.13
C LEU D 527 -15.47 27.94 -10.56
N VAL D 528 -16.29 28.98 -10.74
CA VAL D 528 -16.50 29.54 -12.07
C VAL D 528 -15.21 30.14 -12.63
N THR D 529 -14.46 30.87 -11.80
CA THR D 529 -13.23 31.47 -12.31
C THR D 529 -12.17 30.41 -12.60
N LEU D 530 -12.13 29.31 -11.84
CA LEU D 530 -11.19 28.24 -12.15
C LEU D 530 -11.56 27.59 -13.48
N TRP D 531 -12.85 27.37 -13.73
CA TRP D 531 -13.26 26.82 -15.02
C TRP D 531 -12.91 27.77 -16.16
N SER D 532 -13.06 29.07 -15.94
CA SER D 532 -12.72 30.04 -16.98
C SER D 532 -11.23 30.02 -17.30
N ILE D 533 -10.38 29.96 -16.28
CA ILE D 533 -8.94 29.89 -16.50
C ILE D 533 -8.58 28.59 -17.22
N TRP D 534 -9.25 27.49 -16.87
CA TRP D 534 -9.03 26.21 -17.55
C TRP D 534 -9.41 26.28 -19.02
N HIS D 535 -10.55 26.91 -19.32
CA HIS D 535 -11.06 26.94 -20.69
C HIS D 535 -10.27 27.88 -21.58
N TYR D 536 -9.75 28.99 -21.03
CA TYR D 536 -8.99 29.92 -21.85
C TYR D 536 -7.59 29.41 -22.20
N SER D 537 -7.16 28.28 -21.66
CA SER D 537 -5.83 27.76 -21.92
C SER D 537 -5.72 27.00 -23.23
N GLU D 538 -6.84 26.78 -23.93
CA GLU D 538 -6.82 26.02 -25.17
C GLU D 538 -6.41 26.85 -26.37
N ASN D 539 -6.22 28.17 -26.20
CA ASN D 539 -5.82 29.02 -27.31
C ASN D 539 -4.43 28.66 -27.81
N LEU D 540 -3.52 28.35 -26.91
CA LEU D 540 -2.15 27.99 -27.28
C LEU D 540 -2.11 26.61 -27.93
N THR E 82 34.51 -36.22 -45.15
CA THR E 82 35.83 -36.48 -44.59
C THR E 82 35.73 -37.12 -43.21
N THR E 83 36.87 -37.27 -42.53
CA THR E 83 36.88 -37.86 -41.21
C THR E 83 36.25 -36.93 -40.18
N GLN E 84 36.26 -35.63 -40.44
CA GLN E 84 35.68 -34.66 -39.52
C GLN E 84 34.17 -34.87 -39.49
N PRO E 85 33.52 -34.84 -38.32
CA PRO E 85 32.07 -35.02 -38.29
C PRO E 85 31.33 -33.90 -39.00
N ALA E 86 30.12 -34.24 -39.48
CA ALA E 86 29.43 -33.42 -40.47
C ALA E 86 29.00 -32.07 -39.89
N LEU E 87 28.45 -32.07 -38.67
CA LEU E 87 27.89 -30.83 -38.12
C LEU E 87 28.96 -29.78 -37.90
N LEU E 88 30.14 -30.20 -37.42
CA LEU E 88 31.20 -29.24 -37.14
C LEU E 88 31.70 -28.57 -38.41
N ARG E 89 31.96 -29.35 -39.46
CA ARG E 89 32.46 -28.74 -40.69
C ARG E 89 31.36 -28.00 -41.44
N LEU E 90 30.10 -28.40 -41.28
CA LEU E 90 29.01 -27.61 -41.84
C LEU E 90 28.93 -26.25 -41.18
N SER E 91 29.05 -26.21 -39.85
CA SER E 91 29.06 -24.92 -39.15
C SER E 91 30.27 -24.09 -39.54
N ASP E 92 31.42 -24.74 -39.75
CA ASP E 92 32.61 -24.02 -40.20
C ASP E 92 32.37 -23.43 -41.58
N HIS E 93 31.77 -24.20 -42.48
CA HIS E 93 31.52 -23.74 -43.84
C HIS E 93 30.53 -22.58 -43.86
N LEU E 94 29.52 -22.63 -42.98
CA LEU E 94 28.51 -21.58 -42.98
C LEU E 94 28.99 -20.31 -42.28
N LEU E 95 29.37 -20.43 -41.00
CA LEU E 95 29.56 -19.24 -40.18
C LEU E 95 30.87 -18.52 -40.50
N ALA E 96 31.91 -19.23 -40.91
CA ALA E 96 33.14 -18.56 -41.31
C ALA E 96 32.94 -17.79 -42.60
N ASN E 97 33.56 -16.61 -42.67
CA ASN E 97 33.39 -15.67 -43.78
C ASN E 97 31.90 -15.34 -43.95
N TYR E 98 31.23 -15.09 -42.83
CA TYR E 98 29.85 -14.65 -42.82
C TYR E 98 29.77 -13.39 -41.97
N LYS E 99 29.25 -12.30 -42.56
CA LYS E 99 29.24 -11.00 -41.91
C LYS E 99 27.85 -10.73 -41.34
N LYS E 100 27.73 -10.86 -40.03
CA LYS E 100 26.53 -10.43 -39.33
C LYS E 100 26.48 -8.91 -39.29
N GLY E 101 25.31 -8.35 -39.60
CA GLY E 101 25.15 -6.91 -39.67
C GLY E 101 24.78 -6.39 -41.05
N VAL E 102 24.70 -7.24 -42.06
CA VAL E 102 24.26 -6.86 -43.39
C VAL E 102 23.02 -7.68 -43.73
N ARG E 103 22.05 -7.03 -44.39
CA ARG E 103 20.79 -7.70 -44.70
C ARG E 103 21.04 -8.83 -45.69
N PRO E 104 20.60 -10.05 -45.39
CA PRO E 104 20.96 -11.22 -46.21
C PRO E 104 20.16 -11.32 -47.50
N VAL E 105 20.49 -10.45 -48.46
CA VAL E 105 19.92 -10.49 -49.80
C VAL E 105 21.06 -10.33 -50.81
N ARG E 106 20.98 -11.08 -51.91
CA ARG E 106 21.93 -10.90 -52.99
C ARG E 106 21.61 -9.67 -53.84
N ASP E 107 20.34 -9.37 -54.02
CA ASP E 107 19.89 -8.15 -54.69
C ASP E 107 19.19 -7.28 -53.66
N TRP E 108 19.67 -6.04 -53.51
CA TRP E 108 19.19 -5.15 -52.46
C TRP E 108 17.81 -4.58 -52.75
N ARG E 109 17.28 -4.74 -53.96
CA ARG E 109 15.96 -4.24 -54.28
C ARG E 109 14.83 -5.15 -53.83
N LYS E 110 15.15 -6.34 -53.30
CA LYS E 110 14.12 -7.27 -52.85
C LYS E 110 14.03 -7.21 -51.33
N PRO E 111 12.91 -6.76 -50.76
CA PRO E 111 12.79 -6.73 -49.31
C PRO E 111 12.71 -8.14 -48.72
N THR E 112 13.19 -8.27 -47.48
CA THR E 112 13.08 -9.52 -46.76
C THR E 112 11.72 -9.60 -46.08
N THR E 113 11.14 -10.80 -46.08
CA THR E 113 9.79 -11.02 -45.57
C THR E 113 9.85 -11.85 -44.30
N VAL E 114 9.23 -11.34 -43.24
CA VAL E 114 9.16 -12.02 -41.96
C VAL E 114 7.73 -12.49 -41.76
N SER E 115 7.54 -13.78 -41.56
CA SER E 115 6.23 -14.37 -41.36
C SER E 115 6.09 -14.72 -39.88
N ILE E 116 5.25 -13.97 -39.17
CA ILE E 116 5.16 -14.07 -37.73
C ILE E 116 3.88 -14.81 -37.34
N ASP E 117 3.87 -15.31 -36.10
CA ASP E 117 2.71 -15.99 -35.56
C ASP E 117 2.62 -15.68 -34.06
N VAL E 118 1.40 -15.72 -33.54
CA VAL E 118 1.13 -15.38 -32.14
C VAL E 118 0.22 -16.46 -31.56
N ILE E 119 0.64 -17.05 -30.45
CA ILE E 119 -0.14 -18.04 -29.72
C ILE E 119 -0.38 -17.52 -28.31
N MET E 120 -1.62 -17.61 -27.85
CA MET E 120 -2.05 -17.04 -26.58
C MET E 120 -1.90 -18.06 -25.46
N TYR E 121 -1.26 -17.64 -24.37
CA TYR E 121 -1.04 -18.51 -23.21
C TYR E 121 -1.85 -18.10 -21.99
N ALA E 122 -1.69 -16.86 -21.52
CA ALA E 122 -2.35 -16.45 -20.29
C ALA E 122 -2.46 -14.93 -20.23
N ILE E 123 -3.42 -14.47 -19.45
CA ILE E 123 -3.62 -13.05 -19.15
C ILE E 123 -3.28 -12.87 -17.68
N LEU E 124 -2.08 -12.36 -17.41
CA LEU E 124 -1.59 -12.35 -16.03
C LEU E 124 -2.27 -11.27 -15.19
N ASN E 125 -2.45 -10.08 -15.76
CA ASN E 125 -3.01 -8.98 -14.98
C ASN E 125 -3.66 -7.98 -15.94
N VAL E 126 -4.78 -7.41 -15.50
CA VAL E 126 -5.43 -6.29 -16.17
C VAL E 126 -5.62 -5.21 -15.12
N ASP E 127 -4.81 -4.15 -15.20
CA ASP E 127 -4.70 -3.21 -14.08
C ASP E 127 -5.93 -2.32 -13.98
N GLU E 128 -6.45 -1.85 -15.12
CA GLU E 128 -7.66 -1.01 -15.26
C GLU E 128 -7.66 0.20 -14.32
N LYS E 129 -6.49 0.60 -13.85
CA LYS E 129 -6.27 1.86 -13.15
C LYS E 129 -5.13 2.65 -13.77
N ASN E 130 -4.06 1.98 -14.19
CA ASN E 130 -3.00 2.58 -14.98
C ASN E 130 -3.16 2.35 -16.47
N GLN E 131 -4.27 1.72 -16.88
CA GLN E 131 -4.58 1.46 -18.29
C GLN E 131 -3.49 0.62 -18.96
N VAL E 132 -3.19 -0.52 -18.35
CA VAL E 132 -2.15 -1.41 -18.85
C VAL E 132 -2.52 -2.84 -18.48
N LEU E 133 -2.19 -3.78 -19.37
CA LEU E 133 -2.43 -5.20 -19.11
C LEU E 133 -1.14 -5.98 -19.30
N THR E 134 -1.00 -7.06 -18.54
CA THR E 134 0.15 -7.94 -18.62
C THR E 134 -0.26 -9.24 -19.29
N THR E 135 0.51 -9.67 -20.29
CA THR E 135 0.17 -10.82 -21.09
C THR E 135 1.41 -11.68 -21.32
N TYR E 136 1.18 -12.96 -21.62
CA TYR E 136 2.25 -13.92 -21.88
C TYR E 136 1.91 -14.66 -23.17
N ILE E 137 2.80 -14.53 -24.16
CA ILE E 137 2.53 -14.98 -25.53
C ILE E 137 3.69 -15.83 -26.01
N TRP E 138 3.37 -16.97 -26.61
CA TRP E 138 4.35 -17.77 -27.35
C TRP E 138 4.46 -17.22 -28.76
N TYR E 139 5.68 -16.98 -29.22
CA TYR E 139 5.92 -16.23 -30.44
C TYR E 139 6.91 -16.98 -31.32
N ARG E 140 6.70 -16.89 -32.65
CA ARG E 140 7.63 -17.48 -33.61
C ARG E 140 7.56 -16.71 -34.92
N GLN E 141 8.64 -16.80 -35.69
CA GLN E 141 8.76 -16.10 -36.97
C GLN E 141 9.83 -16.78 -37.81
N TYR E 142 9.76 -16.58 -39.12
CA TYR E 142 10.81 -17.06 -40.00
C TYR E 142 11.03 -16.08 -41.14
N TRP E 143 12.26 -16.10 -41.66
CA TRP E 143 12.62 -15.31 -42.83
C TRP E 143 13.63 -16.12 -43.63
N THR E 144 14.10 -15.54 -44.74
CA THR E 144 15.02 -16.22 -45.65
C THR E 144 16.39 -15.55 -45.58
N ASP E 145 17.41 -16.35 -45.31
CA ASP E 145 18.79 -15.89 -45.25
C ASP E 145 19.53 -16.47 -46.45
N GLU E 146 19.78 -15.63 -47.45
CA GLU E 146 20.33 -16.13 -48.71
C GLU E 146 21.78 -16.56 -48.61
N PHE E 147 22.49 -16.19 -47.54
CA PHE E 147 23.89 -16.55 -47.37
C PHE E 147 24.08 -17.84 -46.58
N LEU E 148 23.01 -18.44 -46.07
CA LEU E 148 23.08 -19.71 -45.35
C LEU E 148 22.36 -20.76 -46.19
N GLN E 149 23.09 -21.31 -47.16
CA GLN E 149 22.57 -22.35 -48.05
C GLN E 149 23.66 -23.39 -48.28
N TRP E 150 23.25 -24.65 -48.41
CA TRP E 150 24.20 -25.72 -48.64
C TRP E 150 23.50 -26.88 -49.33
N THR E 151 24.29 -27.73 -49.96
CA THR E 151 23.78 -28.96 -50.55
C THR E 151 23.86 -30.07 -49.52
N PRO E 152 22.76 -30.76 -49.20
CA PRO E 152 22.78 -31.69 -48.07
C PRO E 152 23.74 -32.85 -48.23
N GLU E 153 23.72 -33.55 -49.37
CA GLU E 153 24.51 -34.75 -49.53
C GLU E 153 26.02 -34.49 -49.51
N ASP E 154 26.45 -33.24 -49.66
CA ASP E 154 27.86 -32.93 -49.44
C ASP E 154 28.23 -33.06 -47.96
N PHE E 155 27.39 -32.50 -47.09
CA PHE E 155 27.62 -32.55 -45.64
C PHE E 155 26.88 -33.71 -44.99
N ASP E 156 27.11 -34.92 -45.51
CA ASP E 156 26.57 -36.17 -44.96
C ASP E 156 25.04 -36.17 -44.88
N ASN E 157 24.37 -35.52 -45.82
CA ASN E 157 22.88 -35.57 -45.87
C ASN E 157 22.16 -35.17 -44.59
N VAL E 158 22.44 -33.99 -44.09
CA VAL E 158 21.71 -33.41 -42.97
C VAL E 158 20.98 -32.18 -43.47
N THR E 159 19.74 -32.00 -43.03
CA THR E 159 18.86 -30.97 -43.57
C THR E 159 18.34 -30.01 -42.52
N LYS E 160 19.03 -29.89 -41.37
CA LYS E 160 18.65 -28.96 -40.32
C LYS E 160 19.77 -28.90 -39.29
N LEU E 161 20.00 -27.70 -38.75
CA LEU E 161 20.94 -27.54 -37.65
C LEU E 161 20.56 -26.29 -36.86
N SER E 162 21.11 -26.19 -35.65
CA SER E 162 20.88 -25.05 -34.77
C SER E 162 22.20 -24.33 -34.54
N ILE E 163 22.17 -23.01 -34.71
CA ILE E 163 23.36 -22.19 -34.51
C ILE E 163 22.99 -21.01 -33.60
N PRO E 164 23.96 -20.44 -32.89
CA PRO E 164 23.65 -19.36 -31.96
C PRO E 164 23.03 -18.14 -32.64
N THR E 165 22.13 -17.48 -31.90
CA THR E 165 21.41 -16.34 -32.45
C THR E 165 22.33 -15.15 -32.68
N ASP E 166 23.29 -14.94 -31.78
CA ASP E 166 24.19 -13.79 -31.87
C ASP E 166 25.21 -13.88 -33.00
N SER E 167 25.17 -14.89 -33.85
CA SER E 167 26.12 -15.02 -34.95
C SER E 167 25.50 -14.83 -36.32
N ILE E 168 24.22 -14.48 -36.40
CA ILE E 168 23.53 -14.26 -37.66
C ILE E 168 22.72 -12.97 -37.57
N TRP E 169 22.12 -12.59 -38.70
CA TRP E 169 21.33 -11.37 -38.80
C TRP E 169 19.91 -11.63 -38.30
N VAL E 170 19.45 -10.81 -37.36
CA VAL E 170 18.14 -10.94 -36.76
C VAL E 170 17.40 -9.61 -36.92
N PRO E 171 16.20 -9.60 -37.48
CA PRO E 171 15.46 -8.34 -37.64
C PRO E 171 14.97 -7.80 -36.31
N ASP E 172 14.65 -6.50 -36.30
CA ASP E 172 14.17 -5.82 -35.11
C ASP E 172 12.67 -5.63 -35.22
N ILE E 173 11.92 -6.52 -34.58
CA ILE E 173 10.45 -6.43 -34.55
C ILE E 173 10.05 -6.05 -33.13
N LEU E 174 9.35 -4.94 -32.99
CA LEU E 174 8.99 -4.39 -31.70
C LEU E 174 7.49 -4.09 -31.66
N ILE E 175 6.97 -3.97 -30.46
CA ILE E 175 5.59 -3.55 -30.23
C ILE E 175 5.57 -2.04 -30.07
N ASN E 176 4.62 -1.38 -30.74
CA ASN E 176 4.52 0.08 -30.64
C ASN E 176 4.15 0.52 -29.24
N GLU E 177 3.20 -0.16 -28.62
CA GLU E 177 2.72 0.20 -27.29
C GLU E 177 3.26 -0.78 -26.26
N PHE E 178 4.08 -0.28 -25.36
CA PHE E 178 4.67 -1.07 -24.30
C PHE E 178 5.12 -0.13 -23.19
N VAL E 179 5.03 -0.59 -21.95
CA VAL E 179 5.41 0.19 -20.80
C VAL E 179 6.73 -0.30 -20.21
N ASP E 180 6.92 -1.62 -20.12
CA ASP E 180 8.14 -2.17 -19.55
C ASP E 180 8.32 -3.58 -20.07
N VAL E 181 9.44 -3.83 -20.74
CA VAL E 181 9.82 -5.16 -21.17
C VAL E 181 11.22 -5.46 -20.68
N GLY E 182 11.53 -6.75 -20.52
CA GLY E 182 12.84 -7.13 -20.02
C GLY E 182 12.82 -8.33 -19.11
N LYS E 183 11.63 -8.79 -18.73
CA LYS E 183 11.50 -9.99 -17.92
C LYS E 183 11.29 -11.24 -18.78
N SER E 184 11.39 -11.12 -20.09
CA SER E 184 11.33 -12.27 -20.99
C SER E 184 12.74 -12.67 -21.38
N PRO E 185 13.17 -13.89 -21.13
CA PRO E 185 14.55 -14.28 -21.45
C PRO E 185 14.75 -14.45 -22.93
N ASN E 186 16.02 -14.61 -23.31
CA ASN E 186 16.40 -14.81 -24.70
C ASN E 186 16.75 -16.27 -24.96
N ILE E 187 16.49 -16.71 -26.18
CA ILE E 187 16.77 -18.07 -26.63
C ILE E 187 17.98 -18.01 -27.56
N PRO E 188 19.15 -18.49 -27.12
CA PRO E 188 20.35 -18.33 -27.96
C PRO E 188 20.54 -19.44 -28.98
N TYR E 189 19.47 -19.84 -29.65
CA TYR E 189 19.54 -20.91 -30.65
C TYR E 189 18.42 -20.74 -31.64
N VAL E 190 18.74 -20.89 -32.93
CA VAL E 190 17.76 -20.82 -34.00
C VAL E 190 18.07 -21.93 -35.00
N TYR E 191 17.01 -22.57 -35.52
CA TYR E 191 17.16 -23.49 -36.63
C TYR E 191 17.42 -22.76 -37.94
N VAL E 192 18.40 -23.24 -38.69
CA VAL E 192 18.58 -22.88 -40.09
C VAL E 192 18.31 -24.12 -40.91
N HIS E 193 17.06 -24.29 -41.33
CA HIS E 193 16.62 -25.56 -41.89
C HIS E 193 17.35 -25.92 -43.18
N HIS E 194 17.07 -25.16 -44.25
CA HIS E 194 17.57 -25.49 -45.57
C HIS E 194 17.17 -24.37 -46.52
N ARG E 195 18.01 -24.09 -47.53
CA ARG E 195 17.75 -23.04 -48.51
C ARG E 195 17.55 -21.67 -47.85
N GLY E 196 18.11 -21.49 -46.65
CA GLY E 196 18.04 -20.22 -45.96
C GLY E 196 16.87 -20.03 -45.03
N GLU E 197 16.11 -21.09 -44.73
CA GLU E 197 14.95 -20.98 -43.85
C GLU E 197 15.43 -20.95 -42.40
N VAL E 198 15.30 -19.78 -41.76
CA VAL E 198 15.71 -19.59 -40.37
C VAL E 198 14.48 -19.35 -39.52
N GLN E 199 14.39 -20.09 -38.40
CA GLN E 199 13.22 -20.04 -37.53
C GLN E 199 13.65 -19.64 -36.13
N ASN E 200 12.87 -18.73 -35.52
CA ASN E 200 13.14 -18.24 -34.18
C ASN E 200 11.93 -18.50 -33.30
N TYR E 201 12.16 -19.13 -32.15
CA TYR E 201 11.12 -19.40 -31.17
C TYR E 201 11.47 -18.69 -29.87
N LYS E 202 10.51 -17.96 -29.31
CA LYS E 202 10.79 -17.21 -28.09
C LYS E 202 9.51 -16.92 -27.32
N PRO E 203 9.53 -16.94 -25.99
CA PRO E 203 8.40 -16.43 -25.22
C PRO E 203 8.44 -14.91 -25.12
N LEU E 204 7.34 -14.34 -24.66
CA LEU E 204 7.21 -12.90 -24.56
C LEU E 204 6.46 -12.51 -23.30
N GLN E 205 7.05 -11.61 -22.52
CA GLN E 205 6.43 -11.01 -21.33
C GLN E 205 6.12 -9.55 -21.69
N LEU E 206 4.92 -9.32 -22.21
CA LEU E 206 4.54 -8.01 -22.72
C LEU E 206 3.67 -7.28 -21.71
N VAL E 207 4.06 -6.06 -21.37
CA VAL E 207 3.27 -5.18 -20.52
C VAL E 207 2.91 -3.98 -21.39
N THR E 208 1.74 -4.02 -22.00
CA THR E 208 1.34 -3.07 -23.03
C THR E 208 0.20 -2.19 -22.56
N ALA E 209 0.27 -0.91 -22.90
CA ALA E 209 -0.78 0.03 -22.56
C ALA E 209 -2.02 -0.21 -23.42
N CYS E 210 -3.19 -0.12 -22.80
CA CYS E 210 -4.45 -0.30 -23.50
C CYS E 210 -5.50 0.58 -22.87
N SER E 211 -6.53 0.91 -23.63
CA SER E 211 -7.63 1.75 -23.17
C SER E 211 -8.71 0.85 -22.57
N LEU E 212 -8.72 0.73 -21.26
CA LEU E 212 -9.63 -0.16 -20.56
C LEU E 212 -10.78 0.66 -19.95
N ASP E 213 -12.01 0.29 -20.29
CA ASP E 213 -13.19 0.95 -19.76
C ASP E 213 -13.97 -0.01 -18.86
N ILE E 214 -14.56 0.54 -17.81
CA ILE E 214 -15.30 -0.26 -16.85
C ILE E 214 -16.73 0.25 -16.74
N TYR E 215 -17.27 0.79 -17.83
CA TYR E 215 -18.63 1.32 -17.78
C TYR E 215 -19.59 0.23 -17.31
N ASN E 216 -19.43 -0.98 -17.84
CA ASN E 216 -20.25 -2.10 -17.42
C ASN E 216 -19.40 -3.03 -16.60
N PHE E 217 -18.84 -2.55 -15.49
CA PHE E 217 -17.89 -3.36 -14.71
C PHE E 217 -18.16 -4.87 -14.55
N PRO E 218 -19.33 -5.27 -13.99
CA PRO E 218 -19.50 -6.72 -13.80
C PRO E 218 -19.43 -7.49 -15.12
N PHE E 219 -19.95 -6.91 -16.19
CA PHE E 219 -20.00 -7.61 -17.48
C PHE E 219 -19.14 -6.93 -18.54
N ASP E 220 -17.82 -6.90 -18.34
CA ASP E 220 -16.96 -6.19 -19.28
C ASP E 220 -16.54 -7.09 -20.44
N VAL E 221 -16.42 -6.48 -21.62
CA VAL E 221 -15.79 -7.09 -22.79
C VAL E 221 -14.79 -6.09 -23.33
N GLN E 222 -13.51 -6.46 -23.34
CA GLN E 222 -12.45 -5.53 -23.68
C GLN E 222 -11.95 -5.80 -25.10
N ASN E 223 -11.29 -4.78 -25.67
CA ASN E 223 -10.90 -4.80 -27.08
C ASN E 223 -9.53 -4.14 -27.18
N CYS E 224 -8.48 -4.94 -27.02
CA CYS E 224 -7.11 -4.46 -26.93
C CYS E 224 -6.32 -4.89 -28.16
N SER E 225 -5.28 -4.12 -28.49
CA SER E 225 -4.51 -4.32 -29.70
C SER E 225 -3.02 -4.50 -29.37
N LEU E 226 -2.33 -5.22 -30.25
CA LEU E 226 -0.88 -5.33 -30.26
C LEU E 226 -0.38 -5.16 -31.68
N THR E 227 0.62 -4.30 -31.88
CA THR E 227 1.11 -3.97 -33.21
C THR E 227 2.57 -4.41 -33.33
N PHE E 228 2.86 -5.21 -34.35
CA PHE E 228 4.20 -5.68 -34.65
C PHE E 228 4.72 -4.95 -35.89
N THR E 229 5.90 -4.34 -35.77
CA THR E 229 6.53 -3.68 -36.91
C THR E 229 8.01 -3.53 -36.62
N SER E 230 8.73 -3.07 -37.64
CA SER E 230 10.15 -2.75 -37.52
C SER E 230 10.30 -1.25 -37.27
N TRP E 231 11.11 -0.90 -36.26
CA TRP E 231 11.22 0.49 -35.86
C TRP E 231 12.06 1.33 -36.81
N LEU E 232 12.94 0.72 -37.60
CA LEU E 232 13.81 1.46 -38.48
C LEU E 232 13.56 1.15 -39.95
N HIS E 233 13.48 -0.12 -40.31
CA HIS E 233 13.44 -0.51 -41.71
C HIS E 233 12.08 -0.20 -42.32
N THR E 234 12.09 0.37 -43.51
CA THR E 234 10.87 0.73 -44.21
C THR E 234 10.30 -0.52 -44.89
N ILE E 235 9.26 -0.33 -45.71
CA ILE E 235 8.61 -1.46 -46.35
C ILE E 235 9.38 -1.91 -47.58
N GLN E 236 10.29 -1.08 -48.10
CA GLN E 236 11.18 -1.48 -49.18
C GLN E 236 12.28 -2.40 -48.71
N ASP E 237 12.46 -2.57 -47.41
CA ASP E 237 13.48 -3.43 -46.82
C ASP E 237 12.90 -4.57 -46.01
N ILE E 238 11.80 -4.36 -45.30
CA ILE E 238 11.18 -5.41 -44.48
C ILE E 238 9.68 -5.43 -44.74
N ASN E 239 9.16 -6.63 -45.04
CA ASN E 239 7.74 -6.91 -45.13
C ASN E 239 7.35 -7.86 -44.00
N ILE E 240 6.11 -7.73 -43.53
CA ILE E 240 5.57 -8.59 -42.49
C ILE E 240 4.35 -9.31 -43.04
N THR E 241 4.36 -10.64 -42.93
CA THR E 241 3.30 -11.49 -43.40
C THR E 241 2.88 -12.42 -42.27
N LEU E 242 1.70 -13.01 -42.38
CA LEU E 242 1.18 -13.93 -41.37
C LEU E 242 1.62 -15.35 -41.71
N TRP E 243 2.05 -16.08 -40.70
CA TRP E 243 2.52 -17.45 -40.86
C TRP E 243 1.41 -18.36 -41.37
N ARG E 244 0.36 -18.51 -40.57
CA ARG E 244 -0.75 -19.39 -40.88
C ARG E 244 -1.89 -18.59 -41.51
N SER E 245 -2.97 -19.30 -41.84
CA SER E 245 -4.17 -18.64 -42.32
C SER E 245 -4.81 -17.86 -41.16
N PRO E 246 -5.51 -16.77 -41.48
CA PRO E 246 -6.13 -15.97 -40.41
C PRO E 246 -7.14 -16.74 -39.57
N GLU E 247 -7.86 -17.70 -40.17
CA GLU E 247 -8.89 -18.43 -39.44
C GLU E 247 -8.30 -19.25 -38.30
N GLU E 248 -7.14 -19.86 -38.52
CA GLU E 248 -6.48 -20.61 -37.45
C GLU E 248 -6.08 -19.71 -36.30
N VAL E 249 -5.58 -18.50 -36.60
CA VAL E 249 -5.19 -17.58 -35.55
C VAL E 249 -6.40 -17.05 -34.80
N ARG E 250 -7.55 -16.91 -35.48
CA ARG E 250 -8.76 -16.44 -34.81
C ARG E 250 -9.20 -17.38 -33.70
N SER E 251 -9.18 -18.68 -33.97
CA SER E 251 -9.63 -19.70 -33.01
C SER E 251 -8.45 -20.60 -32.67
N ASP E 252 -7.64 -20.18 -31.70
CA ASP E 252 -6.47 -20.95 -31.26
C ASP E 252 -6.43 -20.85 -29.74
N LYS E 253 -7.07 -21.82 -29.08
CA LYS E 253 -7.06 -21.89 -27.62
C LYS E 253 -6.45 -23.22 -27.17
N SER E 254 -5.32 -23.59 -27.79
CA SER E 254 -4.74 -24.90 -27.53
C SER E 254 -4.06 -24.96 -26.17
N ILE E 255 -3.37 -23.89 -25.77
CA ILE E 255 -2.56 -23.89 -24.57
C ILE E 255 -3.01 -22.82 -23.57
N PHE E 256 -4.23 -22.32 -23.72
CA PHE E 256 -4.70 -21.25 -22.85
C PHE E 256 -5.05 -21.77 -21.46
N ILE E 257 -4.80 -20.96 -20.46
CA ILE E 257 -5.15 -21.28 -19.07
C ILE E 257 -6.55 -20.75 -18.79
N ASN E 258 -7.48 -21.64 -18.48
CA ASN E 258 -8.87 -21.28 -18.26
C ASN E 258 -9.24 -21.23 -16.78
N GLN E 259 -8.23 -21.14 -15.90
CA GLN E 259 -8.47 -21.10 -14.46
C GLN E 259 -8.21 -19.72 -13.87
N GLY E 260 -8.27 -18.68 -14.68
CA GLY E 260 -8.06 -17.31 -14.25
C GLY E 260 -9.37 -16.55 -14.14
N GLU E 261 -9.27 -15.23 -14.29
CA GLU E 261 -10.42 -14.34 -14.20
C GLU E 261 -10.98 -13.95 -15.56
N TRP E 262 -10.12 -13.78 -16.56
CA TRP E 262 -10.54 -13.32 -17.89
C TRP E 262 -10.57 -14.48 -18.87
N GLU E 263 -11.52 -14.43 -19.79
CA GLU E 263 -11.75 -15.47 -20.78
C GLU E 263 -11.43 -14.95 -22.17
N LEU E 264 -10.58 -15.68 -22.90
CA LEU E 264 -10.20 -15.29 -24.24
C LEU E 264 -11.30 -15.67 -25.23
N LEU E 265 -11.53 -14.78 -26.20
CA LEU E 265 -12.58 -14.97 -27.18
C LEU E 265 -12.04 -15.04 -28.61
N GLU E 266 -11.17 -14.11 -29.00
CA GLU E 266 -10.75 -14.02 -30.39
C GLU E 266 -9.44 -13.24 -30.47
N VAL E 267 -8.53 -13.69 -31.33
CA VAL E 267 -7.31 -12.96 -31.67
C VAL E 267 -7.40 -12.68 -33.17
N PHE E 268 -7.67 -11.42 -33.53
CA PHE E 268 -7.95 -11.07 -34.91
C PHE E 268 -6.76 -10.37 -35.53
N PRO E 269 -6.04 -11.00 -36.45
CA PRO E 269 -4.93 -10.33 -37.13
C PRO E 269 -5.42 -9.34 -38.18
N GLN E 270 -4.55 -8.37 -38.49
CA GLN E 270 -4.88 -7.34 -39.46
C GLN E 270 -3.59 -6.72 -39.99
N PHE E 271 -3.52 -6.51 -41.29
CA PHE E 271 -2.36 -5.91 -41.93
C PHE E 271 -2.66 -4.46 -42.29
N LYS E 272 -1.68 -3.59 -42.05
CA LYS E 272 -1.80 -2.18 -42.37
C LYS E 272 -0.46 -1.65 -42.83
N GLU E 273 -0.51 -0.60 -43.66
CA GLU E 273 0.68 0.13 -44.09
C GLU E 273 0.68 1.47 -43.37
N PHE E 274 1.74 1.73 -42.60
CA PHE E 274 1.80 2.87 -41.70
C PHE E 274 2.72 3.95 -42.28
N SER E 275 2.24 5.18 -42.28
CA SER E 275 3.02 6.31 -42.80
C SER E 275 2.47 7.60 -42.21
N ILE E 276 3.30 8.35 -41.50
CA ILE E 276 2.94 9.65 -40.98
C ILE E 276 3.75 10.76 -41.66
N ASP E 277 4.39 10.45 -42.78
CA ASP E 277 5.11 11.44 -43.56
C ASP E 277 5.09 11.02 -45.03
N ILE E 278 5.42 11.97 -45.91
CA ILE E 278 5.28 11.75 -47.34
C ILE E 278 6.47 11.04 -47.96
N SER E 279 7.44 10.58 -47.15
CA SER E 279 8.65 9.96 -47.68
C SER E 279 8.75 8.47 -47.36
N ASN E 280 8.51 8.09 -46.11
CA ASN E 280 8.75 6.72 -45.65
C ASN E 280 7.44 6.06 -45.24
N SER E 281 7.33 4.76 -45.51
CA SER E 281 6.19 3.96 -45.11
C SER E 281 6.67 2.67 -44.47
N TYR E 282 5.86 2.14 -43.56
CA TYR E 282 6.24 0.99 -42.74
C TYR E 282 5.12 -0.04 -42.75
N ALA E 283 5.48 -1.28 -42.50
CA ALA E 283 4.55 -2.41 -42.50
C ALA E 283 4.24 -2.83 -41.07
N GLU E 284 2.95 -2.97 -40.76
CA GLU E 284 2.51 -3.32 -39.43
C GLU E 284 1.59 -4.54 -39.50
N MET E 285 1.50 -5.24 -38.37
CA MET E 285 0.61 -6.40 -38.24
C MET E 285 -0.08 -6.30 -36.89
N LYS E 286 -1.30 -5.77 -36.89
CA LYS E 286 -2.04 -5.57 -35.66
C LYS E 286 -2.77 -6.84 -35.24
N PHE E 287 -2.75 -7.13 -33.95
CA PHE E 287 -3.46 -8.25 -33.36
C PHE E 287 -4.43 -7.72 -32.32
N TYR E 288 -5.72 -7.97 -32.52
CA TYR E 288 -6.75 -7.54 -31.58
C TYR E 288 -7.11 -8.70 -30.67
N VAL E 289 -6.94 -8.50 -29.37
CA VAL E 289 -7.17 -9.54 -28.36
C VAL E 289 -8.49 -9.23 -27.67
N ILE E 290 -9.41 -10.19 -27.70
CA ILE E 290 -10.75 -10.03 -27.15
C ILE E 290 -10.79 -10.82 -25.84
N ILE E 291 -11.11 -10.15 -24.74
CA ILE E 291 -11.20 -10.79 -23.44
C ILE E 291 -12.54 -10.43 -22.81
N ARG E 292 -12.92 -11.21 -21.80
CA ARG E 292 -14.24 -11.11 -21.21
C ARG E 292 -14.18 -11.54 -19.76
N ARG E 293 -14.75 -10.73 -18.87
CA ARG E 293 -14.69 -11.01 -17.44
C ARG E 293 -15.65 -12.13 -17.06
N ARG E 294 -15.33 -12.82 -15.98
CA ARG E 294 -16.21 -13.83 -15.40
C ARG E 294 -16.98 -13.19 -14.26
N PRO E 295 -18.30 -13.05 -14.36
CA PRO E 295 -19.05 -12.21 -13.42
C PRO E 295 -19.55 -12.89 -12.15
N LEU E 296 -19.34 -14.20 -12.02
CA LEU E 296 -19.88 -14.94 -10.89
C LEU E 296 -19.43 -14.37 -9.56
N PHE E 297 -18.12 -14.22 -9.38
CA PHE E 297 -17.59 -13.70 -8.12
C PHE E 297 -18.17 -12.33 -7.79
N TYR E 298 -18.15 -11.42 -8.75
CA TYR E 298 -18.62 -10.06 -8.51
C TYR E 298 -20.14 -10.02 -8.30
N ALA E 299 -20.86 -10.95 -8.92
CA ALA E 299 -22.31 -10.99 -8.74
C ALA E 299 -22.66 -11.44 -7.33
N VAL E 300 -22.13 -12.59 -6.90
CA VAL E 300 -22.48 -13.10 -5.58
C VAL E 300 -21.94 -12.22 -4.46
N SER E 301 -20.88 -11.45 -4.72
CA SER E 301 -20.31 -10.61 -3.67
C SER E 301 -20.87 -9.20 -3.62
N LEU E 302 -21.53 -8.72 -4.68
CA LEU E 302 -22.01 -7.34 -4.68
C LEU E 302 -23.50 -7.20 -4.95
N LEU E 303 -24.07 -8.00 -5.84
CA LEU E 303 -25.44 -7.76 -6.29
C LEU E 303 -26.45 -8.07 -5.19
N LEU E 304 -26.32 -9.22 -4.53
CA LEU E 304 -27.30 -9.62 -3.52
C LEU E 304 -27.37 -8.65 -2.34
N PRO E 305 -26.28 -8.16 -1.76
CA PRO E 305 -26.42 -7.06 -0.79
C PRO E 305 -27.06 -5.82 -1.38
N SER E 306 -26.92 -5.60 -2.69
CA SER E 306 -27.68 -4.56 -3.36
C SER E 306 -29.07 -5.04 -3.78
N ILE E 307 -29.34 -6.35 -3.71
CA ILE E 307 -30.72 -6.82 -3.77
C ILE E 307 -31.44 -6.52 -2.46
N PHE E 308 -30.70 -6.32 -1.37
CA PHE E 308 -31.32 -5.96 -0.10
C PHE E 308 -31.99 -4.57 -0.10
N LEU E 309 -31.97 -3.83 -1.22
CA LEU E 309 -32.80 -2.63 -1.29
C LEU E 309 -34.28 -2.97 -1.25
N MET E 310 -34.68 -4.14 -1.75
CA MET E 310 -36.06 -4.56 -1.54
C MET E 310 -36.34 -4.85 -0.08
N VAL E 311 -35.35 -5.35 0.67
CA VAL E 311 -35.51 -5.53 2.10
C VAL E 311 -35.73 -4.19 2.79
N VAL E 312 -34.90 -3.20 2.46
CA VAL E 312 -35.07 -1.89 3.11
C VAL E 312 -36.39 -1.23 2.67
N ASP E 313 -36.82 -1.45 1.43
CA ASP E 313 -38.10 -0.91 0.98
C ASP E 313 -39.27 -1.54 1.72
N ILE E 314 -39.25 -2.87 1.89
CA ILE E 314 -40.37 -3.52 2.56
C ILE E 314 -40.35 -3.32 4.07
N VAL E 315 -39.20 -2.95 4.65
CA VAL E 315 -39.20 -2.58 6.07
C VAL E 315 -39.48 -1.10 6.30
N GLY E 316 -39.31 -0.26 5.27
CA GLY E 316 -39.69 1.14 5.40
C GLY E 316 -41.08 1.48 4.92
N PHE E 317 -41.73 0.58 4.19
CA PHE E 317 -43.08 0.81 3.71
C PHE E 317 -44.13 0.54 4.78
N CYS E 318 -44.15 -0.68 5.31
CA CYS E 318 -45.21 -1.12 6.21
C CYS E 318 -45.11 -0.51 7.59
N LEU E 319 -43.95 0.04 7.93
CA LEU E 319 -43.75 0.66 9.24
C LEU E 319 -44.40 2.04 9.27
N PRO E 320 -45.16 2.38 10.36
CA PRO E 320 -45.83 3.68 10.30
C PRO E 320 -44.94 4.83 9.86
N PRO E 321 -45.40 5.61 8.83
CA PRO E 321 -44.52 6.68 8.35
C PRO E 321 -44.46 7.85 9.30
N ASP E 322 -45.54 8.05 10.06
CA ASP E 322 -45.57 9.15 11.02
C ASP E 322 -44.65 8.88 12.19
N SER E 323 -44.62 9.81 13.14
CA SER E 323 -43.74 9.67 14.31
C SER E 323 -43.81 8.30 14.94
N GLY E 324 -42.65 7.65 15.05
CA GLY E 324 -42.61 6.32 15.65
C GLY E 324 -41.18 5.83 15.75
N GLU E 325 -40.89 4.71 15.10
CA GLU E 325 -39.54 4.15 15.14
C GLU E 325 -38.85 4.24 13.79
N ARG E 326 -39.53 4.75 12.77
CA ARG E 326 -38.95 4.81 11.42
C ARG E 326 -37.71 5.70 11.34
N VAL E 327 -37.77 6.92 11.84
CA VAL E 327 -36.60 7.81 11.84
C VAL E 327 -35.37 7.05 12.31
N SER E 328 -35.48 6.39 13.47
CA SER E 328 -34.32 5.69 14.03
C SER E 328 -33.96 4.47 13.18
N PHE E 329 -34.97 3.74 12.71
CA PHE E 329 -34.69 2.51 11.99
C PHE E 329 -34.13 2.80 10.60
N LYS E 330 -34.62 3.86 9.95
CA LYS E 330 -34.04 4.38 8.72
C LYS E 330 -32.62 4.87 8.94
N ILE E 331 -32.34 5.51 10.09
CA ILE E 331 -30.96 5.91 10.40
C ILE E 331 -30.07 4.69 10.50
N THR E 332 -30.54 3.63 11.17
CA THR E 332 -29.74 2.41 11.31
C THR E 332 -29.51 1.76 9.94
N LEU E 333 -30.52 1.72 9.09
CA LEU E 333 -30.34 1.18 7.76
C LEU E 333 -29.41 2.05 6.91
N LEU E 334 -29.43 3.37 7.12
CA LEU E 334 -28.49 4.24 6.43
C LEU E 334 -27.06 3.99 6.88
N LEU E 335 -26.84 3.78 8.17
CA LEU E 335 -25.50 3.40 8.64
C LEU E 335 -25.07 2.06 8.07
N GLY E 336 -25.98 1.09 8.00
CA GLY E 336 -25.64 -0.19 7.41
C GLY E 336 -25.31 -0.10 5.93
N TYR E 337 -26.12 0.64 5.18
CA TYR E 337 -25.92 0.82 3.74
C TYR E 337 -24.77 1.74 3.42
N SER E 338 -24.28 2.51 4.40
CA SER E 338 -23.03 3.22 4.25
C SER E 338 -21.83 2.34 4.59
N VAL E 339 -21.97 1.45 5.58
CA VAL E 339 -20.92 0.48 5.86
C VAL E 339 -20.72 -0.44 4.66
N PHE E 340 -21.80 -0.79 3.97
CA PHE E 340 -21.69 -1.62 2.77
C PHE E 340 -20.81 -0.96 1.72
N LEU E 341 -21.08 0.30 1.39
CA LEU E 341 -20.25 1.00 0.41
C LEU E 341 -18.86 1.34 0.97
N ILE E 342 -18.69 1.36 2.28
CA ILE E 342 -17.34 1.44 2.85
C ILE E 342 -16.56 0.18 2.48
N ILE E 343 -17.19 -0.99 2.62
CA ILE E 343 -16.54 -2.24 2.26
C ILE E 343 -16.33 -2.33 0.75
N VAL E 344 -17.31 -1.85 -0.04
CA VAL E 344 -17.29 -2.00 -1.48
C VAL E 344 -16.14 -1.21 -2.10
N SER E 345 -15.83 -0.04 -1.54
CA SER E 345 -14.77 0.81 -2.10
C SER E 345 -13.41 0.13 -2.09
N ASP E 346 -13.22 -0.89 -1.25
CA ASP E 346 -11.97 -1.65 -1.26
C ASP E 346 -11.95 -2.73 -2.33
N THR E 347 -13.06 -2.98 -3.01
CA THR E 347 -13.15 -4.02 -4.03
C THR E 347 -13.45 -3.50 -5.42
N LEU E 348 -14.21 -2.40 -5.54
CA LEU E 348 -14.49 -1.84 -6.85
C LEU E 348 -13.22 -1.26 -7.46
N PRO E 349 -13.04 -1.35 -8.77
CA PRO E 349 -11.85 -0.78 -9.39
C PRO E 349 -11.88 0.74 -9.40
N ALA E 350 -10.68 1.32 -9.45
CA ALA E 350 -10.52 2.77 -9.48
C ALA E 350 -10.05 3.18 -10.87
N THR E 351 -10.71 4.17 -11.45
CA THR E 351 -10.32 4.70 -12.75
C THR E 351 -10.65 6.18 -12.78
N ALA E 352 -9.72 6.98 -13.30
CA ALA E 352 -9.84 8.43 -13.28
C ALA E 352 -10.54 9.00 -14.51
N ILE E 353 -11.01 8.15 -15.43
CA ILE E 353 -11.72 8.63 -16.60
C ILE E 353 -13.14 8.10 -16.70
N GLY E 354 -13.53 7.11 -15.90
CA GLY E 354 -14.88 6.59 -15.96
C GLY E 354 -15.27 5.91 -14.66
N THR E 355 -16.57 5.77 -14.48
CA THR E 355 -17.14 5.11 -13.31
C THR E 355 -18.18 4.10 -13.75
N PRO E 356 -18.33 3.00 -13.02
CA PRO E 356 -19.39 2.04 -13.32
C PRO E 356 -20.76 2.64 -13.10
N LEU E 357 -21.73 2.17 -13.88
CA LEU E 357 -23.11 2.62 -13.73
C LEU E 357 -23.72 2.13 -12.43
N ILE E 358 -23.23 1.00 -11.91
CA ILE E 358 -23.69 0.49 -10.62
C ILE E 358 -23.39 1.50 -9.51
N GLY E 359 -22.24 2.17 -9.59
CA GLY E 359 -21.94 3.22 -8.63
C GLY E 359 -22.90 4.38 -8.72
N VAL E 360 -23.32 4.72 -9.94
CA VAL E 360 -24.32 5.77 -10.13
C VAL E 360 -25.63 5.38 -9.45
N TYR E 361 -26.05 4.13 -9.62
CA TYR E 361 -27.28 3.70 -8.96
C TYR E 361 -27.11 3.68 -7.44
N PHE E 362 -25.93 3.31 -6.95
CA PHE E 362 -25.68 3.32 -5.52
C PHE E 362 -25.77 4.73 -4.94
N VAL E 363 -25.17 5.71 -5.61
CA VAL E 363 -25.21 7.07 -5.08
C VAL E 363 -26.62 7.67 -5.23
N VAL E 364 -27.37 7.26 -6.26
CA VAL E 364 -28.77 7.69 -6.36
C VAL E 364 -29.58 7.14 -5.19
N CYS E 365 -29.35 5.86 -4.83
CA CYS E 365 -30.01 5.28 -3.67
C CYS E 365 -29.63 6.02 -2.39
N MET E 366 -28.36 6.40 -2.27
CA MET E 366 -27.93 7.18 -1.10
C MET E 366 -28.67 8.52 -1.02
N ALA E 367 -28.78 9.23 -2.15
CA ALA E 367 -29.45 10.51 -2.15
C ALA E 367 -30.93 10.36 -1.80
N LEU E 368 -31.57 9.33 -2.34
CA LEU E 368 -32.98 9.10 -2.03
C LEU E 368 -33.18 8.74 -0.56
N LEU E 369 -32.26 7.95 0.02
CA LEU E 369 -32.35 7.65 1.44
C LEU E 369 -32.19 8.91 2.30
N VAL E 370 -31.26 9.79 1.92
CA VAL E 370 -31.06 11.04 2.65
C VAL E 370 -32.32 11.90 2.58
N ILE E 371 -32.91 12.02 1.39
CA ILE E 371 -34.11 12.84 1.26
C ILE E 371 -35.27 12.21 2.03
N SER E 372 -35.33 10.88 2.09
CA SER E 372 -36.36 10.21 2.88
C SER E 372 -36.21 10.52 4.36
N LEU E 373 -34.97 10.43 4.86
CA LEU E 373 -34.74 10.73 6.27
C LEU E 373 -35.09 12.18 6.59
N ALA E 374 -34.72 13.11 5.70
CA ALA E 374 -35.04 14.51 5.93
C ALA E 374 -36.56 14.74 5.96
N GLU E 375 -37.28 14.15 5.01
CA GLU E 375 -38.73 14.32 4.97
C GLU E 375 -39.39 13.73 6.20
N THR E 376 -38.89 12.58 6.68
CA THR E 376 -39.41 12.03 7.93
C THR E 376 -39.14 12.96 9.10
N ILE E 377 -37.97 13.61 9.13
CA ILE E 377 -37.69 14.55 10.21
C ILE E 377 -38.66 15.73 10.18
N PHE E 378 -38.92 16.29 9.00
CA PHE E 378 -39.91 17.38 8.93
C PHE E 378 -41.29 16.92 9.39
N ILE E 379 -41.72 15.73 8.98
CA ILE E 379 -43.05 15.26 9.36
C ILE E 379 -43.13 15.00 10.85
N VAL E 380 -42.08 14.42 11.44
CA VAL E 380 -42.05 14.21 12.89
C VAL E 380 -42.11 15.55 13.63
N ARG E 381 -41.33 16.52 13.16
CA ARG E 381 -41.26 17.81 13.84
C ARG E 381 -42.58 18.56 13.77
N LEU E 382 -43.25 18.52 12.62
CA LEU E 382 -44.41 19.38 12.41
C LEU E 382 -45.58 19.00 13.30
N VAL E 383 -45.88 17.70 13.39
CA VAL E 383 -47.12 17.26 14.05
C VAL E 383 -46.91 17.09 15.55
N HIS E 384 -45.77 17.54 16.07
CA HIS E 384 -45.50 17.38 17.50
C HIS E 384 -44.94 18.64 18.15
N LYS E 385 -44.78 19.73 17.42
CA LYS E 385 -44.15 20.95 17.92
C LYS E 385 -44.97 22.18 17.53
N GLN E 386 -46.27 22.15 17.84
CA GLN E 386 -47.20 23.26 17.63
C GLN E 386 -47.29 23.63 16.14
N ASP E 387 -47.87 22.69 15.38
CA ASP E 387 -48.11 22.85 13.96
C ASP E 387 -48.89 24.11 13.64
N LEU E 388 -48.25 25.05 12.94
CA LEU E 388 -48.88 26.26 12.43
C LEU E 388 -48.71 26.36 10.93
N GLN E 389 -48.93 25.25 10.23
CA GLN E 389 -48.82 25.22 8.78
C GLN E 389 -49.93 26.05 8.14
N ARG E 390 -49.65 26.52 6.93
CA ARG E 390 -50.63 27.31 6.18
C ARG E 390 -51.83 26.44 5.83
N PRO E 391 -53.06 26.86 6.18
CA PRO E 391 -54.23 26.03 5.86
C PRO E 391 -54.51 25.95 4.36
N VAL E 392 -54.53 27.09 3.69
CA VAL E 392 -54.79 27.15 2.26
C VAL E 392 -53.73 27.97 1.53
N PRO E 393 -52.50 27.49 1.44
CA PRO E 393 -51.45 28.25 0.74
C PRO E 393 -51.61 28.10 -0.77
N ASP E 394 -50.73 28.78 -1.50
CA ASP E 394 -50.76 28.73 -2.96
C ASP E 394 -50.36 27.35 -3.50
N TRP E 395 -49.64 26.55 -2.71
CA TRP E 395 -49.25 25.22 -3.14
C TRP E 395 -50.37 24.20 -3.03
N LEU E 396 -51.49 24.54 -2.38
CA LEU E 396 -52.59 23.61 -2.25
C LEU E 396 -53.23 23.28 -3.60
N ARG E 397 -53.25 24.26 -4.51
CA ARG E 397 -53.81 24.01 -5.85
C ARG E 397 -53.02 22.93 -6.57
N HIS E 398 -51.69 23.02 -6.55
CA HIS E 398 -50.87 21.99 -7.19
C HIS E 398 -50.88 20.69 -6.38
N LEU E 399 -51.09 20.79 -5.07
CA LEU E 399 -51.22 19.59 -4.25
C LEU E 399 -52.46 18.77 -4.63
N VAL E 400 -53.57 19.45 -4.93
CA VAL E 400 -54.82 18.76 -5.22
C VAL E 400 -55.09 18.58 -6.70
N LEU E 401 -54.31 19.23 -7.58
CA LEU E 401 -54.61 19.15 -9.02
C LEU E 401 -54.29 17.77 -9.58
N ASP E 402 -53.12 17.22 -9.26
CA ASP E 402 -52.66 15.99 -9.90
C ASP E 402 -52.13 14.93 -8.94
N ARG E 403 -51.73 15.30 -7.72
CA ARG E 403 -51.17 14.30 -6.81
C ARG E 403 -52.23 13.29 -6.37
N ILE E 404 -53.42 13.77 -6.03
CA ILE E 404 -54.49 12.88 -5.59
C ILE E 404 -55.01 12.00 -6.72
N ALA E 405 -54.71 12.35 -7.98
CA ALA E 405 -55.11 11.54 -9.11
C ALA E 405 -54.03 10.52 -9.49
N TRP E 406 -52.79 10.96 -9.55
CA TRP E 406 -51.69 10.06 -9.91
C TRP E 406 -51.43 9.04 -8.81
N ILE E 407 -51.27 9.53 -7.57
CA ILE E 407 -50.99 8.64 -6.45
C ILE E 407 -52.06 8.81 -5.37
N LEU E 472 -73.02 30.01 53.75
CA LEU E 472 -71.93 30.96 53.94
C LEU E 472 -70.78 30.66 52.98
N ALA E 473 -70.01 29.62 53.30
CA ALA E 473 -68.88 29.22 52.48
C ALA E 473 -69.21 28.09 51.51
N VAL E 474 -70.49 27.69 51.43
CA VAL E 474 -70.86 26.60 50.53
C VAL E 474 -70.71 27.03 49.07
N ARG E 475 -71.00 28.30 48.76
CA ARG E 475 -70.87 28.78 47.39
C ARG E 475 -69.41 28.75 46.93
N GLY E 476 -68.49 29.19 47.79
CA GLY E 476 -67.08 29.11 47.46
C GLY E 476 -66.58 27.68 47.33
N LEU E 477 -67.13 26.77 48.13
CA LEU E 477 -66.73 25.36 48.03
C LEU E 477 -67.12 24.77 46.68
N LEU E 478 -68.35 25.03 46.22
CA LEU E 478 -68.75 24.57 44.91
C LEU E 478 -67.96 25.27 43.80
N GLN E 479 -67.64 26.56 44.00
CA GLN E 479 -66.84 27.28 43.00
C GLN E 479 -65.46 26.66 42.85
N GLU E 480 -64.79 26.37 43.98
CA GLU E 480 -63.46 25.78 43.88
C GLU E 480 -63.53 24.33 43.40
N LEU E 481 -64.61 23.60 43.70
CA LEU E 481 -64.77 22.26 43.16
C LEU E 481 -64.91 22.31 41.63
N SER E 482 -65.69 23.26 41.12
CA SER E 482 -65.80 23.41 39.67
C SER E 482 -64.47 23.84 39.06
N SER E 483 -63.71 24.67 39.78
CA SER E 483 -62.40 25.08 39.30
C SER E 483 -61.43 23.91 39.21
N ILE E 484 -61.42 23.04 40.23
CA ILE E 484 -60.49 21.92 40.24
C ILE E 484 -60.99 20.73 39.44
N ARG E 485 -62.24 20.75 38.99
CA ARG E 485 -62.74 19.69 38.12
C ARG E 485 -62.07 19.67 36.75
N HIS E 486 -61.33 20.72 36.39
CA HIS E 486 -60.69 20.82 35.09
C HIS E 486 -59.44 19.96 34.95
N PHE E 487 -59.01 19.30 36.03
CA PHE E 487 -57.83 18.45 35.96
C PHE E 487 -58.01 17.29 34.99
N LEU E 488 -59.24 16.77 34.89
CA LEU E 488 -59.51 15.69 33.95
C LEU E 488 -59.27 16.14 32.51
N GLU E 489 -59.77 17.33 32.15
CA GLU E 489 -59.54 17.86 30.82
C GLU E 489 -58.07 18.16 30.59
N LYS E 490 -57.39 18.73 31.59
CA LYS E 490 -55.98 19.05 31.45
C LYS E 490 -55.13 17.79 31.28
N ARG E 491 -55.58 16.66 31.84
CA ARG E 491 -54.91 15.40 31.61
C ARG E 491 -55.32 14.75 30.29
N ASP E 492 -56.49 15.06 29.78
CA ASP E 492 -56.98 14.37 28.57
C ASP E 492 -56.71 15.13 27.28
N GLU E 493 -56.81 16.46 27.29
CA GLU E 493 -56.64 17.24 26.07
C GLU E 493 -55.17 17.53 25.74
N MET E 494 -54.37 16.49 25.56
CA MET E 494 -52.98 16.66 25.18
C MET E 494 -52.75 15.84 23.93
N ARG E 495 -53.25 14.62 23.91
CA ARG E 495 -53.14 13.77 22.73
C ARG E 495 -53.94 14.36 21.58
N GLU E 496 -55.17 14.77 21.85
CA GLU E 496 -56.00 15.37 20.81
C GLU E 496 -55.35 16.62 20.23
N VAL E 497 -54.63 17.37 21.06
CA VAL E 497 -53.87 18.51 20.56
C VAL E 497 -52.73 18.05 19.65
N ALA E 498 -52.01 17.00 20.05
CA ALA E 498 -50.74 16.63 19.43
C ALA E 498 -50.87 15.54 18.36
N ARG E 499 -52.08 15.15 17.98
CA ARG E 499 -52.23 14.10 16.98
C ARG E 499 -52.94 14.57 15.71
N ASP E 500 -52.47 15.68 15.12
CA ASP E 500 -53.28 16.41 14.15
C ASP E 500 -53.27 15.83 12.74
N TRP E 501 -52.12 15.83 12.06
CA TRP E 501 -52.11 15.88 10.59
C TRP E 501 -51.25 14.78 9.97
N LEU E 502 -51.45 13.54 10.41
CA LEU E 502 -50.88 12.39 9.71
C LEU E 502 -51.36 12.30 8.27
N ARG E 503 -52.58 12.78 8.03
CA ARG E 503 -53.14 12.73 6.68
C ARG E 503 -52.26 13.49 5.70
N VAL E 504 -51.85 14.70 6.02
CA VAL E 504 -51.07 15.48 5.04
C VAL E 504 -49.61 15.02 4.93
N GLY E 505 -49.08 14.42 5.99
CA GLY E 505 -47.70 13.96 5.97
C GLY E 505 -47.41 12.88 4.97
N TYR E 506 -48.39 12.02 4.72
CA TYR E 506 -48.18 10.91 3.79
C TYR E 506 -48.11 11.38 2.33
N VAL E 507 -48.58 12.57 2.01
CA VAL E 507 -48.55 12.97 0.60
C VAL E 507 -47.13 12.92 0.05
N LEU E 508 -46.13 12.88 0.94
CA LEU E 508 -44.74 12.91 0.48
C LEU E 508 -44.09 11.54 0.63
N ASP E 509 -44.44 10.81 1.69
CA ASP E 509 -43.96 9.45 1.86
C ASP E 509 -44.44 8.55 0.73
N ARG E 510 -45.71 8.70 0.33
CA ARG E 510 -46.22 7.89 -0.77
C ARG E 510 -45.47 8.17 -2.07
N LEU E 511 -45.24 9.46 -2.37
CA LEU E 511 -44.50 9.81 -3.58
C LEU E 511 -43.07 9.27 -3.54
N LEU E 512 -42.43 9.35 -2.37
CA LEU E 512 -41.06 8.86 -2.25
C LEU E 512 -40.99 7.34 -2.37
N PHE E 513 -42.01 6.64 -1.87
CA PHE E 513 -42.09 5.20 -2.10
C PHE E 513 -42.20 4.88 -3.59
N ARG E 514 -42.99 5.68 -4.31
CA ARG E 514 -43.04 5.53 -5.76
C ARG E 514 -41.67 5.72 -6.39
N ILE E 515 -40.92 6.71 -5.91
CA ILE E 515 -39.57 6.96 -6.42
C ILE E 515 -38.65 5.77 -6.17
N TYR E 516 -38.74 5.17 -4.97
CA TYR E 516 -37.96 3.96 -4.69
C TYR E 516 -38.28 2.84 -5.66
N LEU E 517 -39.57 2.59 -5.92
CA LEU E 517 -39.91 1.50 -6.83
C LEU E 517 -39.42 1.76 -8.25
N LEU E 518 -39.54 3.01 -8.73
CA LEU E 518 -38.99 3.30 -10.06
C LEU E 518 -37.48 3.12 -10.11
N ALA E 519 -36.77 3.52 -9.05
CA ALA E 519 -35.32 3.33 -9.02
C ALA E 519 -34.95 1.85 -9.06
N VAL E 520 -35.67 1.03 -8.29
CA VAL E 520 -35.40 -0.41 -8.28
C VAL E 520 -35.68 -1.02 -9.65
N LEU E 521 -36.77 -0.61 -10.30
CA LEU E 521 -37.07 -1.12 -11.64
C LEU E 521 -35.98 -0.74 -12.63
N ALA E 522 -35.48 0.49 -12.55
CA ALA E 522 -34.39 0.91 -13.44
C ALA E 522 -33.13 0.09 -13.20
N TYR E 523 -32.81 -0.17 -11.93
CA TYR E 523 -31.65 -1.01 -11.60
C TYR E 523 -31.79 -2.40 -12.20
N SER E 524 -32.97 -3.01 -12.04
CA SER E 524 -33.18 -4.35 -12.56
C SER E 524 -33.07 -4.40 -14.07
N ILE E 525 -33.68 -3.44 -14.77
CA ILE E 525 -33.67 -3.48 -16.22
C ILE E 525 -32.26 -3.21 -16.77
N THR E 526 -31.50 -2.31 -16.12
CA THR E 526 -30.15 -2.09 -16.60
C THR E 526 -29.23 -3.28 -16.31
N LEU E 527 -29.44 -3.97 -15.19
CA LEU E 527 -28.65 -5.17 -14.93
C LEU E 527 -28.95 -6.25 -15.96
N VAL E 528 -30.23 -6.43 -16.30
CA VAL E 528 -30.61 -7.43 -17.29
C VAL E 528 -30.01 -7.10 -18.66
N THR E 529 -30.06 -5.82 -19.06
CA THR E 529 -29.53 -5.48 -20.37
C THR E 529 -28.00 -5.59 -20.41
N LEU E 530 -27.32 -5.31 -19.29
CA LEU E 530 -25.87 -5.51 -19.25
C LEU E 530 -25.53 -6.99 -19.39
N TRP E 531 -26.29 -7.86 -18.71
CA TRP E 531 -26.05 -9.30 -18.86
C TRP E 531 -26.31 -9.75 -20.30
N SER E 532 -27.34 -9.20 -20.94
CA SER E 532 -27.62 -9.57 -22.32
C SER E 532 -26.49 -9.17 -23.26
N ILE E 533 -25.96 -7.94 -23.09
CA ILE E 533 -24.85 -7.50 -23.91
C ILE E 533 -23.62 -8.37 -23.66
N TRP E 534 -23.40 -8.76 -22.40
CA TRP E 534 -22.28 -9.64 -22.08
C TRP E 534 -22.43 -11.01 -22.73
N HIS E 535 -23.64 -11.56 -22.72
CA HIS E 535 -23.86 -12.91 -23.23
C HIS E 535 -23.84 -12.96 -24.75
N TYR E 536 -24.27 -11.90 -25.43
CA TYR E 536 -24.26 -11.91 -26.89
C TYR E 536 -22.88 -11.73 -27.49
N SER E 537 -21.85 -11.47 -26.67
CA SER E 537 -20.50 -11.25 -27.18
C SER E 537 -19.75 -12.54 -27.45
N GLU E 538 -20.31 -13.70 -27.12
CA GLU E 538 -19.63 -14.97 -27.34
C GLU E 538 -19.77 -15.49 -28.77
N ASN E 539 -20.55 -14.81 -29.61
CA ASN E 539 -20.71 -15.26 -31.00
C ASN E 539 -19.40 -15.16 -31.76
N LEU E 540 -18.63 -14.09 -31.53
CA LEU E 540 -17.36 -13.90 -32.21
C LEU E 540 -16.31 -14.89 -31.71
C1 NAG F . 47.77 -43.23 -12.93
C2 NAG F . 48.78 -42.93 -11.79
C3 NAG F . 50.06 -43.77 -11.96
C4 NAG F . 49.74 -45.24 -12.16
C5 NAG F . 48.77 -45.40 -13.33
C6 NAG F . 48.37 -46.83 -13.59
C7 NAG F . 49.78 -40.90 -10.79
C8 NAG F . 50.06 -39.44 -10.99
N2 NAG F . 49.13 -41.52 -11.79
O3 NAG F . 50.90 -43.61 -10.82
O4 NAG F . 50.92 -45.97 -12.42
O5 NAG F . 47.57 -44.67 -13.03
O6 NAG F . 47.30 -47.23 -12.73
O7 NAG F . 50.11 -41.49 -9.77
C1 NAG G . -1.93 -32.24 -9.55
C2 NAG G . -2.44 -33.63 -9.14
C3 NAG G . -2.14 -34.66 -10.23
C4 NAG G . -2.71 -34.19 -11.56
C5 NAG G . -2.16 -32.81 -11.89
C6 NAG G . -2.74 -32.23 -13.16
C7 NAG G . -2.45 -34.91 -7.04
C8 NAG G . -1.71 -35.23 -5.78
N2 NAG G . -1.84 -34.06 -7.88
O3 NAG G . -2.72 -35.91 -9.88
O4 NAG G . -2.35 -35.10 -12.60
O5 NAG G . -2.47 -31.89 -10.84
O6 NAG G . -4.16 -32.13 -13.07
O7 NAG G . -3.56 -35.37 -7.27
C1 NAG H . 13.14 -39.94 -24.83
C2 NAG H . 13.43 -41.23 -25.62
C3 NAG H . 12.39 -42.30 -25.30
C4 NAG H . 12.29 -42.52 -23.80
C5 NAG H . 11.98 -41.19 -23.11
C6 NAG H . 11.95 -41.31 -21.61
C7 NAG H . 12.48 -40.56 -27.81
C8 NAG H . 12.80 -40.37 -29.28
N2 NAG H . 13.50 -40.98 -27.05
O3 NAG H . 12.75 -43.52 -25.95
O4 NAG H . 11.26 -43.46 -23.50
O5 NAG H . 13.00 -40.24 -23.43
O6 NAG H . 13.23 -41.05 -21.05
O7 NAG H . 11.37 -40.33 -27.36
OH SRO I . 7.54 -20.04 -28.72
CZ3 SRO I . 6.86 -21.12 -29.21
CH2 SRO I . 6.04 -20.92 -30.34
CZ2 SRO I . 5.33 -21.95 -30.90
CE2 SRO I . 5.45 -23.21 -30.30
NE1 SRO I . 4.87 -24.40 -30.64
CD1 SRO I . 5.28 -25.36 -29.76
CG SRO I . 6.15 -24.83 -28.85
CD2 SRO I . 6.26 -23.43 -29.18
CE3 SRO I . 6.97 -22.35 -28.64
CB SRO I . 6.82 -25.53 -27.70
CA SRO I . 8.31 -25.28 -27.60
NZ SRO I . 8.89 -25.98 -26.44
OH SRO J . 22.53 -26.99 -6.90
CZ3 SRO J . 22.84 -28.07 -6.12
CH2 SRO J . 22.24 -29.30 -6.46
CZ2 SRO J . 22.50 -30.43 -5.73
CE2 SRO J . 23.37 -30.31 -4.65
NE1 SRO J . 23.80 -31.26 -3.76
CD1 SRO J . 24.65 -30.67 -2.86
CG SRO J . 24.80 -29.36 -3.15
CD2 SRO J . 23.97 -29.10 -4.30
CE3 SRO J . 23.69 -27.96 -5.06
CB SRO J . 25.63 -28.35 -2.40
CA SRO J . 26.53 -27.50 -3.28
NZ SRO J . 27.27 -26.52 -2.48
C1 NAG K . 65.51 -3.51 -3.99
C2 NAG K . 65.89 -2.01 -4.09
C3 NAG K . 67.42 -1.86 -4.30
C4 NAG K . 68.20 -2.66 -3.28
C5 NAG K . 67.75 -4.12 -3.34
C6 NAG K . 68.46 -5.00 -2.34
C7 NAG K . 65.11 -0.05 -5.36
C8 NAG K . 64.34 0.41 -6.56
N2 NAG K . 65.18 -1.37 -5.18
O3 NAG K . 67.78 -0.49 -4.19
O4 NAG K . 69.60 -2.60 -3.57
O5 NAG K . 66.36 -4.18 -3.03
O6 NAG K . 67.87 -4.93 -1.06
O7 NAG K . 65.63 0.75 -4.58
C1 NAG L . 21.72 -19.69 16.58
C2 NAG L . 22.26 -20.06 17.98
C3 NAG L . 23.30 -21.17 17.87
C4 NAG L . 22.72 -22.37 17.13
C5 NAG L . 22.22 -21.91 15.76
C6 NAG L . 21.56 -23.03 14.98
C7 NAG L . 22.85 -18.77 19.98
C8 NAG L . 23.47 -17.52 20.50
N2 NAG L . 22.82 -18.90 18.65
O3 NAG L . 23.70 -21.57 19.18
O4 NAG L . 23.73 -23.36 16.96
O5 NAG L . 21.25 -20.88 15.92
O6 NAG L . 20.45 -23.56 15.70
O7 NAG L . 22.40 -19.63 20.73
C1 NAG M . 39.67 -27.98 5.22
C2 NAG M . 40.85 -28.94 5.47
C3 NAG M . 40.79 -29.52 6.89
C4 NAG M . 40.69 -28.41 7.92
C5 NAG M . 39.48 -27.53 7.60
C6 NAG M . 39.35 -26.35 8.53
C7 NAG M . 39.97 -30.95 4.30
C8 NAG M . 40.24 -31.94 3.20
N2 NAG M . 40.90 -30.00 4.48
O3 NAG M . 41.95 -30.31 7.13
O4 NAG M . 40.54 -28.95 9.23
O5 NAG M . 39.62 -26.99 6.27
O6 NAG M . 40.04 -25.22 8.02
O7 NAG M . 38.95 -31.01 4.99
OH SRO N . 35.50 -4.55 1.95
CZ3 SRO N . 36.36 -4.14 2.92
CH2 SRO N . 36.80 -5.11 3.84
CZ2 SRO N . 37.68 -4.77 4.85
CE2 SRO N . 38.10 -3.45 4.92
NE1 SRO N . 38.95 -2.84 5.81
CD1 SRO N . 39.06 -1.52 5.48
CG SRO N . 38.30 -1.24 4.39
CD2 SRO N . 37.66 -2.48 4.01
CE3 SRO N . 36.77 -2.84 2.99
CB SRO N . 38.12 0.09 3.72
CA SRO N . 38.30 0.08 2.22
NZ SRO N . 38.07 1.41 1.64
C1 NAG O . 50.12 25.48 -34.02
C2 NAG O . 49.39 26.09 -35.25
C3 NAG O . 50.40 26.65 -36.25
C4 NAG O . 51.40 27.58 -35.56
C5 NAG O . 52.08 26.84 -34.42
C6 NAG O . 53.07 27.68 -33.67
C7 NAG O . 47.64 25.34 -36.81
C8 NAG O . 46.92 24.16 -37.38
N2 NAG O . 48.57 25.07 -35.90
O3 NAG O . 49.72 27.37 -37.27
O4 NAG O . 52.39 28.00 -36.50
O5 NAG O . 51.06 26.44 -33.49
O6 NAG O . 52.43 28.50 -32.70
O7 NAG O . 47.38 26.49 -37.16
C1 NAG P . 27.11 16.90 10.70
C2 NAG P . 27.58 18.17 11.43
C3 NAG P . 29.10 18.18 11.56
C4 NAG P . 29.59 16.90 12.21
C5 NAG P . 29.09 15.70 11.42
C6 NAG P . 29.46 14.38 12.06
C7 NAG P . 26.89 20.52 11.41
C8 NAG P . 26.41 21.66 10.55
N2 NAG P . 27.12 19.37 10.76
O3 NAG P . 29.50 19.30 12.33
O4 NAG P . 31.02 16.88 12.24
O5 NAG P . 27.65 15.73 11.34
O6 NAG P . 28.94 14.29 13.38
O7 NAG P . 27.06 20.64 12.61
C1 NAG Q . 47.09 12.96 0.42
C2 NAG Q . 48.56 13.39 0.57
C3 NAG Q . 48.74 14.33 1.76
C4 NAG Q . 47.78 15.50 1.66
C5 NAG Q . 46.35 14.99 1.55
C6 NAG Q . 45.34 16.10 1.36
C7 NAG Q . 49.44 11.34 1.67
C8 NAG Q . 50.43 10.24 1.56
N2 NAG Q . 49.44 12.24 0.67
O3 NAG Q . 50.09 14.79 1.80
O4 NAG Q . 47.89 16.33 2.81
O5 NAG Q . 46.24 14.15 0.40
O6 NAG Q . 45.12 16.37 -0.02
O7 NAG Q . 48.66 11.43 2.62
OH SRO R . 28.48 16.28 -14.42
CZ3 SRO R . 28.70 17.61 -14.59
CH2 SRO R . 29.58 18.25 -13.69
CZ2 SRO R . 29.85 19.59 -13.80
CE2 SRO R . 29.24 20.29 -14.84
NE1 SRO R . 29.34 21.62 -15.18
CD1 SRO R . 28.55 21.84 -16.28
CG SRO R . 27.93 20.69 -16.67
CD2 SRO R . 28.37 19.67 -15.74
CE3 SRO R . 28.11 18.30 -15.60
CB SRO R . 26.99 20.52 -17.81
CA SRO R . 27.31 19.34 -18.73
NZ SRO R . 26.30 19.22 -19.79
C1 NAG S . 22.91 3.59 -61.50
C2 NAG S . 22.13 2.45 -62.18
C3 NAG S . 22.58 2.28 -63.64
C4 NAG S . 22.60 3.61 -64.39
C5 NAG S . 23.45 4.61 -63.62
C6 NAG S . 23.51 5.97 -64.26
C7 NAG S . 21.55 0.11 -61.67
C8 NAG S . 21.90 -1.09 -60.84
N2 NAG S . 22.30 1.20 -61.47
O3 NAG S . 21.73 1.37 -64.32
O4 NAG S . 23.13 3.44 -65.69
O5 NAG S . 22.88 4.78 -62.31
O6 NAG S . 22.37 6.76 -63.91
O7 NAG S . 20.62 0.10 -62.48
C1 NAG T . 6.79 26.91 -19.09
C2 NAG T . 6.17 28.16 -19.74
C3 NAG T . 7.24 28.96 -20.47
C4 NAG T . 8.40 29.29 -19.53
C5 NAG T . 8.95 28.00 -18.93
C6 NAG T . 10.04 28.25 -17.91
C7 NAG T . 4.08 28.62 -20.93
C8 NAG T . 3.06 28.10 -21.89
N2 NAG T . 5.11 27.81 -20.65
O3 NAG T . 6.68 30.17 -20.97
O4 NAG T . 9.44 29.96 -20.24
O5 NAG T . 7.90 27.30 -18.25
O6 NAG T . 9.57 29.06 -16.85
O7 NAG T . 3.98 29.73 -20.42
C1 NAG U . 25.12 26.25 -32.62
C2 NAG U . 25.88 27.18 -33.58
C3 NAG U . 25.23 28.57 -33.63
C4 NAG U . 23.75 28.45 -33.94
C5 NAG U . 23.08 27.52 -32.93
C6 NAG U . 21.62 27.29 -33.23
C7 NAG U . 27.77 27.80 -32.10
C8 NAG U . 29.27 27.80 -31.97
N2 NAG U . 27.29 27.29 -33.24
O3 NAG U . 25.88 29.38 -34.61
O4 NAG U . 23.12 29.73 -33.90
O5 NAG U . 23.71 26.24 -32.97
O6 NAG U . 21.45 26.15 -34.06
O7 NAG U . 27.05 28.26 -31.22
OH SRO V . 11.20 6.68 -33.38
CZ3 SRO V . 10.48 7.09 -34.46
CH2 SRO V . 10.57 8.45 -34.82
CZ2 SRO V . 9.87 8.94 -35.89
CE2 SRO V . 9.08 8.06 -36.61
NE1 SRO V . 8.28 8.26 -37.71
CD1 SRO V . 7.68 7.09 -38.05
CG SRO V . 8.08 6.09 -37.21
CD2 SRO V . 8.98 6.70 -36.26
CE3 SRO V . 9.69 6.22 -35.15
CB SRO V . 7.64 4.65 -37.24
CA SRO V . 8.78 3.65 -37.16
NZ SRO V . 8.27 2.27 -37.15
C1 NAG W . 21.47 -38.86 -48.45
C2 NAG W . 21.76 -40.18 -47.68
C3 NAG W . 22.37 -41.22 -48.63
C4 NAG W . 21.57 -41.38 -49.91
C5 NAG W . 21.41 -40.01 -50.56
C6 NAG W . 20.61 -40.05 -51.84
C7 NAG W . 22.87 -40.81 -45.57
C8 NAG W . 23.85 -40.38 -44.52
N2 NAG W . 22.65 -39.93 -46.56
O3 NAG W . 22.47 -42.48 -47.96
O4 NAG W . 22.24 -42.26 -50.80
O5 NAG W . 20.73 -39.15 -49.66
O6 NAG W . 19.21 -40.02 -51.57
O7 NAG W . 22.32 -41.91 -45.54
C1 NAG X . -11.15 -3.45 -31.60
C2 NAG X . -12.38 -3.84 -32.45
C3 NAG X . -12.06 -3.68 -33.94
C4 NAG X . -11.56 -2.27 -34.22
C5 NAG X . -10.35 -1.97 -33.34
C6 NAG X . -9.86 -0.55 -33.50
C7 NAG X . -14.05 -5.62 -32.32
C8 NAG X . -14.32 -7.05 -31.98
N2 NAG X . -12.79 -5.21 -32.18
O3 NAG X . -13.23 -3.94 -34.71
O4 NAG X . -11.18 -2.16 -35.60
O5 NAG X . -10.72 -2.12 -31.96
O6 NAG X . -10.88 0.39 -33.20
O7 NAG X . -14.95 -4.88 -32.70
C1 NAG Y . 4.15 -6.42 -48.23
C2 NAG Y . 4.19 -6.55 -49.76
C3 NAG Y . 2.77 -6.41 -50.34
C4 NAG Y . 1.82 -7.39 -49.68
C5 NAG Y . 1.84 -7.18 -48.17
C6 NAG Y . 0.99 -8.16 -47.42
C7 NAG Y . 4.95 -4.25 -50.32
C8 NAG Y . 6.02 -3.46 -51.01
N2 NAG Y . 5.09 -5.59 -50.37
O3 NAG Y . 2.82 -6.65 -51.75
O4 NAG Y . 0.50 -7.20 -50.15
O5 NAG Y . 3.19 -7.35 -47.68
O6 NAG Y . 1.74 -9.32 -47.05
O7 NAG Y . 4.01 -3.70 -49.75
#